data_2H2J
#
_entry.id   2H2J
#
_cell.length_a   132.370
_cell.length_b   156.500
_cell.length_c   267.590
_cell.angle_alpha   90.00
_cell.angle_beta   90.00
_cell.angle_gamma   90.00
#
_symmetry.space_group_name_H-M   'I 2 2 2'
#
loop_
_entity.id
_entity.type
_entity.pdbx_description
1 polymer 'Ribulose-1,5 bisphosphate carboxylase/oxygenase large subunit N-methyltransferase'
2 non-polymer SINEFUNGIN
3 non-polymer N-METHYL-LYSINE
4 water water
#
_entity_poly.entity_id   1
_entity_poly.type   'polypeptide(L)'
_entity_poly.pdbx_seq_one_letter_code
;SLSPAVQTFWKWLQEEGVITAKTPVKASVVTEGLGLVALKDISRNDVILQVPKRLWINPDAVAASEIGRVCSELKPWLSV
ILFLIRERSREDSVWKHYFGILPQETDSTIYWSEEELQELQGSQLLKTTVSVKEYVKNECLKLEQEIILPNKRLFPDPVT
LDDFFWAFGILRSRAFSRLRNENLVVVPMADLINHSAGVTTEDHAYEVKGAAGLFSWDYLFSLKSPLSVKAGEQVYIQYD
LNKSNAELALDYGFIEPNENRHAYTLTLEISESDPFFDDKLDVAESNGFAQTAYFDIFYNRTLPPGLLPYLRLVALGGTD
AFLLESLFRDTIWGHLELSVSRDNEELLCKAVREACKSALAGYHTTIEQDRELKEGNLDSRLAIAVGIREGEKMVLQQID
GIFEQKELELDQLEYYQERRLKDLGLCGENGDILENLYFQ
;
_entity_poly.pdbx_strand_id   A,B,C
#
loop_
_chem_comp.id
_chem_comp.type
_chem_comp.name
_chem_comp.formula
SFG non-polymer SINEFUNGIN 'C15 H23 N7 O5'
#
# COMPACT_ATOMS: atom_id res chain seq x y z
N LEU A 2 38.95 65.90 9.35
CA LEU A 2 38.27 64.60 9.12
C LEU A 2 38.77 63.95 7.83
N SER A 3 38.43 64.54 6.71
CA SER A 3 38.85 64.05 5.40
C SER A 3 38.67 65.10 4.31
N PRO A 4 39.68 65.27 3.45
CA PRO A 4 39.59 66.25 2.37
C PRO A 4 38.33 66.03 1.53
N ALA A 5 38.16 64.82 1.01
CA ALA A 5 36.99 64.50 0.20
C ALA A 5 35.69 64.64 0.97
N VAL A 6 35.71 64.30 2.25
CA VAL A 6 34.51 64.40 3.08
C VAL A 6 34.22 65.86 3.43
N GLN A 7 35.20 66.54 4.02
CA GLN A 7 35.03 67.94 4.39
C GLN A 7 34.54 68.72 3.18
N THR A 8 35.04 68.34 2.01
CA THR A 8 34.63 69.01 0.77
C THR A 8 33.16 68.68 0.49
N PHE A 9 32.76 67.44 0.80
CA PHE A 9 31.39 67.00 0.59
C PHE A 9 30.44 67.74 1.53
N TRP A 10 30.92 68.01 2.74
CA TRP A 10 30.09 68.69 3.74
C TRP A 10 29.88 70.15 3.33
N LYS A 11 30.88 70.73 2.68
CA LYS A 11 30.78 72.12 2.20
C LYS A 11 29.71 72.17 1.12
N TRP A 12 29.75 71.21 0.20
CA TRP A 12 28.79 71.13 -0.88
C TRP A 12 27.34 71.16 -0.41
N LEU A 13 26.99 70.33 0.58
CA LEU A 13 25.63 70.29 1.09
C LEU A 13 25.21 71.63 1.68
N GLN A 14 26.18 72.37 2.20
CA GLN A 14 25.92 73.68 2.79
C GLN A 14 25.55 74.66 1.68
N GLU A 15 26.38 74.69 0.64
CA GLU A 15 26.18 75.56 -0.51
C GLU A 15 25.05 74.98 -1.36
N GLU A 16 23.97 74.54 -0.69
CA GLU A 16 22.81 73.97 -1.37
C GLU A 16 21.57 74.18 -0.51
N GLY A 17 21.78 74.71 0.70
CA GLY A 17 20.67 74.95 1.60
C GLY A 17 20.27 73.71 2.38
N VAL A 18 20.89 72.57 2.05
CA VAL A 18 20.60 71.30 2.72
C VAL A 18 20.90 71.39 4.21
N ILE A 19 22.18 71.53 4.54
CA ILE A 19 22.61 71.63 5.93
C ILE A 19 22.66 73.08 6.40
N THR A 20 21.64 73.50 7.14
CA THR A 20 21.57 74.87 7.64
C THR A 20 22.04 74.96 9.08
N ALA A 21 21.10 75.12 10.00
CA ALA A 21 21.42 75.23 11.41
C ALA A 21 20.55 74.32 12.25
N LYS A 22 19.43 73.87 11.69
CA LYS A 22 18.53 72.97 12.41
C LYS A 22 18.92 71.53 12.11
N THR A 23 20.15 71.37 11.62
CA THR A 23 20.72 70.06 11.28
C THR A 23 21.67 69.64 12.40
N PRO A 24 21.14 68.91 13.40
CA PRO A 24 21.90 68.43 14.55
C PRO A 24 22.72 67.20 14.27
N VAL A 25 23.56 67.25 13.25
CA VAL A 25 24.37 66.10 12.92
C VAL A 25 25.48 66.37 11.91
N LYS A 26 26.63 65.75 12.13
CA LYS A 26 27.78 65.88 11.26
C LYS A 26 28.25 64.48 10.88
N ALA A 27 29.21 64.39 9.98
CA ALA A 27 29.74 63.10 9.55
C ALA A 27 30.99 62.77 10.33
N SER A 28 31.29 61.47 10.45
CA SER A 28 32.48 61.02 11.16
C SER A 28 32.86 59.60 10.80
N VAL A 29 34.08 59.22 11.15
CA VAL A 29 34.60 57.88 10.87
C VAL A 29 34.16 56.91 11.98
N VAL A 30 33.23 56.02 11.64
CA VAL A 30 32.70 55.04 12.58
C VAL A 30 33.01 53.60 12.11
N THR A 31 33.00 52.66 13.05
CA THR A 31 33.32 51.28 12.73
C THR A 31 32.60 50.77 11.47
N GLU A 32 31.39 51.27 11.23
CA GLU A 32 30.64 50.86 10.05
C GLU A 32 30.82 51.74 8.79
N GLY A 33 31.97 52.40 8.68
CA GLY A 33 32.25 53.24 7.52
C GLY A 33 32.24 54.73 7.83
N LEU A 34 31.20 55.40 7.39
CA LEU A 34 31.01 56.83 7.65
C LEU A 34 29.59 56.87 8.20
N GLY A 35 29.32 57.81 9.11
CA GLY A 35 27.98 57.85 9.64
C GLY A 35 27.61 59.23 10.07
N LEU A 36 26.42 59.36 10.62
CA LEU A 36 25.96 60.65 11.07
C LEU A 36 26.00 60.70 12.61
N VAL A 37 26.81 61.62 13.13
CA VAL A 37 26.96 61.79 14.57
C VAL A 37 26.33 63.10 15.04
N ALA A 38 25.36 63.00 15.95
CA ALA A 38 24.66 64.15 16.49
C ALA A 38 25.58 65.21 17.09
N LEU A 39 25.39 66.46 16.66
CA LEU A 39 26.18 67.58 17.16
C LEU A 39 25.57 68.11 18.43
N LYS A 40 24.32 67.74 18.64
CA LYS A 40 23.58 68.14 19.83
C LYS A 40 22.58 67.01 20.05
N ASP A 41 22.05 66.91 21.26
CA ASP A 41 21.08 65.86 21.53
C ASP A 41 19.98 65.88 20.46
N ILE A 42 19.36 64.72 20.23
CA ILE A 42 18.32 64.59 19.23
C ILE A 42 17.21 63.72 19.81
N SER A 43 15.96 64.15 19.66
CA SER A 43 14.86 63.37 20.22
C SER A 43 14.14 62.50 19.20
N ARG A 44 13.30 61.61 19.69
CA ARG A 44 12.55 60.71 18.83
C ARG A 44 11.79 61.48 17.75
N ASN A 45 11.85 60.98 16.52
CA ASN A 45 11.19 61.59 15.36
C ASN A 45 11.69 63.00 15.03
N ASP A 46 12.69 63.44 15.78
CA ASP A 46 13.32 64.75 15.59
C ASP A 46 13.89 64.77 14.17
N VAL A 47 13.45 65.69 13.31
CA VAL A 47 13.98 65.74 11.95
C VAL A 47 15.50 65.92 11.96
N ILE A 48 16.20 65.16 11.11
CA ILE A 48 17.66 65.21 11.06
C ILE A 48 18.20 65.90 9.82
N LEU A 49 17.65 65.52 8.67
CA LEU A 49 18.07 66.06 7.39
C LEU A 49 16.88 66.09 6.42
N GLN A 50 17.00 66.91 5.38
CA GLN A 50 15.98 67.02 4.35
C GLN A 50 16.64 67.51 3.07
N VAL A 51 16.95 66.57 2.18
CA VAL A 51 17.59 66.91 0.92
C VAL A 51 16.48 67.21 -0.08
N PRO A 52 16.66 68.25 -0.94
CA PRO A 52 15.67 68.64 -1.95
C PRO A 52 15.73 67.67 -3.13
N LYS A 53 14.55 67.31 -3.66
CA LYS A 53 14.46 66.38 -4.78
C LYS A 53 15.38 66.73 -5.94
N ARG A 54 15.83 67.97 -5.94
CA ARG A 54 16.74 68.49 -6.96
C ARG A 54 18.00 67.62 -6.97
N LEU A 55 18.23 66.92 -5.85
CA LEU A 55 19.41 66.07 -5.68
C LEU A 55 19.24 64.55 -5.65
N TRP A 56 18.10 64.02 -6.10
CA TRP A 56 17.91 62.55 -6.11
C TRP A 56 18.71 61.94 -7.25
N ILE A 57 18.58 60.63 -7.39
CA ILE A 57 19.23 59.88 -8.46
C ILE A 57 18.33 58.66 -8.66
N ASN A 58 17.11 58.93 -9.10
CA ASN A 58 16.10 57.90 -9.35
C ASN A 58 15.68 57.98 -10.82
N PRO A 59 14.88 57.00 -11.29
CA PRO A 59 14.44 57.01 -12.69
C PRO A 59 14.04 58.40 -13.23
N ASP A 60 13.25 59.15 -12.47
CA ASP A 60 12.83 60.48 -12.91
C ASP A 60 13.99 61.43 -13.18
N ALA A 61 15.04 61.33 -12.37
CA ALA A 61 16.20 62.19 -12.56
C ALA A 61 17.03 61.76 -13.78
N VAL A 62 16.99 60.47 -14.11
CA VAL A 62 17.74 59.96 -15.26
C VAL A 62 16.96 60.25 -16.54
N ALA A 63 15.64 60.20 -16.44
CA ALA A 63 14.77 60.45 -17.59
C ALA A 63 14.83 61.92 -17.99
N ALA A 64 15.35 62.76 -17.10
CA ALA A 64 15.45 64.20 -17.34
C ALA A 64 16.87 64.67 -17.65
N SER A 65 17.79 63.72 -17.82
CA SER A 65 19.17 64.05 -18.14
C SER A 65 19.42 63.78 -19.62
N GLU A 66 20.62 64.08 -20.09
CA GLU A 66 20.98 63.88 -21.49
C GLU A 66 20.74 62.44 -21.97
N ILE A 67 20.91 61.47 -21.09
CA ILE A 67 20.70 60.08 -21.48
C ILE A 67 19.27 59.61 -21.22
N GLY A 68 18.44 60.53 -20.76
CA GLY A 68 17.04 60.22 -20.48
C GLY A 68 16.29 59.65 -21.67
N ARG A 69 16.76 59.95 -22.88
CA ARG A 69 16.13 59.50 -24.12
C ARG A 69 16.50 58.04 -24.42
N VAL A 70 17.81 57.75 -24.37
CA VAL A 70 18.32 56.41 -24.66
C VAL A 70 17.88 55.36 -23.66
N CYS A 71 17.63 55.78 -22.43
CA CYS A 71 17.20 54.86 -21.38
C CYS A 71 15.68 54.89 -21.27
N SER A 72 15.04 55.44 -22.30
CA SER A 72 13.60 55.57 -22.34
C SER A 72 12.80 54.29 -22.09
N GLU A 73 13.35 53.14 -22.49
CA GLU A 73 12.62 51.89 -22.30
C GLU A 73 13.37 50.83 -21.51
N LEU A 74 14.33 51.28 -20.71
CA LEU A 74 15.13 50.40 -19.88
C LEU A 74 14.48 50.19 -18.52
N LYS A 75 14.73 49.04 -17.90
CA LYS A 75 14.19 48.77 -16.58
C LYS A 75 14.75 49.82 -15.62
N PRO A 76 13.92 50.30 -14.68
CA PRO A 76 14.33 51.32 -13.70
C PRO A 76 15.75 51.21 -13.16
N TRP A 77 16.13 50.04 -12.66
CA TRP A 77 17.48 49.92 -12.11
C TRP A 77 18.60 50.00 -13.14
N LEU A 78 18.38 49.39 -14.30
CA LEU A 78 19.39 49.42 -15.35
C LEU A 78 19.65 50.86 -15.76
N SER A 79 18.59 51.67 -15.68
CA SER A 79 18.67 53.08 -16.06
C SER A 79 19.55 53.86 -15.07
N VAL A 80 19.32 53.61 -13.78
CA VAL A 80 20.09 54.29 -12.74
C VAL A 80 21.55 53.82 -12.71
N ILE A 81 21.77 52.55 -13.07
CA ILE A 81 23.13 52.03 -13.09
C ILE A 81 23.97 52.87 -14.04
N LEU A 82 23.44 53.09 -15.24
CA LEU A 82 24.13 53.88 -16.24
C LEU A 82 24.30 55.32 -15.78
N PHE A 83 23.19 55.93 -15.37
CA PHE A 83 23.21 57.32 -14.89
C PHE A 83 24.37 57.52 -13.89
N LEU A 84 24.45 56.61 -12.91
CA LEU A 84 25.48 56.62 -11.85
C LEU A 84 26.89 56.50 -12.40
N ILE A 85 27.09 55.57 -13.34
CA ILE A 85 28.39 55.38 -13.93
C ILE A 85 28.77 56.63 -14.71
N ARG A 86 27.79 57.18 -15.42
CA ARG A 86 28.01 58.37 -16.23
C ARG A 86 28.42 59.57 -15.38
N GLU A 87 27.56 59.96 -14.45
CA GLU A 87 27.84 61.11 -13.58
C GLU A 87 29.15 60.99 -12.81
N ARG A 88 29.56 59.74 -12.55
CA ARG A 88 30.79 59.42 -11.83
C ARG A 88 32.04 59.86 -12.61
N SER A 89 31.89 59.97 -13.93
CA SER A 89 33.00 60.38 -14.81
C SER A 89 33.04 61.89 -15.05
N ARG A 90 31.86 62.50 -15.16
CA ARG A 90 31.70 63.94 -15.40
C ARG A 90 32.32 64.81 -14.30
N GLU A 91 33.36 65.58 -14.64
CA GLU A 91 34.00 66.45 -13.66
C GLU A 91 33.15 67.70 -13.38
N ASP A 92 32.03 67.81 -14.09
CA ASP A 92 31.13 68.94 -13.91
C ASP A 92 29.78 68.46 -13.38
N SER A 93 29.78 67.23 -12.84
CA SER A 93 28.57 66.62 -12.30
C SER A 93 28.08 67.35 -11.06
N VAL A 94 26.77 67.25 -10.81
CA VAL A 94 26.16 67.89 -9.66
C VAL A 94 26.46 67.11 -8.38
N TRP A 95 27.06 65.93 -8.54
CA TRP A 95 27.40 65.06 -7.41
C TRP A 95 28.90 64.78 -7.35
N LYS A 96 29.68 65.66 -7.96
CA LYS A 96 31.14 65.53 -8.00
C LYS A 96 31.73 65.20 -6.64
N HIS A 97 31.25 65.90 -5.62
CA HIS A 97 31.73 65.70 -4.25
C HIS A 97 31.16 64.43 -3.61
N TYR A 98 29.91 64.14 -3.93
CA TYR A 98 29.21 62.96 -3.43
C TYR A 98 29.95 61.68 -3.80
N PHE A 99 30.30 61.56 -5.08
CA PHE A 99 31.01 60.38 -5.56
C PHE A 99 32.40 60.25 -4.92
N GLY A 100 33.03 61.37 -4.60
CA GLY A 100 34.34 61.33 -3.99
C GLY A 100 34.27 60.76 -2.58
N ILE A 101 33.05 60.47 -2.13
CA ILE A 101 32.81 59.92 -0.81
C ILE A 101 32.41 58.45 -0.89
N LEU A 102 31.65 58.09 -1.92
CA LEU A 102 31.20 56.72 -2.10
C LEU A 102 32.30 55.68 -2.02
N PRO A 103 32.08 54.62 -1.24
CA PRO A 103 33.04 53.51 -1.05
C PRO A 103 33.10 52.74 -2.36
N GLN A 104 34.31 52.38 -2.77
CA GLN A 104 34.44 51.64 -4.00
C GLN A 104 33.80 50.28 -3.88
N GLU A 105 33.86 49.70 -2.69
CA GLU A 105 33.32 48.38 -2.42
C GLU A 105 32.61 48.27 -1.05
N THR A 106 31.90 47.16 -0.84
CA THR A 106 31.23 46.88 0.43
C THR A 106 31.57 45.41 0.70
N ASP A 107 31.02 44.83 1.75
CA ASP A 107 31.31 43.45 2.02
C ASP A 107 30.28 42.52 1.44
N SER A 108 29.42 43.06 0.59
CA SER A 108 28.40 42.27 -0.07
C SER A 108 29.13 41.11 -0.71
N THR A 109 28.48 39.96 -0.77
CA THR A 109 29.12 38.79 -1.36
C THR A 109 29.41 39.00 -2.84
N ILE A 110 28.77 40.00 -3.43
CA ILE A 110 28.99 40.26 -4.85
C ILE A 110 30.39 40.78 -5.12
N TYR A 111 31.20 40.97 -4.09
CA TYR A 111 32.55 41.48 -4.32
C TYR A 111 33.60 40.50 -3.82
N TRP A 112 33.16 39.46 -3.12
CA TRP A 112 34.07 38.47 -2.55
C TRP A 112 34.95 37.77 -3.56
N SER A 113 36.17 37.42 -3.13
CA SER A 113 37.11 36.72 -3.98
C SER A 113 36.70 35.25 -3.99
N GLU A 114 37.35 34.44 -4.82
CA GLU A 114 37.00 33.05 -4.89
C GLU A 114 37.36 32.33 -3.61
N GLU A 115 38.43 32.77 -2.93
CA GLU A 115 38.81 32.13 -1.67
C GLU A 115 37.76 32.52 -0.63
N GLU A 116 37.45 33.81 -0.57
CA GLU A 116 36.46 34.31 0.37
C GLU A 116 35.15 33.53 0.19
N LEU A 117 34.75 33.31 -1.06
CA LEU A 117 33.53 32.58 -1.36
C LEU A 117 33.58 31.12 -0.92
N GLN A 118 34.77 30.55 -0.84
CA GLN A 118 34.91 29.15 -0.44
C GLN A 118 34.46 28.94 0.99
N GLU A 119 34.45 30.00 1.77
CA GLU A 119 34.05 29.92 3.16
C GLU A 119 32.53 29.74 3.29
N LEU A 120 31.83 29.96 2.19
CA LEU A 120 30.38 29.81 2.13
C LEU A 120 30.00 28.53 1.41
N GLN A 121 30.99 27.66 1.19
CA GLN A 121 30.78 26.39 0.51
C GLN A 121 29.57 25.61 1.01
N GLY A 122 28.70 25.20 0.09
CA GLY A 122 27.53 24.42 0.46
C GLY A 122 26.37 25.22 1.00
N SER A 123 26.57 26.52 1.15
CA SER A 123 25.55 27.41 1.69
C SER A 123 24.55 27.89 0.65
N GLN A 124 23.32 28.12 1.08
CA GLN A 124 22.32 28.63 0.17
C GLN A 124 22.74 30.04 -0.29
N LEU A 125 23.41 30.79 0.59
CA LEU A 125 23.83 32.15 0.25
C LEU A 125 24.79 32.17 -0.94
N LEU A 126 25.70 31.19 -1.01
CA LEU A 126 26.64 31.14 -2.14
C LEU A 126 25.81 31.04 -3.43
N LYS A 127 24.92 30.05 -3.46
CA LYS A 127 24.04 29.87 -4.62
C LYS A 127 23.37 31.21 -4.98
N THR A 128 22.62 31.80 -4.04
CA THR A 128 21.97 33.07 -4.33
C THR A 128 22.92 34.15 -4.87
N THR A 129 24.10 34.28 -4.27
CA THR A 129 25.01 35.31 -4.75
C THR A 129 25.43 35.04 -6.20
N VAL A 130 25.86 33.81 -6.50
CA VAL A 130 26.28 33.50 -7.87
C VAL A 130 25.18 33.89 -8.87
N SER A 131 23.97 33.32 -8.68
CA SER A 131 22.85 33.62 -9.57
C SER A 131 22.76 35.12 -9.83
N VAL A 132 22.70 35.90 -8.76
CA VAL A 132 22.58 37.35 -8.90
C VAL A 132 23.76 37.94 -9.67
N LYS A 133 24.98 37.50 -9.38
CA LYS A 133 26.14 38.03 -10.09
C LYS A 133 25.99 37.78 -11.58
N GLU A 134 25.67 36.54 -11.95
CA GLU A 134 25.51 36.20 -13.36
C GLU A 134 24.47 37.09 -14.04
N TYR A 135 23.27 37.09 -13.50
CA TYR A 135 22.19 37.90 -14.04
C TYR A 135 22.71 39.30 -14.32
N VAL A 136 23.05 40.03 -13.26
CA VAL A 136 23.54 41.40 -13.43
C VAL A 136 24.57 41.49 -14.58
N LYS A 137 25.45 40.49 -14.69
CA LYS A 137 26.45 40.49 -15.76
C LYS A 137 25.79 40.59 -17.14
N ASN A 138 24.94 39.62 -17.46
CA ASN A 138 24.26 39.62 -18.76
C ASN A 138 23.55 40.95 -18.98
N GLU A 139 22.54 41.21 -18.15
CA GLU A 139 21.78 42.46 -18.24
C GLU A 139 22.67 43.67 -18.46
N CYS A 140 23.87 43.65 -17.87
CA CYS A 140 24.81 44.77 -18.00
C CYS A 140 25.62 44.76 -19.29
N LEU A 141 25.91 43.57 -19.82
CA LEU A 141 26.67 43.47 -21.07
C LEU A 141 25.77 43.84 -22.24
N LYS A 142 24.48 43.49 -22.13
CA LYS A 142 23.53 43.81 -23.18
C LYS A 142 23.34 45.32 -23.22
N LEU A 143 23.55 45.98 -22.08
CA LEU A 143 23.44 47.43 -21.99
C LEU A 143 24.59 48.11 -22.76
N GLU A 144 25.79 47.57 -22.60
CA GLU A 144 26.95 48.11 -23.29
C GLU A 144 26.73 48.13 -24.79
N GLN A 145 26.33 46.98 -25.33
CA GLN A 145 26.11 46.83 -26.76
C GLN A 145 24.84 47.45 -27.31
N GLU A 146 23.94 47.89 -26.42
CA GLU A 146 22.70 48.49 -26.88
C GLU A 146 22.53 49.97 -26.52
N ILE A 147 23.26 50.44 -25.51
CA ILE A 147 23.16 51.86 -25.11
C ILE A 147 24.48 52.59 -24.94
N ILE A 148 25.50 51.90 -24.44
CA ILE A 148 26.79 52.55 -24.22
C ILE A 148 27.66 52.70 -25.47
N LEU A 149 27.88 51.60 -26.19
CA LEU A 149 28.69 51.64 -27.41
C LEU A 149 28.04 52.47 -28.51
N PRO A 150 26.72 52.29 -28.75
CA PRO A 150 26.04 53.07 -29.77
C PRO A 150 26.28 54.56 -29.55
N ASN A 151 25.74 55.08 -28.45
CA ASN A 151 25.89 56.50 -28.13
C ASN A 151 27.27 56.82 -27.57
N LYS A 152 28.31 56.53 -28.36
CA LYS A 152 29.67 56.80 -27.92
C LYS A 152 29.88 58.30 -27.65
N ARG A 153 28.82 59.08 -27.76
CA ARG A 153 28.87 60.53 -27.51
C ARG A 153 28.55 60.88 -26.06
N LEU A 154 27.61 60.14 -25.47
CA LEU A 154 27.19 60.35 -24.08
C LEU A 154 28.09 59.57 -23.12
N PHE A 155 28.73 58.51 -23.62
CA PHE A 155 29.62 57.69 -22.82
C PHE A 155 30.99 57.61 -23.49
N PRO A 156 31.81 58.66 -23.30
CA PRO A 156 33.16 58.77 -23.87
C PRO A 156 34.11 57.66 -23.43
N ASP A 157 34.12 57.38 -22.14
CA ASP A 157 35.00 56.36 -21.56
C ASP A 157 34.37 54.97 -21.62
N PRO A 158 35.21 53.91 -21.56
CA PRO A 158 34.73 52.53 -21.60
C PRO A 158 33.96 52.19 -20.32
N VAL A 159 33.31 51.03 -20.30
CA VAL A 159 32.54 50.61 -19.13
C VAL A 159 32.78 49.15 -18.79
N THR A 160 33.50 48.90 -17.69
CA THR A 160 33.80 47.54 -17.26
C THR A 160 32.75 46.97 -16.30
N LEU A 161 32.80 45.64 -16.11
CA LEU A 161 31.88 44.99 -15.19
C LEU A 161 32.07 45.56 -13.80
N ASP A 162 33.32 45.75 -13.42
CA ASP A 162 33.64 46.32 -12.12
C ASP A 162 32.74 47.55 -11.90
N ASP A 163 32.73 48.46 -12.87
CA ASP A 163 31.93 49.67 -12.75
C ASP A 163 30.44 49.33 -12.62
N PHE A 164 30.02 48.29 -13.35
CA PHE A 164 28.64 47.83 -13.32
C PHE A 164 28.25 47.31 -11.94
N PHE A 165 29.06 46.39 -11.42
CA PHE A 165 28.80 45.83 -10.10
C PHE A 165 28.90 46.97 -9.07
N TRP A 166 29.81 47.91 -9.32
CA TRP A 166 29.97 49.06 -8.45
C TRP A 166 28.61 49.74 -8.26
N ALA A 167 28.02 50.16 -9.38
CA ALA A 167 26.72 50.83 -9.37
C ALA A 167 25.58 49.95 -8.84
N PHE A 168 25.63 48.65 -9.14
CA PHE A 168 24.59 47.73 -8.67
C PHE A 168 24.65 47.69 -7.14
N GLY A 169 25.87 47.52 -6.63
CA GLY A 169 26.08 47.47 -5.21
C GLY A 169 25.58 48.76 -4.60
N ILE A 170 26.09 49.88 -5.11
CA ILE A 170 25.69 51.19 -4.62
C ILE A 170 24.17 51.29 -4.50
N LEU A 171 23.50 50.82 -5.53
CA LEU A 171 22.05 50.86 -5.61
C LEU A 171 21.37 50.01 -4.56
N ARG A 172 21.82 48.76 -4.46
CA ARG A 172 21.24 47.79 -3.51
C ARG A 172 21.62 47.94 -2.03
N SER A 173 22.62 48.75 -1.72
CA SER A 173 22.99 48.92 -0.32
C SER A 173 22.74 50.33 0.16
N ARG A 174 22.33 51.21 -0.76
CA ARG A 174 22.09 52.61 -0.42
C ARG A 174 20.69 53.17 -0.65
N ALA A 175 20.09 52.84 -1.78
CA ALA A 175 18.76 53.34 -2.13
C ALA A 175 17.69 53.00 -1.09
N PHE A 176 16.59 53.74 -1.13
CA PHE A 176 15.48 53.52 -0.21
C PHE A 176 14.30 52.91 -0.96
N SER A 177 13.87 51.76 -0.50
CA SER A 177 12.75 51.04 -1.13
C SER A 177 11.40 51.70 -0.85
N ARG A 178 10.83 51.35 0.30
CA ARG A 178 9.53 51.88 0.70
C ARG A 178 9.45 53.40 0.68
N LEU A 179 8.49 53.91 -0.09
CA LEU A 179 8.24 55.34 -0.22
C LEU A 179 6.75 55.63 -0.17
N ASN A 183 10.73 54.68 -6.89
CA ASN A 183 10.73 53.66 -5.85
C ASN A 183 12.15 53.30 -5.41
N LEU A 184 13.11 53.41 -6.32
CA LEU A 184 14.51 53.14 -5.99
C LEU A 184 15.27 54.46 -5.96
N VAL A 185 14.95 55.28 -4.96
CA VAL A 185 15.55 56.59 -4.79
C VAL A 185 16.84 56.58 -3.97
N VAL A 186 17.73 57.54 -4.26
CA VAL A 186 18.99 57.67 -3.56
C VAL A 186 19.14 59.10 -3.04
N VAL A 187 19.69 59.26 -1.84
CA VAL A 187 19.84 60.58 -1.26
C VAL A 187 21.23 60.84 -0.68
N PRO A 188 22.09 61.58 -1.40
CA PRO A 188 23.46 61.92 -1.00
C PRO A 188 23.74 62.15 0.49
N MET A 189 22.75 62.63 1.23
CA MET A 189 22.94 62.87 2.65
C MET A 189 22.52 61.64 3.45
N ALA A 190 21.24 61.28 3.34
CA ALA A 190 20.68 60.14 4.04
C ALA A 190 21.42 58.83 3.72
N ASP A 191 22.23 58.87 2.66
CA ASP A 191 23.02 57.73 2.24
C ASP A 191 24.12 57.39 3.24
N LEU A 192 24.22 58.16 4.32
CA LEU A 192 25.27 57.94 5.31
C LEU A 192 24.83 57.30 6.61
N ILE A 193 23.54 57.39 6.93
CA ILE A 193 23.03 56.81 8.15
C ILE A 193 23.11 55.28 8.11
N ASN A 194 23.72 54.69 9.14
CA ASN A 194 23.87 53.24 9.20
C ASN A 194 22.73 52.50 9.90
N HIS A 195 22.84 51.16 9.90
CA HIS A 195 21.85 50.28 10.51
C HIS A 195 22.23 49.87 11.94
N SER A 196 21.22 49.70 12.79
CA SER A 196 21.44 49.26 14.16
C SER A 196 20.32 48.33 14.55
N ALA A 197 20.61 47.37 15.44
CA ALA A 197 19.57 46.46 15.88
C ALA A 197 18.76 47.13 16.98
N GLY A 198 19.23 48.31 17.38
CA GLY A 198 18.53 49.06 18.42
C GLY A 198 17.20 49.52 17.88
N VAL A 199 17.16 49.89 16.60
CA VAL A 199 15.92 50.35 15.99
C VAL A 199 14.97 49.18 15.73
N THR A 200 13.72 49.33 16.12
CA THR A 200 12.73 48.28 15.92
C THR A 200 11.40 48.82 15.39
N THR A 201 11.40 50.08 14.93
CA THR A 201 10.20 50.73 14.41
C THR A 201 10.10 50.72 12.89
N GLU A 202 11.25 50.84 12.23
CA GLU A 202 11.32 50.85 10.77
C GLU A 202 10.23 51.72 10.12
N ASP A 203 10.60 52.96 9.79
CA ASP A 203 9.70 53.93 9.15
C ASP A 203 10.31 55.31 9.36
N HIS A 204 11.15 55.73 8.43
CA HIS A 204 11.83 57.01 8.54
C HIS A 204 11.78 57.81 7.23
N ALA A 205 11.08 57.27 6.24
CA ALA A 205 10.93 57.93 4.95
C ALA A 205 9.70 58.84 4.97
N TYR A 206 9.84 60.02 4.37
CA TYR A 206 8.76 61.01 4.32
C TYR A 206 9.11 62.11 3.32
N GLU A 207 8.09 62.81 2.82
CA GLU A 207 8.29 63.91 1.87
C GLU A 207 7.04 64.78 1.76
N TYR A 219 9.55 69.88 -2.87
CA TYR A 219 9.85 68.45 -2.77
C TYR A 219 11.21 68.15 -2.14
N LEU A 220 11.21 67.31 -1.11
CA LEU A 220 12.44 66.92 -0.42
C LEU A 220 12.29 65.56 0.24
N PHE A 221 13.39 65.07 0.82
CA PHE A 221 13.38 63.78 1.51
C PHE A 221 13.54 64.10 2.99
N SER A 222 12.52 63.78 3.78
CA SER A 222 12.53 64.06 5.22
C SER A 222 12.87 62.82 6.03
N LEU A 223 14.07 62.83 6.63
CA LEU A 223 14.52 61.72 7.46
C LEU A 223 14.38 62.05 8.94
N LYS A 224 13.68 61.20 9.67
CA LYS A 224 13.47 61.41 11.09
C LYS A 224 14.04 60.28 11.95
N SER A 225 14.98 60.64 12.82
CA SER A 225 15.63 59.70 13.73
C SER A 225 14.61 58.99 14.58
N PRO A 226 14.56 57.65 14.50
CA PRO A 226 13.61 56.87 15.28
C PRO A 226 14.00 56.72 16.76
N LEU A 227 15.18 57.23 17.12
CA LEU A 227 15.66 57.13 18.49
C LEU A 227 16.21 58.43 19.06
N SER A 228 16.18 58.53 20.39
CA SER A 228 16.70 59.70 21.09
C SER A 228 18.22 59.59 21.26
N VAL A 229 18.98 60.09 20.29
CA VAL A 229 20.44 60.04 20.36
C VAL A 229 20.99 61.18 21.23
N LYS A 230 22.03 60.93 22.01
CA LYS A 230 22.63 61.98 22.83
C LYS A 230 23.77 62.56 21.98
N ALA A 231 24.21 63.78 22.30
CA ALA A 231 25.28 64.39 21.52
C ALA A 231 26.53 63.51 21.51
N GLY A 232 27.20 63.46 20.37
CA GLY A 232 28.41 62.65 20.25
C GLY A 232 28.13 61.26 19.71
N GLU A 233 26.93 60.75 19.98
CA GLU A 233 26.56 59.42 19.54
C GLU A 233 26.16 59.38 18.07
N GLN A 234 25.85 58.18 17.57
CA GLN A 234 25.48 58.00 16.16
C GLN A 234 23.98 57.80 15.96
N VAL A 235 23.48 58.36 14.86
CA VAL A 235 22.07 58.24 14.51
C VAL A 235 21.90 57.02 13.61
N TYR A 236 21.05 56.09 14.02
CA TYR A 236 20.84 54.88 13.25
C TYR A 236 19.39 54.72 12.83
N ILE A 237 19.16 53.66 12.06
CA ILE A 237 17.83 53.29 11.58
C ILE A 237 17.81 51.80 11.29
N GLN A 238 16.61 51.26 11.15
CA GLN A 238 16.42 49.84 10.87
C GLN A 238 16.23 49.66 9.38
N TYR A 239 17.14 48.95 8.73
CA TYR A 239 17.01 48.75 7.30
C TYR A 239 15.82 47.87 6.94
N ASP A 240 15.65 46.75 7.63
CA ASP A 240 14.54 45.83 7.35
C ASP A 240 14.44 44.73 8.40
N LEU A 241 13.28 44.65 9.05
CA LEU A 241 13.07 43.67 10.10
C LEU A 241 12.83 42.26 9.55
N ASN A 242 12.33 42.18 8.33
CA ASN A 242 12.01 40.88 7.77
C ASN A 242 13.06 40.16 6.95
N LYS A 243 14.20 40.80 6.70
CA LYS A 243 15.24 40.13 5.93
C LYS A 243 15.98 39.11 6.78
N SER A 244 16.49 38.07 6.13
CA SER A 244 17.24 37.03 6.83
C SER A 244 18.68 37.54 6.86
N ASN A 245 19.58 36.80 7.49
CA ASN A 245 20.96 37.26 7.51
C ASN A 245 21.56 37.09 6.12
N ALA A 246 21.10 36.05 5.40
CA ALA A 246 21.55 35.82 4.05
C ALA A 246 21.19 37.06 3.23
N GLU A 247 19.97 37.56 3.40
CA GLU A 247 19.53 38.75 2.67
C GLU A 247 20.35 40.00 3.01
N LEU A 248 20.62 40.19 4.30
CA LEU A 248 21.41 41.36 4.72
C LEU A 248 22.83 41.23 4.18
N ALA A 249 23.36 40.02 4.15
CA ALA A 249 24.71 39.79 3.65
C ALA A 249 24.89 40.14 2.19
N LEU A 250 23.86 39.89 1.37
CA LEU A 250 23.95 40.19 -0.05
C LEU A 250 23.63 41.65 -0.36
N ASP A 251 22.57 42.17 0.25
CA ASP A 251 22.14 43.55 0.05
C ASP A 251 23.15 44.54 0.61
N TYR A 252 23.59 44.31 1.84
CA TYR A 252 24.57 45.19 2.47
C TYR A 252 25.69 44.23 2.82
N GLY A 253 26.77 44.71 3.41
CA GLY A 253 27.83 43.77 3.72
C GLY A 253 27.87 43.33 5.17
N PHE A 254 26.72 43.04 5.77
CA PHE A 254 26.72 42.64 7.18
C PHE A 254 25.59 41.70 7.59
N ILE A 255 25.67 41.21 8.82
CA ILE A 255 24.65 40.31 9.36
C ILE A 255 24.46 40.63 10.85
N GLU A 256 23.52 39.97 11.50
CA GLU A 256 23.30 40.20 12.92
C GLU A 256 23.51 38.91 13.68
N PRO A 257 23.90 39.01 14.97
CA PRO A 257 24.13 37.85 15.83
C PRO A 257 22.80 37.19 16.14
N ASN A 258 21.75 37.97 16.09
CA ASN A 258 20.41 37.49 16.38
C ASN A 258 20.01 36.22 15.63
N GLU A 259 19.99 35.10 16.34
CA GLU A 259 19.66 33.82 15.76
C GLU A 259 18.30 33.77 15.06
N ASN A 260 17.43 34.75 15.31
CA ASN A 260 16.11 34.74 14.69
C ASN A 260 16.17 35.29 13.28
N ARG A 261 17.35 35.73 12.86
CA ARG A 261 17.54 36.27 11.52
C ARG A 261 17.97 35.14 10.55
N HIS A 262 18.34 33.99 11.11
CA HIS A 262 18.78 32.87 10.28
C HIS A 262 17.58 32.23 9.62
N ALA A 263 17.69 32.04 8.31
CA ALA A 263 16.63 31.40 7.55
C ALA A 263 17.21 30.55 6.44
N TYR A 264 16.39 29.65 5.93
CA TYR A 264 16.78 28.74 4.86
C TYR A 264 15.50 28.44 4.10
N THR A 265 15.48 28.78 2.82
CA THR A 265 14.27 28.53 2.04
C THR A 265 14.26 27.21 1.29
N LEU A 266 13.14 26.50 1.39
CA LEU A 266 12.95 25.20 0.75
C LEU A 266 12.14 25.42 -0.53
N THR A 267 12.46 24.64 -1.55
CA THR A 267 11.72 24.77 -2.80
C THR A 267 11.04 23.45 -3.18
N LEU A 268 9.71 23.48 -3.23
CA LEU A 268 8.92 22.30 -3.59
C LEU A 268 8.31 22.47 -4.96
N GLU A 269 8.02 21.36 -5.62
CA GLU A 269 7.39 21.46 -6.92
C GLU A 269 6.70 20.16 -7.28
N ILE A 270 5.72 20.30 -8.16
CA ILE A 270 4.96 19.18 -8.68
C ILE A 270 5.63 18.87 -10.01
N SER A 271 6.48 17.85 -10.02
CA SER A 271 7.20 17.48 -11.23
C SER A 271 6.23 17.14 -12.35
N GLU A 272 6.65 17.34 -13.58
CA GLU A 272 5.77 17.03 -14.70
C GLU A 272 5.82 15.53 -14.97
N SER A 273 6.83 14.87 -14.43
CA SER A 273 6.98 13.43 -14.60
C SER A 273 6.02 12.67 -13.67
N ASP A 274 5.40 13.40 -12.74
CA ASP A 274 4.46 12.83 -11.80
C ASP A 274 3.22 12.38 -12.58
N PRO A 275 2.86 11.09 -12.51
CA PRO A 275 1.70 10.59 -13.22
C PRO A 275 0.38 11.34 -12.93
N PHE A 276 0.35 12.14 -11.85
CA PHE A 276 -0.86 12.88 -11.53
C PHE A 276 -0.68 14.38 -11.63
N PHE A 277 0.35 14.79 -12.35
CA PHE A 277 0.65 16.22 -12.53
C PHE A 277 -0.55 17.12 -12.72
N ASP A 278 -1.30 16.92 -13.81
CA ASP A 278 -2.46 17.75 -14.12
C ASP A 278 -3.46 17.97 -13.02
N ASP A 279 -3.79 16.91 -12.29
CA ASP A 279 -4.75 17.04 -11.20
C ASP A 279 -4.14 17.77 -10.01
N LYS A 280 -2.88 17.44 -9.70
CA LYS A 280 -2.20 18.08 -8.59
C LYS A 280 -2.02 19.57 -8.81
N LEU A 281 -1.55 19.96 -9.99
CA LEU A 281 -1.34 21.37 -10.31
C LEU A 281 -2.65 22.11 -10.17
N ASP A 282 -3.73 21.44 -10.53
CA ASP A 282 -5.06 22.02 -10.43
C ASP A 282 -5.39 22.29 -8.96
N VAL A 283 -5.09 21.32 -8.11
CA VAL A 283 -5.33 21.45 -6.68
C VAL A 283 -4.46 22.56 -6.09
N ALA A 284 -3.19 22.58 -6.46
CA ALA A 284 -2.27 23.59 -5.96
C ALA A 284 -2.68 25.02 -6.33
N GLU A 285 -2.95 25.25 -7.62
CA GLU A 285 -3.30 26.58 -8.08
C GLU A 285 -4.64 27.06 -7.54
N SER A 286 -5.59 26.13 -7.40
CA SER A 286 -6.90 26.44 -6.87
C SER A 286 -6.81 26.87 -5.42
N ASN A 287 -5.62 26.76 -4.85
CA ASN A 287 -5.40 27.10 -3.46
C ASN A 287 -4.22 28.03 -3.22
N GLY A 288 -3.83 28.79 -4.24
CA GLY A 288 -2.75 29.75 -4.07
C GLY A 288 -1.31 29.33 -4.23
N PHE A 289 -1.05 28.13 -4.74
CA PHE A 289 0.34 27.71 -4.92
C PHE A 289 0.60 27.31 -6.36
N ALA A 290 1.78 27.64 -6.87
CA ALA A 290 2.14 27.31 -8.25
C ALA A 290 2.82 25.96 -8.37
N GLN A 291 3.21 25.63 -9.60
CA GLN A 291 3.89 24.39 -9.91
C GLN A 291 5.16 24.34 -9.08
N THR A 292 5.72 25.51 -8.81
CA THR A 292 6.91 25.64 -7.99
C THR A 292 6.62 26.63 -6.86
N ALA A 293 6.97 26.22 -5.64
CA ALA A 293 6.71 27.06 -4.48
C ALA A 293 7.93 27.17 -3.57
N TYR A 294 8.14 28.36 -3.01
CA TYR A 294 9.26 28.60 -2.10
C TYR A 294 8.76 28.88 -0.69
N PHE A 295 9.26 28.10 0.26
CA PHE A 295 8.87 28.29 1.66
C PHE A 295 10.08 28.73 2.49
N ASP A 296 10.02 29.92 3.06
CA ASP A 296 11.13 30.41 3.88
C ASP A 296 11.01 29.93 5.32
N ILE A 297 12.05 29.26 5.79
CA ILE A 297 12.03 28.72 7.14
C ILE A 297 13.04 29.42 8.03
N PHE A 298 12.52 30.27 8.93
CA PHE A 298 13.33 31.04 9.89
C PHE A 298 13.53 30.26 11.16
N TYR A 299 14.67 30.44 11.82
CA TYR A 299 14.97 29.73 13.05
C TYR A 299 13.94 30.06 14.14
N ASN A 300 13.63 29.05 14.95
CA ASN A 300 12.68 29.18 16.05
C ASN A 300 11.28 29.61 15.67
N ARG A 301 11.03 29.75 14.38
CA ARG A 301 9.69 30.12 13.92
C ARG A 301 8.94 28.85 13.47
N THR A 302 7.62 28.79 13.63
CA THR A 302 6.89 27.59 13.22
C THR A 302 6.80 27.49 11.72
N LEU A 303 6.74 26.26 11.24
CA LEU A 303 6.67 26.01 9.81
C LEU A 303 5.59 26.84 9.16
N PRO A 304 5.88 27.34 7.94
CA PRO A 304 4.96 28.15 7.17
C PRO A 304 3.72 27.34 6.86
N PRO A 305 2.55 27.98 6.82
CA PRO A 305 1.32 27.24 6.52
C PRO A 305 1.41 26.86 5.04
N GLY A 306 0.89 25.70 4.68
CA GLY A 306 0.98 25.34 3.28
C GLY A 306 2.15 24.44 2.97
N LEU A 307 3.22 24.49 3.75
CA LEU A 307 4.37 23.63 3.51
C LEU A 307 3.94 22.16 3.63
N LEU A 308 3.33 21.80 4.76
CA LEU A 308 2.92 20.42 4.98
C LEU A 308 1.93 19.94 3.93
N PRO A 309 0.85 20.71 3.69
CA PRO A 309 -0.12 20.26 2.69
C PRO A 309 0.45 20.15 1.28
N TYR A 310 1.39 21.02 0.94
CA TYR A 310 2.02 20.96 -0.37
C TYR A 310 2.94 19.73 -0.44
N LEU A 311 3.63 19.42 0.67
CA LEU A 311 4.51 18.25 0.75
C LEU A 311 3.68 16.98 0.60
N ARG A 312 2.49 16.97 1.20
CA ARG A 312 1.62 15.82 1.09
C ARG A 312 1.09 15.67 -0.33
N LEU A 313 0.85 16.80 -1.00
CA LEU A 313 0.37 16.77 -2.38
C LEU A 313 1.46 16.20 -3.30
N VAL A 314 2.70 16.63 -3.07
CA VAL A 314 3.82 16.15 -3.85
C VAL A 314 3.96 14.65 -3.67
N ALA A 315 3.90 14.19 -2.42
CA ALA A 315 4.05 12.79 -2.11
C ALA A 315 2.84 11.92 -2.38
N LEU A 316 1.69 12.54 -2.69
CA LEU A 316 0.45 11.80 -2.88
C LEU A 316 0.54 10.29 -3.22
N GLY A 317 0.70 9.96 -4.50
CA GLY A 317 0.81 8.55 -4.85
C GLY A 317 -0.48 7.86 -5.26
N GLY A 318 -0.35 6.73 -5.95
CA GLY A 318 -1.50 5.98 -6.43
C GLY A 318 -2.62 5.60 -5.47
N THR A 319 -2.28 5.13 -4.28
CA THR A 319 -3.27 4.72 -3.29
C THR A 319 -4.26 5.81 -2.89
N ASP A 320 -3.76 7.03 -2.72
CA ASP A 320 -4.60 8.14 -2.28
C ASP A 320 -5.01 9.07 -3.40
N ALA A 321 -4.77 8.64 -4.65
CA ALA A 321 -5.10 9.47 -5.80
C ALA A 321 -6.58 9.76 -5.95
N PHE A 322 -7.41 8.96 -5.28
CA PHE A 322 -8.85 9.16 -5.38
C PHE A 322 -9.26 10.53 -4.86
N LEU A 323 -8.39 11.16 -4.07
CA LEU A 323 -8.65 12.48 -3.51
C LEU A 323 -8.55 13.58 -4.56
N LEU A 324 -8.02 13.24 -5.73
CA LEU A 324 -7.87 14.22 -6.80
C LEU A 324 -9.11 14.24 -7.70
N GLU A 325 -10.15 13.53 -7.29
CA GLU A 325 -11.40 13.48 -8.05
C GLU A 325 -12.27 14.70 -7.75
N SER A 326 -13.11 15.06 -8.74
CA SER A 326 -14.01 16.21 -8.63
C SER A 326 -14.75 16.25 -7.31
N LEU A 327 -15.09 15.07 -6.81
CA LEU A 327 -15.80 14.92 -5.54
C LEU A 327 -15.17 15.68 -4.37
N PHE A 328 -13.83 15.75 -4.36
CA PHE A 328 -13.13 16.44 -3.29
C PHE A 328 -12.55 17.79 -3.66
N ARG A 329 -12.67 18.20 -4.92
CA ARG A 329 -12.07 19.49 -5.31
C ARG A 329 -12.39 20.64 -4.35
N ASP A 330 -13.40 20.49 -3.50
CA ASP A 330 -13.76 21.55 -2.58
C ASP A 330 -13.22 21.38 -1.16
N THR A 331 -12.77 20.17 -0.85
CA THR A 331 -12.28 19.87 0.48
C THR A 331 -10.88 19.27 0.47
N ILE A 332 -10.36 19.02 -0.73
CA ILE A 332 -9.04 18.41 -0.87
C ILE A 332 -7.94 19.08 -0.05
N TRP A 333 -7.89 20.42 -0.08
CA TRP A 333 -6.87 21.12 0.66
C TRP A 333 -7.03 20.90 2.16
N GLY A 334 -8.29 20.88 2.60
CA GLY A 334 -8.58 20.66 4.01
C GLY A 334 -8.02 19.32 4.45
N HIS A 335 -8.17 18.32 3.59
CA HIS A 335 -7.66 16.99 3.89
C HIS A 335 -6.13 17.02 3.88
N LEU A 336 -5.56 17.76 2.93
CA LEU A 336 -4.12 17.87 2.85
C LEU A 336 -3.56 18.47 4.15
N GLU A 337 -4.31 19.40 4.74
CA GLU A 337 -3.87 20.07 5.98
C GLU A 337 -4.03 19.17 7.18
N LEU A 338 -5.04 18.30 7.17
CA LEU A 338 -5.25 17.39 8.28
C LEU A 338 -4.31 16.17 8.21
N SER A 339 -4.06 15.68 6.99
CA SER A 339 -3.16 14.55 6.69
C SER A 339 -3.87 13.51 5.82
N VAL A 340 -3.12 12.85 4.94
CA VAL A 340 -3.68 11.86 4.02
C VAL A 340 -3.63 10.41 4.50
N SER A 341 -2.45 9.91 4.81
CA SER A 341 -2.32 8.55 5.27
C SER A 341 -0.92 8.35 5.83
N ARG A 342 -0.73 7.26 6.55
CA ARG A 342 0.56 6.98 7.14
C ARG A 342 1.65 6.78 6.10
N ASP A 343 1.32 6.20 4.95
CA ASP A 343 2.33 6.02 3.95
C ASP A 343 2.68 7.37 3.36
N ASN A 344 1.68 8.21 3.16
CA ASN A 344 1.97 9.54 2.62
C ASN A 344 2.88 10.31 3.57
N GLU A 345 2.47 10.39 4.83
CA GLU A 345 3.24 11.11 5.83
C GLU A 345 4.66 10.60 5.97
N GLU A 346 4.80 9.29 6.08
CA GLU A 346 6.11 8.66 6.24
C GLU A 346 7.04 8.91 5.08
N LEU A 347 6.47 9.02 3.88
CA LEU A 347 7.27 9.25 2.67
C LEU A 347 7.85 10.66 2.71
N LEU A 348 6.98 11.66 2.92
CA LEU A 348 7.42 13.04 2.93
C LEU A 348 8.43 13.33 4.03
N CYS A 349 8.29 12.64 5.16
CA CYS A 349 9.21 12.86 6.26
C CYS A 349 10.60 12.36 5.88
N LYS A 350 10.67 11.20 5.25
CA LYS A 350 11.98 10.69 4.89
C LYS A 350 12.58 11.63 3.86
N ALA A 351 11.77 12.06 2.89
CA ALA A 351 12.26 12.96 1.85
C ALA A 351 12.89 14.22 2.46
N VAL A 352 12.16 14.89 3.35
CA VAL A 352 12.68 16.09 3.98
C VAL A 352 13.96 15.81 4.77
N ARG A 353 13.89 14.84 5.68
CA ARG A 353 15.03 14.50 6.51
C ARG A 353 16.28 14.16 5.72
N GLU A 354 16.14 13.46 4.59
CA GLU A 354 17.31 13.13 3.80
C GLU A 354 17.85 14.41 3.14
N ALA A 355 16.96 15.26 2.65
CA ALA A 355 17.39 16.51 2.03
C ALA A 355 18.20 17.35 3.03
N CYS A 356 17.76 17.38 4.29
CA CYS A 356 18.47 18.13 5.30
C CYS A 356 19.85 17.52 5.58
N LYS A 357 19.91 16.20 5.74
CA LYS A 357 21.18 15.53 6.00
C LYS A 357 22.09 15.69 4.79
N SER A 358 21.51 15.54 3.61
CA SER A 358 22.29 15.65 2.40
C SER A 358 22.90 17.05 2.32
N ALA A 359 22.10 18.06 2.64
CA ALA A 359 22.59 19.44 2.59
C ALA A 359 23.64 19.67 3.67
N LEU A 360 23.31 19.31 4.90
CA LEU A 360 24.25 19.51 6.01
C LEU A 360 25.63 18.97 5.66
N ALA A 361 25.68 17.92 4.86
CA ALA A 361 26.96 17.31 4.48
C ALA A 361 27.72 18.09 3.42
N GLY A 362 27.14 19.18 2.92
CA GLY A 362 27.84 19.96 1.89
C GLY A 362 28.76 21.05 2.43
N TYR A 363 28.62 21.35 3.73
CA TYR A 363 29.42 22.37 4.38
C TYR A 363 30.78 21.76 4.76
N HIS A 364 31.81 22.61 4.87
CA HIS A 364 33.12 22.10 5.21
C HIS A 364 33.54 22.26 6.68
N THR A 365 32.65 22.79 7.50
CA THR A 365 32.97 22.93 8.92
C THR A 365 31.77 22.48 9.74
N THR A 366 32.03 22.07 10.99
CA THR A 366 30.95 21.66 11.87
C THR A 366 30.45 22.91 12.58
N ILE A 367 29.30 22.83 13.24
CA ILE A 367 28.80 23.99 13.95
C ILE A 367 29.74 24.32 15.09
N GLU A 368 30.41 23.31 15.61
CA GLU A 368 31.33 23.50 16.72
C GLU A 368 32.52 24.32 16.27
N GLN A 369 32.99 24.07 15.07
CA GLN A 369 34.12 24.80 14.57
C GLN A 369 33.75 26.24 14.30
N ASP A 370 32.55 26.45 13.75
CA ASP A 370 32.10 27.80 13.47
C ASP A 370 32.02 28.59 14.76
N ARG A 371 31.42 27.99 15.77
CA ARG A 371 31.25 28.63 17.06
C ARG A 371 32.58 28.94 17.75
N GLU A 372 33.59 28.12 17.53
CA GLU A 372 34.86 28.41 18.14
C GLU A 372 35.47 29.60 17.41
N LEU A 373 35.37 29.60 16.09
CA LEU A 373 35.92 30.69 15.30
C LEU A 373 35.33 32.03 15.76
N LYS A 374 34.01 32.06 15.95
CA LYS A 374 33.33 33.28 16.38
C LYS A 374 33.85 33.81 17.70
N GLU A 375 34.53 32.94 18.44
CA GLU A 375 35.05 33.28 19.76
C GLU A 375 36.40 34.03 19.67
N GLY A 376 36.83 34.33 18.45
CA GLY A 376 38.06 35.06 18.26
C GLY A 376 37.76 36.25 17.37
N ASN A 377 38.80 36.87 16.82
CA ASN A 377 38.60 38.03 15.93
C ASN A 377 38.61 37.60 14.47
N LEU A 378 37.55 37.97 13.76
CA LEU A 378 37.37 37.59 12.36
C LEU A 378 37.18 38.74 11.36
N ASP A 379 37.90 38.68 10.24
CA ASP A 379 37.78 39.69 9.17
C ASP A 379 36.30 39.81 8.81
N SER A 380 35.80 41.02 8.63
CA SER A 380 34.37 41.18 8.31
C SER A 380 33.78 40.12 7.36
N ARG A 381 34.45 39.83 6.24
CA ARG A 381 33.91 38.84 5.29
C ARG A 381 33.88 37.42 5.83
N LEU A 382 34.92 37.04 6.57
CA LEU A 382 34.99 35.71 7.16
C LEU A 382 33.93 35.59 8.26
N ALA A 383 33.80 36.65 9.05
CA ALA A 383 32.81 36.70 10.12
C ALA A 383 31.44 36.49 9.52
N ILE A 384 31.22 37.07 8.35
CA ILE A 384 29.94 36.96 7.68
C ILE A 384 29.68 35.51 7.24
N ALA A 385 30.69 34.91 6.63
CA ALA A 385 30.53 33.54 6.15
C ALA A 385 30.30 32.60 7.32
N VAL A 386 31.05 32.79 8.40
CA VAL A 386 30.89 31.90 9.56
C VAL A 386 29.49 32.03 10.17
N GLY A 387 29.03 33.26 10.39
CA GLY A 387 27.69 33.44 10.94
C GLY A 387 26.62 32.88 10.01
N ILE A 388 26.75 33.14 8.71
CA ILE A 388 25.77 32.62 7.77
C ILE A 388 25.73 31.07 7.75
N ARG A 389 26.89 30.43 7.59
CA ARG A 389 26.90 28.99 7.53
C ARG A 389 26.46 28.33 8.84
N GLU A 390 26.78 28.96 9.97
CA GLU A 390 26.37 28.40 11.25
C GLU A 390 24.84 28.45 11.30
N GLY A 391 24.31 29.63 11.02
CA GLY A 391 22.86 29.82 11.01
C GLY A 391 22.17 28.80 10.13
N GLU A 392 22.61 28.66 8.89
CA GLU A 392 21.98 27.71 7.99
C GLU A 392 22.00 26.30 8.54
N LYS A 393 23.03 25.96 9.30
CA LYS A 393 23.11 24.62 9.87
C LYS A 393 22.09 24.48 11.00
N MET A 394 21.86 25.56 11.72
CA MET A 394 20.90 25.50 12.81
C MET A 394 19.50 25.26 12.22
N VAL A 395 19.19 25.99 11.17
CA VAL A 395 17.89 25.84 10.52
C VAL A 395 17.74 24.43 9.97
N LEU A 396 18.75 23.98 9.23
CA LEU A 396 18.73 22.64 8.68
C LEU A 396 18.49 21.60 9.79
N GLN A 397 19.26 21.70 10.87
CA GLN A 397 19.11 20.75 11.97
C GLN A 397 17.75 20.86 12.67
N GLN A 398 17.22 22.07 12.74
CA GLN A 398 15.92 22.25 13.37
C GLN A 398 14.85 21.61 12.51
N ILE A 399 14.93 21.80 11.20
CA ILE A 399 13.96 21.22 10.29
C ILE A 399 14.03 19.70 10.41
N ASP A 400 15.24 19.16 10.47
CA ASP A 400 15.36 17.71 10.56
C ASP A 400 14.82 17.17 11.87
N GLY A 401 15.01 17.94 12.94
CA GLY A 401 14.52 17.50 14.24
C GLY A 401 13.01 17.49 14.24
N ILE A 402 12.42 18.54 13.66
CA ILE A 402 10.97 18.63 13.60
C ILE A 402 10.39 17.42 12.90
N PHE A 403 10.98 17.02 11.79
CA PHE A 403 10.45 15.85 11.11
C PHE A 403 10.85 14.56 11.78
N GLU A 404 11.89 14.60 12.61
CA GLU A 404 12.28 13.39 13.30
C GLU A 404 11.20 13.04 14.32
N GLN A 405 10.72 14.05 15.04
CA GLN A 405 9.64 13.83 15.99
C GLN A 405 8.49 13.24 15.19
N LYS A 406 8.15 13.95 14.12
CA LYS A 406 7.07 13.55 13.24
C LYS A 406 7.14 12.09 12.89
N GLU A 407 8.33 11.57 12.66
CA GLU A 407 8.45 10.15 12.33
C GLU A 407 8.07 9.30 13.54
N LEU A 408 8.27 9.84 14.73
CA LEU A 408 7.91 9.09 15.93
C LEU A 408 6.39 9.14 16.09
N GLU A 409 5.82 10.35 16.14
CA GLU A 409 4.37 10.52 16.30
C GLU A 409 3.58 10.12 15.06
N LEU A 410 4.24 9.37 14.17
CA LEU A 410 3.65 8.92 12.93
C LEU A 410 2.29 8.23 13.07
N ASP A 411 1.95 7.79 14.28
CA ASP A 411 0.68 7.09 14.51
C ASP A 411 -0.30 7.84 15.39
N GLN A 412 0.06 9.06 15.78
CA GLN A 412 -0.81 9.87 16.62
C GLN A 412 -1.72 10.71 15.74
N LEU A 413 -1.48 10.66 14.43
CA LEU A 413 -2.27 11.43 13.46
C LEU A 413 -3.46 10.65 12.92
N GLU A 414 -4.63 11.27 12.87
CA GLU A 414 -5.77 10.55 12.33
C GLU A 414 -5.94 10.90 10.86
N TYR A 415 -5.48 9.97 10.02
CA TYR A 415 -5.50 10.07 8.56
C TYR A 415 -6.91 10.08 7.93
N TYR A 416 -6.97 10.19 6.60
CA TYR A 416 -8.25 10.25 5.93
C TYR A 416 -9.20 9.11 6.28
N GLN A 417 -8.76 7.87 6.07
CA GLN A 417 -9.61 6.71 6.37
C GLN A 417 -10.21 6.81 7.77
N GLU A 418 -9.36 6.87 8.79
CA GLU A 418 -9.86 6.94 10.15
C GLU A 418 -10.83 8.09 10.34
N ARG A 419 -10.55 9.24 9.72
CA ARG A 419 -11.44 10.38 9.88
C ARG A 419 -12.79 10.11 9.24
N ARG A 420 -12.81 9.26 8.24
CA ARG A 420 -14.06 8.96 7.56
C ARG A 420 -14.97 8.03 8.34
N LEU A 421 -14.38 7.14 9.15
CA LEU A 421 -15.17 6.20 9.93
C LEU A 421 -15.53 6.70 11.32
N LYS A 422 -15.00 7.85 11.71
CA LYS A 422 -15.30 8.41 13.02
C LYS A 422 -16.82 8.52 13.21
N ASP A 423 -17.50 8.99 12.18
CA ASP A 423 -18.95 9.16 12.22
C ASP A 423 -19.63 8.02 11.44
N LEU A 424 -19.63 6.83 12.05
CA LEU A 424 -20.20 5.63 11.43
C LEU A 424 -21.50 5.24 12.11
N GLY A 425 -21.62 5.56 13.39
CA GLY A 425 -22.82 5.23 14.14
C GLY A 425 -23.14 3.74 14.17
N LEU A 426 -22.14 2.92 14.52
CA LEU A 426 -22.34 1.47 14.58
C LEU A 426 -23.33 1.16 15.67
N CYS A 427 -23.19 1.86 16.79
CA CYS A 427 -24.05 1.66 17.95
C CYS A 427 -25.19 2.65 18.01
N GLY A 428 -26.15 2.48 17.11
CA GLY A 428 -27.28 3.37 17.08
C GLY A 428 -28.48 2.72 17.74
N GLU A 429 -29.53 2.51 16.97
CA GLU A 429 -30.75 1.91 17.51
C GLU A 429 -31.04 0.68 16.70
N ASN A 430 -32.00 -0.13 17.14
CA ASN A 430 -32.34 -1.32 16.39
C ASN A 430 -33.24 -0.92 15.24
N GLY A 431 -32.65 -0.27 14.25
CA GLY A 431 -33.41 0.20 13.10
C GLY A 431 -34.47 -0.72 12.53
N ASP A 432 -34.19 -2.02 12.42
CA ASP A 432 -35.18 -2.92 11.86
C ASP A 432 -36.59 -2.88 12.48
N ILE A 433 -36.71 -2.47 13.73
CA ILE A 433 -38.02 -2.39 14.35
C ILE A 433 -38.90 -1.38 13.62
N LEU A 434 -38.29 -0.30 13.14
CA LEU A 434 -39.03 0.72 12.41
C LEU A 434 -39.14 0.33 10.94
N GLU A 435 -38.11 -0.33 10.41
CA GLU A 435 -38.12 -0.78 9.02
C GLU A 435 -39.28 -1.71 8.71
N ASN A 436 -39.81 -2.40 9.73
CA ASN A 436 -40.93 -3.31 9.54
C ASN A 436 -42.25 -2.62 9.81
N LEU A 437 -42.19 -1.36 10.24
CA LEU A 437 -43.41 -0.62 10.52
C LEU A 437 -43.96 0.09 9.29
N TYR A 438 -43.43 -0.27 8.12
CA TYR A 438 -43.90 0.30 6.86
C TYR A 438 -43.32 -0.41 5.64
N SER B 1 36.89 -60.94 -20.41
CA SER B 1 36.60 -60.73 -21.87
C SER B 1 36.99 -59.31 -22.27
N LEU B 2 37.45 -58.53 -21.31
CA LEU B 2 37.84 -57.14 -21.55
C LEU B 2 39.08 -57.02 -22.42
N SER B 3 40.24 -57.34 -21.86
CA SER B 3 41.48 -57.25 -22.61
C SER B 3 41.37 -57.63 -24.10
N PRO B 4 40.64 -58.73 -24.42
CA PRO B 4 40.52 -59.09 -25.84
C PRO B 4 39.66 -58.14 -26.67
N ALA B 5 38.52 -57.71 -26.11
CA ALA B 5 37.64 -56.79 -26.82
C ALA B 5 38.30 -55.42 -26.98
N VAL B 6 39.01 -54.98 -25.96
CA VAL B 6 39.69 -53.69 -26.00
C VAL B 6 40.86 -53.79 -26.99
N GLN B 7 41.52 -54.94 -27.00
CA GLN B 7 42.65 -55.19 -27.90
C GLN B 7 42.14 -55.11 -29.34
N THR B 8 40.95 -55.66 -29.56
CA THR B 8 40.33 -55.65 -30.87
C THR B 8 40.10 -54.19 -31.25
N PHE B 9 39.55 -53.42 -30.32
CA PHE B 9 39.26 -52.01 -30.53
C PHE B 9 40.53 -51.27 -30.88
N TRP B 10 41.58 -51.52 -30.12
CA TRP B 10 42.85 -50.84 -30.34
C TRP B 10 43.48 -51.28 -31.66
N LYS B 11 43.38 -52.56 -31.97
CA LYS B 11 43.96 -53.05 -33.22
C LYS B 11 43.23 -52.40 -34.39
N TRP B 12 41.94 -52.15 -34.21
CA TRP B 12 41.16 -51.52 -35.26
C TRP B 12 41.60 -50.07 -35.46
N LEU B 13 41.73 -49.33 -34.36
CA LEU B 13 42.14 -47.92 -34.47
C LEU B 13 43.56 -47.83 -35.01
N GLN B 14 44.29 -48.94 -34.97
CA GLN B 14 45.66 -48.95 -35.50
C GLN B 14 45.57 -49.08 -37.00
N GLU B 15 44.70 -49.98 -37.46
CA GLU B 15 44.51 -50.19 -38.88
C GLU B 15 43.95 -48.92 -39.52
N GLU B 16 42.94 -48.33 -38.89
CA GLU B 16 42.35 -47.10 -39.41
C GLU B 16 43.35 -45.96 -39.49
N GLY B 17 44.49 -46.13 -38.82
CA GLY B 17 45.53 -45.10 -38.86
C GLY B 17 45.34 -44.01 -37.82
N VAL B 18 44.45 -44.24 -36.87
CA VAL B 18 44.20 -43.27 -35.83
C VAL B 18 45.28 -43.44 -34.77
N ILE B 19 45.67 -44.68 -34.54
CA ILE B 19 46.70 -45.03 -33.56
C ILE B 19 48.02 -45.31 -34.27
N THR B 20 49.10 -44.71 -33.77
CA THR B 20 50.42 -44.92 -34.33
C THR B 20 51.40 -45.07 -33.17
N ALA B 21 52.67 -45.32 -33.50
CA ALA B 21 53.68 -45.46 -32.47
C ALA B 21 53.87 -44.14 -31.73
N LYS B 22 53.29 -43.07 -32.28
CA LYS B 22 53.40 -41.75 -31.65
C LYS B 22 52.35 -41.52 -30.57
N THR B 23 51.27 -42.29 -30.62
CA THR B 23 50.19 -42.18 -29.63
C THR B 23 50.80 -42.40 -28.26
N PRO B 24 50.75 -41.37 -27.39
CA PRO B 24 51.30 -41.40 -26.03
C PRO B 24 50.40 -42.02 -24.98
N VAL B 25 49.27 -42.56 -25.41
CA VAL B 25 48.33 -43.08 -24.46
C VAL B 25 47.76 -44.44 -24.83
N LYS B 26 47.45 -45.25 -23.82
CA LYS B 26 46.84 -46.58 -24.03
C LYS B 26 45.55 -46.73 -23.20
N ALA B 27 44.79 -47.79 -23.46
CA ALA B 27 43.56 -48.03 -22.72
C ALA B 27 43.89 -48.84 -21.47
N SER B 28 43.26 -48.50 -20.36
CA SER B 28 43.51 -49.18 -19.09
C SER B 28 42.23 -49.29 -18.26
N VAL B 29 42.17 -50.29 -17.37
CA VAL B 29 41.00 -50.48 -16.52
C VAL B 29 41.21 -49.60 -15.31
N VAL B 30 40.27 -48.72 -15.07
CA VAL B 30 40.40 -47.73 -14.02
C VAL B 30 39.23 -47.68 -13.06
N THR B 31 39.39 -46.98 -11.94
CA THR B 31 38.31 -46.87 -10.99
C THR B 31 37.05 -46.41 -11.74
N GLU B 32 37.22 -45.46 -12.63
CA GLU B 32 36.06 -44.96 -13.38
C GLU B 32 35.60 -45.81 -14.57
N GLY B 33 36.18 -47.01 -14.77
CA GLY B 33 35.78 -47.86 -15.88
C GLY B 33 36.96 -48.09 -16.79
N LEU B 34 36.85 -47.63 -18.04
CA LEU B 34 37.99 -47.69 -18.95
C LEU B 34 38.49 -46.23 -18.96
N GLY B 35 39.76 -46.05 -19.24
CA GLY B 35 40.33 -44.72 -19.27
C GLY B 35 41.61 -44.74 -20.06
N LEU B 36 42.14 -43.55 -20.32
CA LEU B 36 43.38 -43.44 -21.06
C LEU B 36 44.52 -43.26 -20.08
N VAL B 37 45.59 -44.02 -20.27
CA VAL B 37 46.75 -43.91 -19.41
C VAL B 37 47.96 -43.47 -20.22
N ALA B 38 48.83 -42.67 -19.60
CA ALA B 38 50.01 -42.15 -20.27
C ALA B 38 51.13 -43.16 -20.46
N LEU B 39 51.61 -43.29 -21.70
CA LEU B 39 52.70 -44.22 -21.98
C LEU B 39 54.03 -43.53 -21.73
N LYS B 40 54.01 -42.21 -21.81
CA LYS B 40 55.21 -41.40 -21.56
C LYS B 40 54.76 -40.15 -20.81
N ASP B 41 55.71 -39.37 -20.31
CA ASP B 41 55.33 -38.15 -19.61
C ASP B 41 54.66 -37.25 -20.64
N ILE B 42 53.46 -36.75 -20.32
CA ILE B 42 52.74 -35.87 -21.23
C ILE B 42 52.75 -34.46 -20.67
N SER B 43 52.81 -33.47 -21.56
CA SER B 43 52.86 -32.08 -21.14
C SER B 43 51.55 -31.35 -21.35
N ARG B 44 51.32 -30.32 -20.53
CA ARG B 44 50.11 -29.52 -20.66
C ARG B 44 50.03 -29.03 -22.10
N ASN B 45 48.96 -29.42 -22.78
CA ASN B 45 48.71 -29.03 -24.15
C ASN B 45 49.19 -29.97 -25.23
N ASP B 46 49.71 -31.13 -24.86
CA ASP B 46 50.13 -32.08 -25.89
C ASP B 46 48.91 -32.73 -26.51
N VAL B 47 48.98 -32.96 -27.81
CA VAL B 47 47.86 -33.61 -28.46
C VAL B 47 47.98 -35.03 -27.94
N ILE B 48 46.84 -35.65 -27.64
CA ILE B 48 46.81 -37.00 -27.10
C ILE B 48 46.33 -37.96 -28.15
N LEU B 49 45.42 -37.49 -28.99
CA LEU B 49 44.87 -38.33 -30.03
C LEU B 49 44.08 -37.46 -31.02
N GLN B 50 43.87 -37.99 -32.23
CA GLN B 50 43.15 -37.28 -33.27
C GLN B 50 42.37 -38.31 -34.07
N VAL B 51 41.05 -38.11 -34.13
CA VAL B 51 40.17 -39.02 -34.85
C VAL B 51 39.57 -38.34 -36.07
N PRO B 52 39.54 -39.03 -37.23
CA PRO B 52 38.99 -38.47 -38.46
C PRO B 52 37.45 -38.47 -38.50
N LYS B 53 36.88 -37.40 -39.04
CA LYS B 53 35.43 -37.25 -39.14
C LYS B 53 34.73 -38.45 -39.74
N ARG B 54 35.50 -39.21 -40.51
CA ARG B 54 35.03 -40.42 -41.19
C ARG B 54 34.44 -41.35 -40.13
N LEU B 55 34.89 -41.19 -38.89
CA LEU B 55 34.43 -42.02 -37.79
C LEU B 55 33.51 -41.37 -36.76
N TRP B 56 32.91 -40.22 -37.07
CA TRP B 56 31.98 -39.59 -36.13
C TRP B 56 30.66 -40.31 -36.20
N ILE B 57 29.80 -39.93 -35.28
CA ILE B 57 28.45 -40.41 -35.24
C ILE B 57 27.76 -39.16 -34.74
N ASN B 58 27.27 -38.37 -35.70
CA ASN B 58 26.57 -37.12 -35.43
C ASN B 58 25.47 -37.02 -36.49
N PRO B 59 24.55 -36.06 -36.35
CA PRO B 59 23.45 -35.89 -37.32
C PRO B 59 23.84 -36.01 -38.79
N ASP B 60 25.00 -35.48 -39.16
CA ASP B 60 25.42 -35.56 -40.56
C ASP B 60 25.69 -36.98 -40.98
N ALA B 61 26.32 -37.76 -40.10
CA ALA B 61 26.62 -39.14 -40.43
C ALA B 61 25.36 -39.95 -40.67
N VAL B 62 24.31 -39.66 -39.92
CA VAL B 62 23.08 -40.41 -40.10
C VAL B 62 22.46 -40.00 -41.42
N ALA B 63 22.43 -38.70 -41.68
CA ALA B 63 21.85 -38.19 -42.92
C ALA B 63 22.48 -38.84 -44.16
N ALA B 64 23.74 -39.24 -44.05
CA ALA B 64 24.43 -39.85 -45.17
C ALA B 64 24.31 -41.38 -45.15
N SER B 65 23.49 -41.89 -44.24
CA SER B 65 23.30 -43.34 -44.12
C SER B 65 22.01 -43.78 -44.80
N GLU B 66 21.78 -45.09 -44.81
CA GLU B 66 20.58 -45.65 -45.43
C GLU B 66 19.29 -45.16 -44.79
N ILE B 67 19.37 -44.71 -43.54
CA ILE B 67 18.17 -44.23 -42.86
C ILE B 67 18.11 -42.71 -42.84
N GLY B 68 19.05 -42.06 -43.50
CA GLY B 68 19.06 -40.61 -43.53
C GLY B 68 17.80 -40.04 -44.13
N ARG B 69 17.19 -40.81 -45.04
CA ARG B 69 15.96 -40.40 -45.73
C ARG B 69 14.77 -40.32 -44.77
N VAL B 70 14.51 -41.43 -44.07
CA VAL B 70 13.39 -41.50 -43.13
C VAL B 70 13.54 -40.61 -41.91
N CYS B 71 14.77 -40.24 -41.55
CA CYS B 71 15.02 -39.38 -40.40
C CYS B 71 15.22 -37.94 -40.84
N SER B 72 14.96 -37.69 -42.11
CA SER B 72 15.11 -36.37 -42.71
C SER B 72 14.53 -35.22 -41.89
N GLU B 73 13.45 -35.45 -41.17
CA GLU B 73 12.83 -34.39 -40.40
C GLU B 73 12.70 -34.65 -38.90
N LEU B 74 13.53 -35.56 -38.39
CA LEU B 74 13.52 -35.88 -36.97
C LEU B 74 14.49 -35.00 -36.22
N LYS B 75 14.16 -34.71 -34.97
CA LYS B 75 15.06 -33.88 -34.16
C LYS B 75 16.43 -34.56 -34.15
N PRO B 76 17.51 -33.77 -34.17
CA PRO B 76 18.88 -34.32 -34.17
C PRO B 76 19.18 -35.46 -33.20
N TRP B 77 18.87 -35.31 -31.91
CA TRP B 77 19.17 -36.38 -30.96
C TRP B 77 18.37 -37.66 -31.18
N LEU B 78 17.16 -37.53 -31.71
CA LEU B 78 16.33 -38.70 -31.99
C LEU B 78 16.92 -39.48 -33.15
N SER B 79 17.52 -38.77 -34.09
CA SER B 79 18.13 -39.38 -35.25
C SER B 79 19.31 -40.26 -34.84
N VAL B 80 20.19 -39.70 -34.01
CA VAL B 80 21.36 -40.40 -33.55
C VAL B 80 20.98 -41.63 -32.75
N ILE B 81 19.89 -41.54 -31.99
CA ILE B 81 19.44 -42.67 -31.19
C ILE B 81 19.12 -43.85 -32.10
N LEU B 82 18.47 -43.58 -33.22
CA LEU B 82 18.12 -44.63 -34.17
C LEU B 82 19.35 -45.18 -34.88
N PHE B 83 20.25 -44.28 -35.23
CA PHE B 83 21.47 -44.65 -35.92
C PHE B 83 22.33 -45.57 -35.03
N LEU B 84 22.51 -45.17 -33.78
CA LEU B 84 23.30 -45.95 -32.84
C LEU B 84 22.70 -47.35 -32.66
N ILE B 85 21.37 -47.41 -32.48
CA ILE B 85 20.67 -48.68 -32.29
C ILE B 85 20.73 -49.55 -33.54
N ARG B 86 20.62 -48.93 -34.72
CA ARG B 86 20.69 -49.67 -35.96
C ARG B 86 22.10 -50.27 -36.17
N GLU B 87 23.12 -49.42 -36.05
CA GLU B 87 24.50 -49.86 -36.24
C GLU B 87 24.93 -50.93 -35.23
N ARG B 88 24.46 -50.80 -34.00
CA ARG B 88 24.81 -51.77 -32.96
C ARG B 88 24.43 -53.18 -33.40
N SER B 89 23.39 -53.27 -34.23
CA SER B 89 22.88 -54.54 -34.75
C SER B 89 23.69 -55.09 -35.92
N ARG B 90 23.94 -54.25 -36.91
CA ARG B 90 24.70 -54.65 -38.09
C ARG B 90 26.08 -55.22 -37.74
N GLU B 91 26.33 -56.45 -38.18
CA GLU B 91 27.61 -57.10 -37.89
C GLU B 91 28.69 -56.66 -38.88
N ASP B 92 28.30 -55.78 -39.79
CA ASP B 92 29.23 -55.26 -40.78
C ASP B 92 29.38 -53.76 -40.58
N SER B 93 28.91 -53.28 -39.43
CA SER B 93 28.99 -51.86 -39.10
C SER B 93 30.43 -51.41 -38.96
N VAL B 94 30.67 -50.13 -39.22
CA VAL B 94 32.02 -49.58 -39.14
C VAL B 94 32.49 -49.43 -37.70
N TRP B 95 31.54 -49.51 -36.77
CA TRP B 95 31.85 -49.36 -35.36
C TRP B 95 31.64 -50.67 -34.62
N LYS B 96 31.77 -51.78 -35.32
CA LYS B 96 31.59 -53.09 -34.72
C LYS B 96 32.36 -53.20 -33.41
N HIS B 97 33.65 -52.83 -33.46
CA HIS B 97 34.52 -52.91 -32.29
C HIS B 97 34.30 -51.82 -31.27
N TYR B 98 33.84 -50.67 -31.72
CA TYR B 98 33.58 -49.56 -30.81
C TYR B 98 32.39 -49.95 -29.93
N PHE B 99 31.38 -50.58 -30.53
CA PHE B 99 30.20 -51.00 -29.78
C PHE B 99 30.52 -52.12 -28.77
N GLY B 100 31.52 -52.94 -29.08
CA GLY B 100 31.87 -54.00 -28.18
C GLY B 100 32.54 -53.52 -26.90
N ILE B 101 32.89 -52.24 -26.88
CA ILE B 101 33.56 -51.63 -25.74
C ILE B 101 32.63 -50.72 -24.94
N LEU B 102 31.44 -50.45 -25.46
CA LEU B 102 30.52 -49.57 -24.78
C LEU B 102 29.82 -50.19 -23.57
N PRO B 103 29.76 -49.44 -22.47
CA PRO B 103 29.10 -49.98 -21.28
C PRO B 103 27.62 -50.11 -21.60
N GLN B 104 26.94 -51.08 -21.01
CA GLN B 104 25.52 -51.22 -21.27
C GLN B 104 24.70 -50.25 -20.41
N GLU B 105 25.35 -49.66 -19.42
CA GLU B 105 24.70 -48.74 -18.49
C GLU B 105 25.71 -47.79 -17.86
N THR B 106 25.19 -46.87 -17.06
CA THR B 106 25.99 -45.91 -16.32
C THR B 106 25.27 -45.76 -14.97
N ASP B 107 25.76 -44.92 -14.09
CA ASP B 107 25.05 -44.76 -12.84
C ASP B 107 24.10 -43.57 -12.98
N SER B 108 23.79 -43.22 -14.22
CA SER B 108 22.85 -42.14 -14.47
C SER B 108 21.52 -42.57 -13.86
N THR B 109 20.82 -41.65 -13.22
CA THR B 109 19.56 -41.97 -12.59
C THR B 109 18.59 -42.63 -13.54
N ILE B 110 18.73 -42.37 -14.84
CA ILE B 110 17.80 -42.97 -15.79
C ILE B 110 17.86 -44.51 -15.84
N TYR B 111 18.74 -45.11 -15.05
CA TYR B 111 18.87 -46.56 -15.05
C TYR B 111 18.64 -47.15 -13.67
N TRP B 112 18.48 -46.29 -12.68
CA TRP B 112 18.26 -46.74 -11.32
C TRP B 112 17.01 -47.60 -11.18
N SER B 113 17.00 -48.45 -10.16
CA SER B 113 15.85 -49.31 -9.89
C SER B 113 14.91 -48.48 -8.99
N GLU B 114 13.68 -48.95 -8.80
CA GLU B 114 12.75 -48.20 -7.97
C GLU B 114 13.26 -48.08 -6.54
N GLU B 115 13.96 -49.12 -6.05
CA GLU B 115 14.49 -49.07 -4.70
C GLU B 115 15.56 -48.00 -4.63
N GLU B 116 16.42 -47.97 -5.66
CA GLU B 116 17.48 -46.98 -5.75
C GLU B 116 16.93 -45.57 -5.81
N LEU B 117 15.93 -45.34 -6.64
CA LEU B 117 15.31 -44.02 -6.75
C LEU B 117 14.74 -43.57 -5.40
N GLN B 118 14.19 -44.51 -4.65
CA GLN B 118 13.62 -44.21 -3.35
C GLN B 118 14.60 -43.41 -2.52
N GLU B 119 15.89 -43.64 -2.73
CA GLU B 119 16.92 -42.96 -1.97
C GLU B 119 16.96 -41.46 -2.28
N LEU B 120 16.26 -41.06 -3.33
CA LEU B 120 16.18 -39.66 -3.75
C LEU B 120 14.78 -39.05 -3.51
N GLN B 121 13.97 -39.73 -2.69
CA GLN B 121 12.62 -39.27 -2.35
C GLN B 121 12.53 -37.81 -1.89
N GLY B 122 11.71 -37.02 -2.57
CA GLY B 122 11.55 -35.61 -2.21
C GLY B 122 12.46 -34.63 -2.93
N SER B 123 13.58 -35.13 -3.45
CA SER B 123 14.58 -34.32 -4.15
C SER B 123 14.14 -33.84 -5.53
N GLN B 124 14.73 -32.73 -5.95
CA GLN B 124 14.43 -32.20 -7.28
C GLN B 124 14.97 -33.15 -8.35
N LEU B 125 16.16 -33.70 -8.11
CA LEU B 125 16.77 -34.62 -9.06
C LEU B 125 15.79 -35.74 -9.40
N LEU B 126 15.11 -36.28 -8.39
CA LEU B 126 14.15 -37.35 -8.64
C LEU B 126 13.04 -36.92 -9.60
N LYS B 127 12.49 -35.72 -9.40
CA LYS B 127 11.44 -35.23 -10.29
C LYS B 127 12.01 -35.04 -11.68
N THR B 128 13.20 -34.44 -11.79
CA THR B 128 13.78 -34.24 -13.10
C THR B 128 13.97 -35.58 -13.85
N THR B 129 14.55 -36.59 -13.20
CA THR B 129 14.78 -37.83 -13.92
C THR B 129 13.47 -38.49 -14.36
N VAL B 130 12.46 -38.49 -13.49
CA VAL B 130 11.15 -39.06 -13.83
C VAL B 130 10.58 -38.35 -15.06
N SER B 131 10.59 -37.03 -15.00
CA SER B 131 10.11 -36.19 -16.09
C SER B 131 10.87 -36.48 -17.39
N VAL B 132 12.19 -36.54 -17.32
CA VAL B 132 13.00 -36.82 -18.50
C VAL B 132 12.76 -38.22 -19.04
N LYS B 133 12.73 -39.22 -18.15
CA LYS B 133 12.49 -40.59 -18.59
C LYS B 133 11.18 -40.71 -19.36
N GLU B 134 10.11 -40.17 -18.81
CA GLU B 134 8.81 -40.21 -19.43
C GLU B 134 8.81 -39.57 -20.80
N TYR B 135 9.45 -38.41 -20.92
CA TYR B 135 9.52 -37.70 -22.18
C TYR B 135 10.29 -38.51 -23.22
N VAL B 136 11.42 -39.08 -22.82
CA VAL B 136 12.21 -39.87 -23.75
C VAL B 136 11.43 -41.10 -24.18
N LYS B 137 10.59 -41.60 -23.28
CA LYS B 137 9.76 -42.76 -23.56
C LYS B 137 8.71 -42.48 -24.62
N ASN B 138 7.99 -41.37 -24.46
CA ASN B 138 6.96 -41.01 -25.43
C ASN B 138 7.57 -40.70 -26.79
N GLU B 139 8.60 -39.86 -26.81
CA GLU B 139 9.26 -39.50 -28.05
C GLU B 139 9.75 -40.76 -28.78
N CYS B 140 10.33 -41.68 -28.05
CA CYS B 140 10.85 -42.90 -28.66
C CYS B 140 9.76 -43.84 -29.14
N LEU B 141 8.66 -43.96 -28.40
CA LEU B 141 7.57 -44.85 -28.80
C LEU B 141 6.93 -44.34 -30.10
N LYS B 142 6.95 -43.02 -30.28
CA LYS B 142 6.41 -42.40 -31.49
C LYS B 142 7.33 -42.70 -32.67
N LEU B 143 8.61 -42.93 -32.36
CA LEU B 143 9.60 -43.24 -33.38
C LEU B 143 9.35 -44.63 -33.94
N GLU B 144 8.96 -45.53 -33.04
CA GLU B 144 8.69 -46.92 -33.41
C GLU B 144 7.53 -47.07 -34.38
N GLN B 145 6.48 -46.28 -34.18
CA GLN B 145 5.31 -46.36 -35.04
C GLN B 145 5.36 -45.47 -36.28
N GLU B 146 6.37 -44.59 -36.36
CA GLU B 146 6.49 -43.69 -37.49
C GLU B 146 7.73 -43.89 -38.36
N ILE B 147 8.73 -44.57 -37.83
CA ILE B 147 9.94 -44.80 -38.61
C ILE B 147 10.40 -46.26 -38.58
N ILE B 148 10.42 -46.85 -37.39
CA ILE B 148 10.87 -48.24 -37.24
C ILE B 148 9.93 -49.31 -37.79
N LEU B 149 8.69 -49.34 -37.30
CA LEU B 149 7.74 -50.35 -37.75
C LEU B 149 7.42 -50.25 -39.24
N PRO B 150 7.15 -49.03 -39.74
CA PRO B 150 6.84 -48.87 -41.17
C PRO B 150 7.97 -49.41 -42.06
N ASN B 151 9.18 -48.89 -41.86
CA ASN B 151 10.35 -49.31 -42.64
C ASN B 151 11.03 -50.54 -42.03
N LYS B 152 10.26 -51.62 -41.90
CA LYS B 152 10.76 -52.87 -41.35
C LYS B 152 11.93 -53.42 -42.16
N ARG B 153 12.30 -52.75 -43.24
CA ARG B 153 13.42 -53.19 -44.06
C ARG B 153 14.72 -52.69 -43.44
N LEU B 154 14.70 -51.41 -43.06
CA LEU B 154 15.87 -50.78 -42.44
C LEU B 154 16.05 -51.25 -41.00
N PHE B 155 14.96 -51.60 -40.36
CA PHE B 155 15.00 -52.07 -38.97
C PHE B 155 14.38 -53.48 -38.85
N PRO B 156 15.14 -54.52 -39.23
CA PRO B 156 14.70 -55.93 -39.17
C PRO B 156 14.30 -56.39 -37.77
N ASP B 157 15.16 -56.10 -36.80
CA ASP B 157 14.91 -56.50 -35.42
C ASP B 157 14.01 -55.49 -34.71
N PRO B 158 13.33 -55.92 -33.65
CA PRO B 158 12.44 -55.02 -32.89
C PRO B 158 13.31 -54.06 -32.07
N VAL B 159 12.69 -53.07 -31.45
CA VAL B 159 13.43 -52.09 -30.65
C VAL B 159 12.70 -51.90 -29.31
N THR B 160 13.33 -52.31 -28.21
CA THR B 160 12.70 -52.16 -26.89
C THR B 160 13.10 -50.84 -26.23
N LEU B 161 12.42 -50.49 -25.15
CA LEU B 161 12.74 -49.26 -24.45
C LEU B 161 14.12 -49.33 -23.85
N ASP B 162 14.61 -50.54 -23.64
CA ASP B 162 15.95 -50.71 -23.09
C ASP B 162 17.01 -50.27 -24.10
N ASP B 163 16.71 -50.46 -25.38
CA ASP B 163 17.63 -50.05 -26.44
C ASP B 163 17.61 -48.52 -26.54
N PHE B 164 16.42 -47.95 -26.44
CA PHE B 164 16.26 -46.52 -26.51
C PHE B 164 17.03 -45.83 -25.40
N PHE B 165 16.80 -46.23 -24.15
CA PHE B 165 17.50 -45.62 -23.03
C PHE B 165 18.99 -45.92 -23.04
N TRP B 166 19.38 -46.92 -23.81
CA TRP B 166 20.79 -47.26 -23.93
C TRP B 166 21.41 -46.17 -24.77
N ALA B 167 20.81 -45.91 -25.93
CA ALA B 167 21.28 -44.90 -26.85
C ALA B 167 21.19 -43.52 -26.20
N PHE B 168 20.08 -43.24 -25.54
CA PHE B 168 19.93 -41.96 -24.89
C PHE B 168 21.04 -41.71 -23.86
N GLY B 169 21.38 -42.74 -23.09
CA GLY B 169 22.44 -42.59 -22.11
C GLY B 169 23.82 -42.49 -22.72
N ILE B 170 24.04 -43.19 -23.82
CA ILE B 170 25.34 -43.17 -24.50
C ILE B 170 25.55 -41.76 -25.06
N LEU B 171 24.51 -41.25 -25.69
CA LEU B 171 24.54 -39.94 -26.29
C LEU B 171 24.76 -38.85 -25.24
N ARG B 172 24.11 -38.98 -24.10
CA ARG B 172 24.23 -37.95 -23.08
C ARG B 172 25.47 -38.07 -22.18
N SER B 173 26.02 -39.27 -22.06
CA SER B 173 27.21 -39.46 -21.22
C SER B 173 28.53 -39.45 -22.00
N ARG B 174 28.45 -39.59 -23.32
CA ARG B 174 29.65 -39.64 -24.16
C ARG B 174 29.91 -38.51 -25.15
N ALA B 175 28.87 -38.06 -25.82
CA ALA B 175 29.00 -37.02 -26.84
C ALA B 175 29.67 -35.72 -26.43
N PHE B 176 30.38 -35.11 -27.39
CA PHE B 176 31.06 -33.84 -27.18
C PHE B 176 30.23 -32.72 -27.79
N SER B 177 30.34 -31.52 -27.23
CA SER B 177 29.63 -30.35 -27.72
C SER B 177 30.67 -29.35 -28.21
N ARG B 178 30.67 -28.18 -27.58
CA ARG B 178 31.60 -27.09 -27.89
C ARG B 178 32.38 -27.28 -29.21
N LEU B 179 31.84 -26.76 -30.31
CA LEU B 179 32.51 -26.87 -31.60
C LEU B 179 31.99 -25.88 -32.64
N ARG B 180 32.21 -26.20 -33.92
CA ARG B 180 31.75 -25.37 -35.02
C ARG B 180 30.45 -25.97 -35.56
N ASN B 181 29.32 -25.44 -35.11
CA ASN B 181 28.01 -25.91 -35.55
C ASN B 181 27.77 -27.35 -35.13
N GLU B 182 28.70 -27.88 -34.34
CA GLU B 182 28.59 -29.24 -33.83
C GLU B 182 28.36 -29.15 -32.33
N ASN B 183 27.25 -29.71 -31.86
CA ASN B 183 26.93 -29.70 -30.45
C ASN B 183 26.56 -31.11 -29.99
N LEU B 184 26.59 -32.04 -30.94
CA LEU B 184 26.28 -33.43 -30.65
C LEU B 184 27.13 -34.34 -31.53
N VAL B 185 28.31 -34.70 -31.04
CA VAL B 185 29.21 -35.56 -31.80
C VAL B 185 29.80 -36.69 -30.95
N VAL B 186 29.60 -37.93 -31.38
CA VAL B 186 30.14 -39.09 -30.67
C VAL B 186 31.48 -39.41 -31.35
N VAL B 187 32.55 -39.57 -30.57
CA VAL B 187 33.89 -39.84 -31.11
C VAL B 187 34.62 -41.02 -30.43
N PRO B 188 34.74 -42.15 -31.13
CA PRO B 188 35.37 -43.42 -30.70
C PRO B 188 36.53 -43.52 -29.70
N MET B 189 37.70 -42.95 -29.98
CA MET B 189 38.75 -43.12 -28.98
C MET B 189 38.65 -41.99 -27.96
N ALA B 190 38.33 -40.81 -28.47
CA ALA B 190 38.23 -39.63 -27.64
C ALA B 190 37.35 -39.82 -26.40
N ASP B 191 36.19 -40.45 -26.54
CA ASP B 191 35.32 -40.60 -25.37
C ASP B 191 35.75 -41.50 -24.26
N LEU B 192 36.97 -42.02 -24.29
CA LEU B 192 37.44 -42.87 -23.20
C LEU B 192 38.01 -41.97 -22.12
N ILE B 193 38.22 -40.72 -22.46
CA ILE B 193 38.79 -39.79 -21.49
C ILE B 193 37.82 -39.52 -20.33
N ASN B 194 38.30 -39.62 -19.09
CA ASN B 194 37.46 -39.39 -17.93
C ASN B 194 37.56 -37.97 -17.34
N HIS B 195 36.65 -37.67 -16.40
CA HIS B 195 36.59 -36.37 -15.76
C HIS B 195 37.36 -36.27 -14.45
N SER B 196 37.96 -35.10 -14.20
CA SER B 196 38.68 -34.88 -12.95
C SER B 196 38.47 -33.44 -12.48
N ALA B 197 38.13 -33.29 -11.20
CA ALA B 197 37.90 -31.97 -10.63
C ALA B 197 39.24 -31.28 -10.57
N GLY B 198 40.28 -32.05 -10.91
CA GLY B 198 41.63 -31.50 -10.92
C GLY B 198 41.88 -30.61 -12.12
N VAL B 199 41.04 -30.74 -13.14
CA VAL B 199 41.14 -29.92 -14.35
C VAL B 199 40.23 -28.70 -14.19
N THR B 200 40.82 -27.52 -14.31
CA THR B 200 40.08 -26.28 -14.13
C THR B 200 39.88 -25.43 -15.36
N THR B 201 40.12 -25.99 -16.55
CA THR B 201 39.93 -25.27 -17.80
C THR B 201 39.16 -26.19 -18.76
N GLU B 202 38.73 -25.64 -19.90
CA GLU B 202 38.01 -26.47 -20.85
C GLU B 202 38.59 -26.43 -22.26
N ASP B 203 39.87 -26.12 -22.36
CA ASP B 203 40.52 -26.11 -23.66
C ASP B 203 41.20 -27.44 -23.88
N HIS B 204 40.43 -28.42 -24.33
CA HIS B 204 41.00 -29.75 -24.55
C HIS B 204 40.71 -30.29 -25.92
N ALA B 205 39.68 -29.77 -26.58
CA ALA B 205 39.32 -30.25 -27.91
C ALA B 205 39.26 -29.14 -28.94
N TYR B 206 39.74 -29.45 -30.14
CA TYR B 206 39.74 -28.54 -31.28
C TYR B 206 39.76 -29.38 -32.55
N GLU B 207 39.29 -28.82 -33.67
CA GLU B 207 39.29 -29.58 -34.91
C GLU B 207 40.20 -29.02 -35.99
N VAL B 208 40.55 -29.88 -36.95
CA VAL B 208 41.39 -29.50 -38.07
C VAL B 208 40.61 -29.80 -39.35
N LYS B 209 39.95 -28.77 -39.89
CA LYS B 209 39.13 -28.93 -41.08
C LYS B 209 39.78 -28.51 -42.40
N GLY B 210 38.94 -28.04 -43.33
CA GLY B 210 39.36 -27.63 -44.66
C GLY B 210 40.29 -26.43 -44.81
N ALA B 211 40.47 -25.64 -43.77
CA ALA B 211 41.37 -24.50 -43.85
C ALA B 211 42.77 -25.09 -44.01
N ALA B 212 42.94 -26.32 -43.52
CA ALA B 212 44.21 -27.04 -43.59
C ALA B 212 44.34 -27.89 -44.85
N GLY B 213 43.52 -27.58 -45.86
CA GLY B 213 43.55 -28.31 -47.12
C GLY B 213 43.22 -29.80 -47.12
N LEU B 214 42.51 -30.27 -46.11
CA LEU B 214 42.15 -31.69 -46.02
C LEU B 214 40.73 -31.88 -46.52
N PHE B 215 40.38 -33.12 -46.84
CA PHE B 215 39.02 -33.41 -47.28
C PHE B 215 38.16 -33.48 -46.02
N SER B 216 36.85 -33.31 -46.16
CA SER B 216 35.96 -33.33 -45.01
C SER B 216 36.04 -34.62 -44.18
N TRP B 217 36.09 -35.77 -44.86
CA TRP B 217 36.17 -37.05 -44.16
C TRP B 217 37.50 -37.32 -43.45
N ASP B 218 38.46 -36.41 -43.58
CA ASP B 218 39.74 -36.56 -42.88
C ASP B 218 39.90 -35.45 -41.87
N TYR B 219 38.85 -34.67 -41.67
CA TYR B 219 38.88 -33.60 -40.68
C TYR B 219 39.18 -34.26 -39.35
N LEU B 220 40.02 -33.64 -38.54
CA LEU B 220 40.40 -34.23 -37.27
C LEU B 220 39.84 -33.65 -35.96
N PHE B 221 39.32 -34.55 -35.11
CA PHE B 221 38.83 -34.16 -33.79
C PHE B 221 40.08 -34.36 -32.92
N SER B 222 40.72 -33.26 -32.54
CA SER B 222 41.92 -33.34 -31.73
C SER B 222 41.66 -33.07 -30.27
N LEU B 223 42.28 -33.88 -29.42
CA LEU B 223 42.11 -33.72 -28.00
C LEU B 223 43.48 -33.54 -27.38
N LYS B 224 43.64 -32.55 -26.50
CA LYS B 224 44.92 -32.38 -25.84
C LYS B 224 44.75 -32.46 -24.33
N SER B 225 45.84 -32.78 -23.65
CA SER B 225 45.84 -32.93 -22.21
C SER B 225 45.98 -31.60 -21.51
N PRO B 226 44.94 -31.14 -20.81
CA PRO B 226 45.03 -29.85 -20.11
C PRO B 226 46.02 -29.85 -18.95
N LEU B 227 46.40 -31.02 -18.47
CA LEU B 227 47.34 -31.06 -17.37
C LEU B 227 48.55 -31.87 -17.77
N SER B 228 49.61 -31.78 -16.98
CA SER B 228 50.80 -32.56 -17.25
C SER B 228 50.55 -33.87 -16.53
N VAL B 229 50.95 -34.98 -17.15
CA VAL B 229 50.72 -36.29 -16.59
C VAL B 229 51.94 -37.17 -16.72
N LYS B 230 52.40 -37.73 -15.60
CA LYS B 230 53.55 -38.61 -15.62
C LYS B 230 53.14 -39.96 -16.23
N ALA B 231 54.09 -40.69 -16.81
CA ALA B 231 53.80 -41.99 -17.42
C ALA B 231 53.18 -42.89 -16.38
N GLY B 232 52.14 -43.61 -16.78
CA GLY B 232 51.47 -44.50 -15.86
C GLY B 232 50.21 -43.89 -15.26
N GLU B 233 50.14 -42.56 -15.19
CA GLU B 233 48.98 -41.88 -14.63
C GLU B 233 47.88 -41.67 -15.65
N GLN B 234 46.68 -41.38 -15.16
CA GLN B 234 45.53 -41.19 -16.04
C GLN B 234 45.46 -39.78 -16.62
N VAL B 235 44.97 -39.66 -17.84
CA VAL B 235 44.83 -38.37 -18.47
C VAL B 235 43.34 -37.98 -18.37
N TYR B 236 43.07 -36.84 -17.73
CA TYR B 236 41.71 -36.36 -17.55
C TYR B 236 41.41 -35.00 -18.23
N ILE B 237 40.13 -34.71 -18.42
CA ILE B 237 39.70 -33.41 -18.92
C ILE B 237 38.60 -32.99 -17.97
N GLN B 238 38.09 -31.77 -18.12
CA GLN B 238 37.00 -31.26 -17.28
C GLN B 238 35.78 -31.37 -18.15
N TYR B 239 34.72 -31.99 -17.65
CA TYR B 239 33.53 -32.16 -18.47
C TYR B 239 32.70 -30.91 -18.61
N ASP B 240 32.61 -30.13 -17.55
CA ASP B 240 31.84 -28.89 -17.58
C ASP B 240 31.86 -28.16 -16.25
N LEU B 241 32.56 -27.04 -16.22
CA LEU B 241 32.69 -26.27 -15.00
C LEU B 241 31.35 -25.74 -14.48
N ASN B 242 30.36 -25.63 -15.36
CA ASN B 242 29.07 -25.06 -14.97
C ASN B 242 27.93 -25.98 -14.55
N LYS B 243 28.02 -27.27 -14.83
CA LYS B 243 26.97 -28.18 -14.42
C LYS B 243 26.85 -28.31 -12.91
N SER B 244 25.66 -28.66 -12.43
CA SER B 244 25.42 -28.87 -11.00
C SER B 244 25.59 -30.36 -10.77
N ASN B 245 25.71 -30.77 -9.50
CA ASN B 245 25.84 -32.19 -9.23
C ASN B 245 24.64 -32.92 -9.81
N ALA B 246 23.47 -32.29 -9.69
CA ALA B 246 22.27 -32.90 -10.22
C ALA B 246 22.46 -33.21 -11.71
N GLU B 247 23.07 -32.29 -12.44
CA GLU B 247 23.29 -32.51 -13.87
C GLU B 247 24.38 -33.55 -14.16
N LEU B 248 25.41 -33.55 -13.33
CA LEU B 248 26.48 -34.49 -13.49
C LEU B 248 25.92 -35.88 -13.27
N ALA B 249 24.97 -35.97 -12.34
CA ALA B 249 24.29 -37.22 -11.98
C ALA B 249 23.43 -37.77 -13.11
N LEU B 250 22.59 -36.92 -13.68
CA LEU B 250 21.73 -37.37 -14.77
C LEU B 250 22.48 -37.68 -16.06
N ASP B 251 23.45 -36.84 -16.42
CA ASP B 251 24.23 -37.00 -17.64
C ASP B 251 25.25 -38.14 -17.59
N TYR B 252 26.09 -38.14 -16.56
CA TYR B 252 27.11 -39.17 -16.35
C TYR B 252 26.74 -39.84 -15.04
N GLY B 253 27.31 -41.00 -14.75
CA GLY B 253 26.91 -41.63 -13.49
C GLY B 253 27.67 -41.20 -12.26
N PHE B 254 27.85 -39.89 -12.04
CA PHE B 254 28.60 -39.47 -10.86
C PHE B 254 28.36 -38.03 -10.40
N ILE B 255 28.99 -37.65 -9.29
CA ILE B 255 28.89 -36.30 -8.74
C ILE B 255 30.17 -35.95 -8.01
N GLU B 256 30.34 -34.68 -7.66
CA GLU B 256 31.54 -34.27 -6.94
C GLU B 256 31.25 -33.88 -5.50
N PRO B 257 32.29 -33.89 -4.66
CA PRO B 257 32.18 -33.53 -3.25
C PRO B 257 32.06 -32.02 -3.13
N ASN B 258 32.61 -31.30 -4.10
CA ASN B 258 32.58 -29.85 -4.08
C ASN B 258 31.19 -29.30 -3.84
N GLU B 259 31.00 -28.69 -2.68
CA GLU B 259 29.70 -28.10 -2.31
C GLU B 259 29.25 -27.00 -3.27
N ASN B 260 30.18 -26.50 -4.07
CA ASN B 260 29.86 -25.44 -5.04
C ASN B 260 29.16 -25.98 -6.28
N ARG B 261 29.02 -27.31 -6.39
CA ARG B 261 28.33 -27.92 -7.53
C ARG B 261 26.86 -28.13 -7.18
N HIS B 262 26.53 -27.94 -5.90
CA HIS B 262 25.18 -28.12 -5.41
C HIS B 262 24.24 -27.01 -5.85
N ALA B 263 23.17 -27.37 -6.54
CA ALA B 263 22.22 -26.39 -7.02
C ALA B 263 20.79 -26.89 -6.90
N TYR B 264 19.86 -25.94 -6.99
CA TYR B 264 18.44 -26.23 -6.92
C TYR B 264 17.79 -25.20 -7.83
N THR B 265 16.87 -25.63 -8.68
CA THR B 265 16.27 -24.64 -9.55
C THR B 265 14.80 -24.38 -9.19
N LEU B 266 14.48 -23.09 -9.14
CA LEU B 266 13.13 -22.62 -8.84
C LEU B 266 12.43 -22.39 -10.16
N THR B 267 11.13 -22.67 -10.18
CA THR B 267 10.36 -22.45 -11.39
C THR B 267 9.33 -21.37 -11.14
N LEU B 268 9.38 -20.32 -11.94
CA LEU B 268 8.44 -19.19 -11.79
C LEU B 268 7.58 -19.01 -13.04
N GLU B 269 6.29 -18.79 -12.83
CA GLU B 269 5.41 -18.57 -13.97
C GLU B 269 4.30 -17.59 -13.68
N ILE B 270 3.86 -16.93 -14.75
CA ILE B 270 2.78 -15.98 -14.67
C ILE B 270 1.53 -16.78 -14.96
N SER B 271 0.77 -17.08 -13.91
CA SER B 271 -0.45 -17.87 -14.04
C SER B 271 -1.49 -17.17 -14.91
N GLU B 272 -2.19 -17.95 -15.73
CA GLU B 272 -3.22 -17.38 -16.60
C GLU B 272 -4.44 -16.94 -15.79
N SER B 273 -4.51 -17.36 -14.53
CA SER B 273 -5.61 -16.97 -13.67
C SER B 273 -5.28 -15.62 -13.03
N ASP B 274 -4.10 -15.08 -13.34
CA ASP B 274 -3.70 -13.79 -12.79
C ASP B 274 -4.49 -12.70 -13.51
N PRO B 275 -5.24 -11.89 -12.74
CA PRO B 275 -6.03 -10.82 -13.35
C PRO B 275 -5.26 -9.92 -14.31
N PHE B 276 -3.94 -9.84 -14.16
CA PHE B 276 -3.16 -8.99 -15.06
C PHE B 276 -2.22 -9.81 -15.97
N PHE B 277 -2.61 -11.05 -16.24
CA PHE B 277 -1.83 -11.96 -17.07
C PHE B 277 -1.23 -11.30 -18.30
N ASP B 278 -2.09 -10.99 -19.26
CA ASP B 278 -1.66 -10.41 -20.52
C ASP B 278 -0.64 -9.29 -20.40
N ASP B 279 -0.83 -8.38 -19.43
CA ASP B 279 0.13 -7.29 -19.26
C ASP B 279 1.46 -7.85 -18.75
N LYS B 280 1.41 -8.70 -17.72
CA LYS B 280 2.62 -9.28 -17.16
C LYS B 280 3.43 -10.07 -18.19
N LEU B 281 2.76 -10.88 -18.99
CA LEU B 281 3.44 -11.69 -19.99
C LEU B 281 4.14 -10.82 -21.02
N ASP B 282 3.55 -9.66 -21.31
CA ASP B 282 4.15 -8.74 -22.26
C ASP B 282 5.42 -8.20 -21.65
N VAL B 283 5.38 -7.88 -20.35
CA VAL B 283 6.55 -7.38 -19.68
C VAL B 283 7.64 -8.44 -19.68
N ALA B 284 7.24 -9.67 -19.36
CA ALA B 284 8.17 -10.80 -19.30
C ALA B 284 8.90 -11.04 -20.62
N GLU B 285 8.14 -11.20 -21.70
CA GLU B 285 8.73 -11.45 -23.01
C GLU B 285 9.52 -10.27 -23.56
N SER B 286 9.01 -9.06 -23.33
CA SER B 286 9.69 -7.86 -23.81
C SER B 286 11.01 -7.66 -23.05
N ASN B 287 11.25 -8.49 -22.05
CA ASN B 287 12.48 -8.34 -21.30
C ASN B 287 13.33 -9.60 -21.25
N GLY B 288 13.06 -10.50 -22.18
CA GLY B 288 13.82 -11.72 -22.29
C GLY B 288 13.41 -12.92 -21.47
N PHE B 289 12.12 -13.04 -21.15
CA PHE B 289 11.67 -14.18 -20.37
C PHE B 289 10.35 -14.73 -20.93
N ALA B 290 10.00 -15.93 -20.52
CA ALA B 290 8.76 -16.56 -21.01
C ALA B 290 7.68 -16.65 -19.93
N GLN B 291 6.53 -17.18 -20.33
CA GLN B 291 5.41 -17.34 -19.41
C GLN B 291 5.88 -18.19 -18.23
N THR B 292 6.90 -19.01 -18.47
CA THR B 292 7.49 -19.86 -17.43
C THR B 292 8.99 -19.71 -17.50
N ALA B 293 9.61 -19.41 -16.36
CA ALA B 293 11.05 -19.21 -16.31
C ALA B 293 11.71 -20.13 -15.28
N TYR B 294 12.95 -20.52 -15.52
CA TYR B 294 13.68 -21.40 -14.61
C TYR B 294 14.92 -20.68 -14.11
N PHE B 295 15.10 -20.62 -12.80
CA PHE B 295 16.25 -19.96 -12.21
C PHE B 295 17.06 -20.93 -11.36
N ASP B 296 18.32 -21.14 -11.73
CA ASP B 296 19.18 -22.05 -10.98
C ASP B 296 19.88 -21.30 -9.88
N ILE B 297 19.87 -21.90 -8.69
CA ILE B 297 20.52 -21.29 -7.55
C ILE B 297 21.60 -22.24 -7.06
N PHE B 298 22.85 -21.82 -7.17
CA PHE B 298 23.96 -22.64 -6.74
C PHE B 298 24.41 -22.25 -5.33
N TYR B 299 24.79 -23.26 -4.56
CA TYR B 299 25.25 -23.02 -3.20
C TYR B 299 26.35 -21.95 -3.17
N ASN B 300 26.30 -21.10 -2.15
CA ASN B 300 27.28 -20.04 -1.97
C ASN B 300 27.38 -18.99 -3.09
N ARG B 301 26.58 -19.12 -4.14
CA ARG B 301 26.63 -18.12 -5.23
C ARG B 301 25.48 -17.12 -5.03
N THR B 302 25.62 -15.90 -5.55
CA THR B 302 24.53 -14.94 -5.41
C THR B 302 23.41 -15.28 -6.37
N LEU B 303 22.19 -14.91 -5.98
CA LEU B 303 21.00 -15.19 -6.77
C LEU B 303 21.14 -14.75 -8.22
N PRO B 304 20.68 -15.59 -9.16
CA PRO B 304 20.78 -15.22 -10.57
C PRO B 304 20.02 -13.95 -10.90
N PRO B 305 20.56 -13.13 -11.80
CA PRO B 305 19.84 -11.90 -12.13
C PRO B 305 18.52 -12.30 -12.78
N GLY B 306 17.48 -11.52 -12.53
CA GLY B 306 16.18 -11.83 -13.10
C GLY B 306 15.23 -12.52 -12.11
N LEU B 307 15.77 -13.23 -11.13
CA LEU B 307 14.90 -13.92 -10.17
C LEU B 307 14.05 -12.94 -9.36
N LEU B 308 14.68 -12.01 -8.65
CA LEU B 308 13.91 -11.06 -7.85
C LEU B 308 12.89 -10.25 -8.66
N PRO B 309 13.33 -9.66 -9.77
CA PRO B 309 12.37 -8.89 -10.56
C PRO B 309 11.22 -9.73 -11.10
N TYR B 310 11.48 -11.01 -11.38
CA TYR B 310 10.43 -11.87 -11.90
C TYR B 310 9.49 -12.21 -10.76
N LEU B 311 10.06 -12.46 -9.58
CA LEU B 311 9.25 -12.79 -8.41
C LEU B 311 8.32 -11.62 -8.17
N ARG B 312 8.89 -10.42 -8.15
CA ARG B 312 8.13 -9.20 -7.93
C ARG B 312 7.03 -9.07 -8.97
N LEU B 313 7.36 -9.39 -10.22
CA LEU B 313 6.38 -9.29 -11.29
C LEU B 313 5.24 -10.25 -11.02
N VAL B 314 5.53 -11.40 -10.44
CA VAL B 314 4.50 -12.39 -10.15
C VAL B 314 3.61 -11.93 -9.01
N ALA B 315 4.22 -11.43 -7.96
CA ALA B 315 3.46 -11.00 -6.81
C ALA B 315 2.87 -9.60 -6.99
N LEU B 316 3.11 -8.97 -8.14
CA LEU B 316 2.66 -7.59 -8.36
C LEU B 316 1.49 -7.15 -7.48
N GLY B 317 0.24 -7.38 -7.91
CA GLY B 317 -0.89 -6.99 -7.08
C GLY B 317 -1.71 -5.81 -7.58
N GLY B 318 -2.86 -5.52 -6.94
CA GLY B 318 -3.70 -4.43 -7.38
C GLY B 318 -3.11 -3.05 -7.20
N THR B 319 -2.90 -2.66 -5.94
CA THR B 319 -2.29 -1.38 -5.57
C THR B 319 -1.23 -0.93 -6.59
N ASP B 320 -0.21 -1.77 -6.80
CA ASP B 320 0.92 -1.48 -7.71
C ASP B 320 0.74 -1.84 -9.17
N ALA B 321 -0.43 -2.32 -9.58
CA ALA B 321 -0.58 -2.71 -10.97
C ALA B 321 -0.47 -1.55 -11.94
N PHE B 322 -0.46 -0.33 -11.42
CA PHE B 322 -0.37 0.85 -12.27
C PHE B 322 0.90 0.78 -13.10
N LEU B 323 1.89 0.04 -12.60
CA LEU B 323 3.16 -0.10 -13.31
C LEU B 323 2.99 -0.82 -14.64
N LEU B 324 1.86 -1.51 -14.78
CA LEU B 324 1.61 -2.26 -16.02
C LEU B 324 1.04 -1.39 -17.15
N GLU B 325 0.84 -0.11 -16.89
CA GLU B 325 0.33 0.82 -17.91
C GLU B 325 1.41 1.07 -18.95
N SER B 326 1.02 1.55 -20.13
CA SER B 326 1.97 1.84 -21.20
C SER B 326 3.00 2.92 -20.81
N LEU B 327 2.62 3.79 -19.90
CA LEU B 327 3.52 4.85 -19.44
C LEU B 327 4.86 4.29 -18.94
N PHE B 328 4.81 3.21 -18.18
CA PHE B 328 6.03 2.61 -17.62
C PHE B 328 6.64 1.44 -18.40
N ARG B 329 5.99 1.02 -19.48
CA ARG B 329 6.53 -0.11 -20.24
C ARG B 329 8.02 0.01 -20.57
N ASP B 330 8.56 1.22 -20.46
CA ASP B 330 9.98 1.41 -20.76
C ASP B 330 10.89 1.52 -19.55
N THR B 331 10.33 1.42 -18.37
CA THR B 331 11.14 1.49 -17.16
C THR B 331 10.62 0.52 -16.13
N ILE B 332 9.61 -0.26 -16.51
CA ILE B 332 9.03 -1.22 -15.57
C ILE B 332 10.03 -2.25 -15.13
N TRP B 333 10.74 -2.86 -16.07
CA TRP B 333 11.72 -3.85 -15.70
C TRP B 333 12.78 -3.23 -14.78
N GLY B 334 13.09 -1.96 -15.00
CA GLY B 334 14.07 -1.29 -14.16
C GLY B 334 13.53 -1.18 -12.74
N HIS B 335 12.25 -0.86 -12.63
CA HIS B 335 11.62 -0.73 -11.32
C HIS B 335 11.53 -2.09 -10.64
N LEU B 336 11.27 -3.13 -11.43
CA LEU B 336 11.19 -4.47 -10.87
C LEU B 336 12.56 -4.89 -10.33
N GLU B 337 13.63 -4.32 -10.90
CA GLU B 337 14.97 -4.65 -10.44
C GLU B 337 15.29 -3.89 -9.15
N LEU B 338 14.80 -2.66 -9.06
CA LEU B 338 15.05 -1.84 -7.86
C LEU B 338 14.09 -2.13 -6.69
N SER B 339 12.92 -2.72 -7.00
CA SER B 339 11.86 -3.10 -6.05
C SER B 339 10.57 -2.31 -6.28
N VAL B 340 9.44 -2.92 -5.96
CA VAL B 340 8.14 -2.29 -6.15
C VAL B 340 7.62 -1.58 -4.90
N SER B 341 7.23 -2.37 -3.91
CA SER B 341 6.71 -1.82 -2.66
C SER B 341 6.97 -2.82 -1.55
N ARG B 342 6.91 -2.37 -0.30
CA ARG B 342 7.14 -3.27 0.83
C ARG B 342 6.12 -4.39 0.81
N ASP B 343 4.89 -4.09 0.42
CA ASP B 343 3.86 -5.12 0.37
C ASP B 343 4.26 -6.19 -0.64
N ASN B 344 4.74 -5.73 -1.79
CA ASN B 344 5.14 -6.63 -2.86
C ASN B 344 6.31 -7.51 -2.45
N GLU B 345 7.31 -6.92 -1.80
CA GLU B 345 8.49 -7.64 -1.36
C GLU B 345 8.13 -8.64 -0.28
N GLU B 346 7.29 -8.21 0.65
CA GLU B 346 6.90 -9.09 1.76
C GLU B 346 6.16 -10.32 1.29
N LEU B 347 5.40 -10.16 0.21
CA LEU B 347 4.61 -11.23 -0.35
C LEU B 347 5.50 -12.26 -1.04
N LEU B 348 6.44 -11.79 -1.86
CA LEU B 348 7.32 -12.72 -2.55
C LEU B 348 8.23 -13.44 -1.56
N CYS B 349 8.65 -12.73 -0.51
CA CYS B 349 9.48 -13.37 0.49
C CYS B 349 8.71 -14.54 1.07
N LYS B 350 7.54 -14.28 1.64
CA LYS B 350 6.76 -15.37 2.23
C LYS B 350 6.48 -16.49 1.24
N ALA B 351 6.22 -16.16 -0.01
CA ALA B 351 5.95 -17.21 -0.99
C ALA B 351 7.14 -18.18 -1.07
N VAL B 352 8.34 -17.62 -1.23
CA VAL B 352 9.57 -18.39 -1.32
C VAL B 352 9.89 -19.22 -0.07
N ARG B 353 9.90 -18.58 1.09
CA ARG B 353 10.21 -19.30 2.32
C ARG B 353 9.27 -20.49 2.53
N GLU B 354 7.99 -20.30 2.23
CA GLU B 354 7.03 -21.38 2.40
C GLU B 354 7.37 -22.51 1.45
N ALA B 355 7.81 -22.16 0.24
CA ALA B 355 8.16 -23.18 -0.74
C ALA B 355 9.34 -23.99 -0.19
N CYS B 356 10.33 -23.29 0.37
CA CYS B 356 11.50 -23.95 0.94
C CYS B 356 11.14 -24.92 2.06
N LYS B 357 10.42 -24.43 3.05
CA LYS B 357 10.04 -25.27 4.18
C LYS B 357 9.26 -26.49 3.69
N SER B 358 8.27 -26.26 2.84
CA SER B 358 7.48 -27.35 2.31
C SER B 358 8.39 -28.39 1.63
N ALA B 359 9.30 -27.91 0.77
CA ALA B 359 10.23 -28.79 0.05
C ALA B 359 11.12 -29.63 0.97
N LEU B 360 11.77 -28.94 1.91
CA LEU B 360 12.66 -29.57 2.88
C LEU B 360 12.02 -30.70 3.65
N ALA B 361 10.71 -30.63 3.80
CA ALA B 361 9.95 -31.63 4.54
C ALA B 361 9.63 -32.87 3.72
N GLY B 362 9.98 -32.84 2.43
CA GLY B 362 9.71 -33.98 1.57
C GLY B 362 10.81 -35.03 1.57
N TYR B 363 11.95 -34.69 2.19
CA TYR B 363 13.08 -35.59 2.28
C TYR B 363 12.94 -36.50 3.49
N HIS B 364 13.36 -37.76 3.36
CA HIS B 364 13.26 -38.72 4.44
C HIS B 364 14.48 -38.86 5.34
N THR B 365 15.47 -37.99 5.18
CA THR B 365 16.66 -38.08 6.02
C THR B 365 17.16 -36.67 6.30
N THR B 366 17.72 -36.46 7.47
CA THR B 366 18.22 -35.14 7.81
C THR B 366 19.62 -34.98 7.25
N ILE B 367 20.09 -33.75 7.19
CA ILE B 367 21.41 -33.47 6.68
C ILE B 367 22.42 -34.21 7.55
N GLU B 368 22.21 -34.17 8.86
CA GLU B 368 23.10 -34.82 9.82
C GLU B 368 23.20 -36.32 9.54
N GLN B 369 22.11 -36.92 9.09
CA GLN B 369 22.09 -38.34 8.80
C GLN B 369 22.87 -38.62 7.52
N ASP B 370 22.69 -37.75 6.54
CA ASP B 370 23.38 -37.88 5.27
C ASP B 370 24.89 -37.81 5.51
N ARG B 371 25.31 -36.75 6.17
CA ARG B 371 26.72 -36.55 6.45
C ARG B 371 27.37 -37.73 7.17
N GLU B 372 26.63 -38.41 8.02
CA GLU B 372 27.22 -39.55 8.72
C GLU B 372 27.39 -40.69 7.72
N LEU B 373 26.34 -40.98 6.96
CA LEU B 373 26.38 -42.02 5.94
C LEU B 373 27.63 -41.84 5.07
N LYS B 374 27.91 -40.60 4.68
CA LYS B 374 29.06 -40.30 3.85
C LYS B 374 30.37 -40.67 4.53
N GLU B 375 30.40 -40.59 5.85
CA GLU B 375 31.62 -40.89 6.59
C GLU B 375 31.99 -42.38 6.41
N GLY B 376 31.03 -43.17 5.91
CA GLY B 376 31.29 -44.59 5.68
C GLY B 376 31.55 -44.90 4.21
N ASN B 377 31.40 -46.18 3.85
CA ASN B 377 31.62 -46.61 2.46
C ASN B 377 30.27 -46.88 1.84
N LEU B 378 29.92 -46.11 0.84
CA LEU B 378 28.62 -46.27 0.17
C LEU B 378 28.74 -46.80 -1.27
N ASP B 379 27.72 -47.51 -1.73
CA ASP B 379 27.68 -48.04 -3.09
C ASP B 379 27.55 -46.80 -3.99
N SER B 380 28.13 -46.84 -5.19
CA SER B 380 28.08 -45.68 -6.07
C SER B 380 26.71 -44.98 -6.23
N ARG B 381 25.64 -45.74 -6.43
CA ARG B 381 24.33 -45.09 -6.57
C ARG B 381 23.80 -44.53 -5.25
N LEU B 382 24.13 -45.17 -4.14
CA LEU B 382 23.69 -44.66 -2.85
C LEU B 382 24.45 -43.38 -2.59
N ALA B 383 25.75 -43.42 -2.86
CA ALA B 383 26.62 -42.25 -2.67
C ALA B 383 26.09 -41.06 -3.45
N ILE B 384 25.63 -41.30 -4.67
CA ILE B 384 25.11 -40.22 -5.49
C ILE B 384 23.85 -39.63 -4.84
N ALA B 385 22.95 -40.51 -4.43
CA ALA B 385 21.69 -40.10 -3.82
C ALA B 385 21.94 -39.30 -2.54
N VAL B 386 22.86 -39.76 -1.70
CA VAL B 386 23.16 -39.07 -0.46
C VAL B 386 23.78 -37.69 -0.67
N GLY B 387 24.77 -37.60 -1.56
CA GLY B 387 25.39 -36.32 -1.83
C GLY B 387 24.43 -35.34 -2.48
N ILE B 388 23.59 -35.83 -3.40
CA ILE B 388 22.63 -34.97 -4.04
C ILE B 388 21.64 -34.40 -3.03
N ARG B 389 20.84 -35.29 -2.44
CA ARG B 389 19.84 -34.87 -1.47
C ARG B 389 20.45 -34.00 -0.37
N GLU B 390 21.62 -34.35 0.14
CA GLU B 390 22.24 -33.50 1.15
C GLU B 390 22.41 -32.12 0.56
N GLY B 391 23.00 -32.08 -0.63
CA GLY B 391 23.25 -30.82 -1.31
C GLY B 391 22.00 -30.01 -1.52
N GLU B 392 20.92 -30.64 -1.97
CA GLU B 392 19.67 -29.94 -2.21
C GLU B 392 19.14 -29.31 -0.92
N LYS B 393 19.32 -30.00 0.20
CA LYS B 393 18.84 -29.47 1.46
C LYS B 393 19.63 -28.24 1.82
N MET B 394 20.93 -28.26 1.54
CA MET B 394 21.80 -27.14 1.85
C MET B 394 21.34 -25.90 1.10
N VAL B 395 21.06 -26.06 -0.18
CA VAL B 395 20.63 -24.93 -0.99
C VAL B 395 19.28 -24.44 -0.50
N LEU B 396 18.32 -25.35 -0.37
CA LEU B 396 17.00 -24.97 0.11
C LEU B 396 17.14 -24.12 1.37
N GLN B 397 17.90 -24.62 2.34
CA GLN B 397 18.10 -23.90 3.59
C GLN B 397 18.80 -22.57 3.40
N GLN B 398 19.68 -22.48 2.42
CA GLN B 398 20.41 -21.24 2.16
C GLN B 398 19.47 -20.23 1.52
N ILE B 399 18.51 -20.71 0.73
CA ILE B 399 17.56 -19.82 0.08
C ILE B 399 16.63 -19.23 1.14
N ASP B 400 16.06 -20.10 1.96
CA ASP B 400 15.16 -19.65 3.01
C ASP B 400 15.90 -18.70 3.95
N GLY B 401 17.19 -18.93 4.10
CA GLY B 401 17.98 -18.06 4.96
C GLY B 401 18.12 -16.71 4.31
N ILE B 402 18.39 -16.70 3.00
CA ILE B 402 18.55 -15.46 2.29
C ILE B 402 17.30 -14.59 2.43
N PHE B 403 16.15 -15.21 2.15
CA PHE B 403 14.90 -14.49 2.22
C PHE B 403 14.40 -14.20 3.62
N GLU B 404 15.03 -14.80 4.63
CA GLU B 404 14.65 -14.54 6.01
C GLU B 404 15.30 -13.21 6.36
N GLN B 405 16.54 -13.03 5.90
CA GLN B 405 17.26 -11.79 6.12
C GLN B 405 16.47 -10.69 5.43
N LYS B 406 16.03 -10.97 4.22
CA LYS B 406 15.26 -10.01 3.45
C LYS B 406 14.06 -9.54 4.26
N GLU B 407 13.40 -10.46 4.96
CA GLU B 407 12.23 -10.10 5.75
C GLU B 407 12.61 -9.18 6.92
N LEU B 408 13.86 -9.25 7.35
CA LEU B 408 14.32 -8.40 8.45
C LEU B 408 14.77 -7.04 7.93
N GLU B 409 15.29 -7.01 6.69
CA GLU B 409 15.75 -5.77 6.11
C GLU B 409 14.66 -5.22 5.20
N LEU B 410 13.44 -5.68 5.43
CA LEU B 410 12.30 -5.28 4.62
C LEU B 410 12.09 -3.76 4.50
N ASP B 411 12.50 -3.01 5.53
CA ASP B 411 12.33 -1.55 5.52
C ASP B 411 13.59 -0.80 5.13
N GLN B 412 14.61 -1.52 4.69
CA GLN B 412 15.87 -0.89 4.27
C GLN B 412 15.92 -0.65 2.77
N LEU B 413 15.05 -1.32 2.03
CA LEU B 413 15.00 -1.14 0.58
C LEU B 413 14.35 0.19 0.26
N GLU B 414 14.68 0.74 -0.91
CA GLU B 414 14.08 2.00 -1.32
C GLU B 414 13.11 1.69 -2.45
N TYR B 415 11.85 1.49 -2.08
CA TYR B 415 10.83 1.15 -3.05
C TYR B 415 10.51 2.29 -4.03
N TYR B 416 9.70 1.97 -5.04
CA TYR B 416 9.33 2.95 -6.04
C TYR B 416 9.06 4.34 -5.48
N GLN B 417 8.03 4.50 -4.66
CA GLN B 417 7.70 5.82 -4.10
C GLN B 417 8.89 6.59 -3.57
N GLU B 418 9.67 5.99 -2.68
CA GLU B 418 10.85 6.65 -2.13
C GLU B 418 11.76 7.16 -3.24
N ARG B 419 11.88 6.37 -4.29
CA ARG B 419 12.72 6.73 -5.43
C ARG B 419 12.12 7.89 -6.24
N ARG B 420 10.81 8.06 -6.12
CA ARG B 420 10.09 9.10 -6.85
C ARG B 420 10.44 10.47 -6.29
N LEU B 421 10.67 10.54 -4.98
CA LEU B 421 11.01 11.80 -4.33
C LEU B 421 12.50 12.00 -4.05
N LYS B 422 13.34 11.20 -4.69
CA LYS B 422 14.78 11.30 -4.51
C LYS B 422 15.34 12.58 -5.13
N ASP B 423 14.68 13.05 -6.20
CA ASP B 423 15.09 14.26 -6.91
C ASP B 423 14.18 15.46 -6.62
N LEU B 424 13.79 15.62 -5.37
CA LEU B 424 12.93 16.74 -5.01
C LEU B 424 13.61 18.08 -5.23
N GLY B 425 14.77 18.26 -4.59
CA GLY B 425 15.49 19.51 -4.73
C GLY B 425 15.05 20.55 -3.71
N LEU B 426 14.59 20.10 -2.55
CA LEU B 426 14.14 21.00 -1.49
C LEU B 426 15.16 22.06 -1.15
N CYS B 427 16.41 21.64 -0.99
CA CYS B 427 17.48 22.55 -0.63
C CYS B 427 18.19 23.15 -1.83
N GLY B 428 17.50 24.04 -2.53
CA GLY B 428 18.09 24.69 -3.68
C GLY B 428 18.55 26.12 -3.41
N GLU B 429 17.99 27.06 -4.17
CA GLU B 429 18.35 28.46 -4.02
C GLU B 429 17.23 29.32 -3.45
N ASN B 430 17.54 30.60 -3.25
CA ASN B 430 16.59 31.56 -2.71
C ASN B 430 15.74 32.10 -3.85
N GLY B 431 14.67 31.38 -4.17
CA GLY B 431 13.79 31.78 -5.25
C GLY B 431 13.38 33.23 -5.24
N ASP B 432 13.45 33.87 -4.08
CA ASP B 432 13.09 35.28 -3.97
C ASP B 432 14.04 36.18 -4.75
N ILE B 433 15.20 36.48 -4.16
CA ILE B 433 16.19 37.35 -4.79
C ILE B 433 16.41 37.05 -6.27
N LEU B 434 16.29 35.79 -6.67
CA LEU B 434 16.50 35.41 -8.06
C LEU B 434 15.31 35.76 -8.95
N GLU B 435 14.11 35.35 -8.55
CA GLU B 435 12.90 35.63 -9.32
C GLU B 435 12.23 36.91 -8.85
N ASN B 436 13.05 37.93 -8.59
CA ASN B 436 12.56 39.22 -8.15
C ASN B 436 13.32 40.25 -8.96
N LEU B 437 14.11 39.74 -9.90
CA LEU B 437 14.90 40.58 -10.80
C LEU B 437 14.46 40.28 -12.23
N TYR B 438 13.84 39.12 -12.43
CA TYR B 438 13.34 38.73 -13.74
C TYR B 438 12.19 39.63 -14.20
N PHE B 439 11.00 39.36 -13.70
CA PHE B 439 9.80 40.12 -14.06
C PHE B 439 9.86 41.57 -13.61
N LEU C 2 -62.43 -14.00 40.10
CA LEU C 2 -62.71 -13.36 38.78
C LEU C 2 -63.70 -12.20 38.96
N SER C 3 -63.39 -11.07 38.33
CA SER C 3 -64.25 -9.88 38.41
C SER C 3 -65.49 -10.06 37.56
N PRO C 4 -66.47 -9.14 37.70
CA PRO C 4 -67.70 -9.21 36.91
C PRO C 4 -67.40 -9.19 35.42
N ALA C 5 -66.47 -8.31 35.03
CA ALA C 5 -66.08 -8.17 33.63
C ALA C 5 -65.58 -9.49 33.02
N VAL C 6 -64.75 -10.22 33.75
CA VAL C 6 -64.24 -11.49 33.27
C VAL C 6 -65.37 -12.51 33.27
N GLN C 7 -66.11 -12.56 34.38
CA GLN C 7 -67.22 -13.48 34.51
C GLN C 7 -68.14 -13.30 33.29
N THR C 8 -68.44 -12.04 32.98
CA THR C 8 -69.29 -11.71 31.85
C THR C 8 -68.62 -12.17 30.55
N PHE C 9 -67.40 -11.69 30.30
CA PHE C 9 -66.63 -12.06 29.12
C PHE C 9 -66.68 -13.56 28.89
N TRP C 10 -66.63 -14.32 29.98
CA TRP C 10 -66.65 -15.77 29.87
C TRP C 10 -68.04 -16.23 29.44
N LYS C 11 -69.07 -15.50 29.88
CA LYS C 11 -70.44 -15.84 29.52
C LYS C 11 -70.59 -15.59 28.01
N TRP C 12 -70.14 -14.42 27.57
CA TRP C 12 -70.19 -14.07 26.16
C TRP C 12 -69.59 -15.15 25.25
N LEU C 13 -68.49 -15.75 25.69
CA LEU C 13 -67.83 -16.77 24.91
C LEU C 13 -68.67 -18.04 24.88
N GLN C 14 -69.44 -18.26 25.95
CA GLN C 14 -70.30 -19.44 26.02
C GLN C 14 -71.49 -19.27 25.06
N GLU C 15 -72.04 -18.06 25.03
CA GLU C 15 -73.16 -17.76 24.14
C GLU C 15 -72.70 -17.93 22.70
N GLU C 16 -71.54 -17.34 22.38
CA GLU C 16 -70.99 -17.44 21.02
C GLU C 16 -70.68 -18.90 20.66
N GLY C 17 -70.81 -19.79 21.64
CA GLY C 17 -70.57 -21.21 21.39
C GLY C 17 -69.11 -21.61 21.40
N VAL C 18 -68.25 -20.68 21.79
CA VAL C 18 -66.81 -20.90 21.85
C VAL C 18 -66.41 -21.76 23.06
N ILE C 19 -67.02 -21.51 24.22
CA ILE C 19 -66.74 -22.28 25.42
C ILE C 19 -67.84 -23.29 25.63
N THR C 20 -67.47 -24.52 25.99
CA THR C 20 -68.44 -25.57 26.22
C THR C 20 -67.88 -26.50 27.27
N ALA C 21 -68.56 -27.62 27.46
CA ALA C 21 -68.15 -28.63 28.44
C ALA C 21 -66.77 -29.17 28.07
N LYS C 22 -66.47 -29.20 26.76
CA LYS C 22 -65.17 -29.71 26.32
C LYS C 22 -64.01 -28.78 26.73
N THR C 23 -64.29 -27.49 26.86
CA THR C 23 -63.28 -26.51 27.25
C THR C 23 -62.58 -26.95 28.53
N PRO C 24 -61.30 -27.33 28.43
CA PRO C 24 -60.52 -27.80 29.58
C PRO C 24 -59.82 -26.70 30.37
N VAL C 25 -60.17 -25.45 30.09
CA VAL C 25 -59.49 -24.37 30.78
C VAL C 25 -60.45 -23.26 31.21
N LYS C 26 -60.03 -22.43 32.16
CA LYS C 26 -60.86 -21.32 32.66
C LYS C 26 -59.96 -20.11 32.92
N ALA C 27 -60.56 -18.93 33.06
CA ALA C 27 -59.78 -17.73 33.32
C ALA C 27 -59.37 -17.71 34.80
N SER C 28 -58.28 -17.03 35.11
CA SER C 28 -57.81 -16.99 36.48
C SER C 28 -56.91 -15.79 36.65
N VAL C 29 -56.83 -15.26 37.87
CA VAL C 29 -55.96 -14.12 38.15
C VAL C 29 -54.61 -14.71 38.53
N VAL C 30 -53.60 -14.46 37.69
CA VAL C 30 -52.26 -14.98 37.92
C VAL C 30 -51.25 -13.86 38.02
N THR C 31 -50.01 -14.18 38.35
CA THR C 31 -49.02 -13.12 38.51
C THR C 31 -48.81 -12.37 37.20
N GLU C 32 -49.03 -13.05 36.10
CA GLU C 32 -48.85 -12.43 34.80
C GLU C 32 -50.05 -11.54 34.45
N GLY C 33 -51.08 -11.58 35.30
CA GLY C 33 -52.28 -10.79 35.10
C GLY C 33 -53.43 -11.76 35.02
N LEU C 34 -54.07 -11.83 33.85
CA LEU C 34 -55.12 -12.79 33.63
C LEU C 34 -54.39 -13.93 32.89
N GLY C 35 -54.92 -15.14 32.97
CA GLY C 35 -54.27 -16.26 32.29
C GLY C 35 -55.19 -17.45 32.29
N LEU C 36 -54.82 -18.51 31.60
CA LEU C 36 -55.69 -19.67 31.55
C LEU C 36 -55.20 -20.82 32.42
N VAL C 37 -56.11 -21.33 33.22
CA VAL C 37 -55.85 -22.42 34.15
C VAL C 37 -56.62 -23.67 33.77
N ALA C 38 -55.94 -24.82 33.79
CA ALA C 38 -56.54 -26.10 33.44
C ALA C 38 -57.55 -26.54 34.48
N LEU C 39 -58.72 -26.99 34.01
CA LEU C 39 -59.82 -27.46 34.87
C LEU C 39 -59.68 -28.94 35.15
N LYS C 40 -58.84 -29.59 34.36
CA LYS C 40 -58.61 -31.02 34.50
C LYS C 40 -57.25 -31.20 33.88
N ASP C 41 -56.61 -32.34 34.12
CA ASP C 41 -55.31 -32.55 33.53
C ASP C 41 -55.41 -32.38 32.03
N ILE C 42 -54.37 -31.81 31.45
CA ILE C 42 -54.31 -31.58 30.01
C ILE C 42 -53.04 -32.22 29.49
N SER C 43 -53.09 -32.79 28.30
CA SER C 43 -51.90 -33.42 27.74
C SER C 43 -51.27 -32.61 26.62
N ARG C 44 -50.00 -32.84 26.38
CA ARG C 44 -49.32 -32.12 25.32
C ARG C 44 -50.12 -32.34 24.04
N ASN C 45 -50.24 -31.30 23.23
CA ASN C 45 -50.95 -31.34 21.97
C ASN C 45 -52.48 -31.33 22.03
N ASP C 46 -53.05 -31.42 23.23
CA ASP C 46 -54.50 -31.38 23.37
C ASP C 46 -54.98 -30.00 22.93
N VAL C 47 -56.14 -29.94 22.30
CA VAL C 47 -56.70 -28.67 21.85
C VAL C 47 -57.29 -27.95 23.06
N ILE C 48 -56.85 -26.73 23.29
CA ILE C 48 -57.33 -25.95 24.42
C ILE C 48 -58.55 -25.15 24.03
N LEU C 49 -58.56 -24.63 22.82
CA LEU C 49 -59.69 -23.83 22.38
C LEU C 49 -59.64 -23.51 20.90
N GLN C 50 -60.81 -23.23 20.33
CA GLN C 50 -60.94 -22.87 18.91
C GLN C 50 -61.89 -21.69 18.82
N VAL C 51 -61.42 -20.60 18.26
CA VAL C 51 -62.25 -19.41 18.11
C VAL C 51 -62.57 -19.23 16.63
N PRO C 52 -63.86 -19.04 16.28
CA PRO C 52 -64.30 -18.86 14.90
C PRO C 52 -63.84 -17.53 14.30
N LYS C 53 -63.59 -17.51 12.98
CA LYS C 53 -63.11 -16.31 12.30
C LYS C 53 -64.00 -15.10 12.47
N ARG C 54 -65.26 -15.36 12.75
CA ARG C 54 -66.26 -14.31 12.97
C ARG C 54 -65.73 -13.33 14.01
N LEU C 55 -64.85 -13.79 14.88
CA LEU C 55 -64.33 -12.95 15.94
C LEU C 55 -62.88 -12.43 15.86
N TRP C 56 -62.23 -12.51 14.71
CA TRP C 56 -60.88 -11.96 14.60
C TRP C 56 -60.99 -10.47 14.54
N ILE C 57 -59.81 -9.85 14.58
CA ILE C 57 -59.69 -8.43 14.44
C ILE C 57 -58.39 -8.32 13.67
N ASN C 58 -58.51 -8.38 12.35
CA ASN C 58 -57.36 -8.32 11.48
C ASN C 58 -57.74 -7.48 10.27
N PRO C 59 -56.75 -7.14 9.42
CA PRO C 59 -57.01 -6.34 8.22
C PRO C 59 -58.30 -6.67 7.47
N ASP C 60 -58.58 -7.95 7.23
CA ASP C 60 -59.81 -8.32 6.51
C ASP C 60 -61.06 -7.90 7.27
N ALA C 61 -61.02 -7.96 8.59
CA ALA C 61 -62.17 -7.58 9.39
C ALA C 61 -62.46 -6.08 9.31
N VAL C 62 -61.41 -5.27 9.15
CA VAL C 62 -61.61 -3.83 9.07
C VAL C 62 -62.09 -3.45 7.66
N ALA C 63 -61.57 -4.15 6.67
CA ALA C 63 -61.93 -3.88 5.28
C ALA C 63 -63.41 -4.19 5.05
N ALA C 64 -63.98 -5.04 5.90
CA ALA C 64 -65.38 -5.43 5.80
C ALA C 64 -66.28 -4.70 6.79
N SER C 65 -65.80 -3.61 7.34
CA SER C 65 -66.57 -2.82 8.30
C SER C 65 -66.93 -1.49 7.66
N GLU C 66 -67.66 -0.66 8.40
CA GLU C 66 -68.04 0.65 7.87
C GLU C 66 -66.83 1.49 7.49
N ILE C 67 -65.72 1.32 8.19
CA ILE C 67 -64.52 2.10 7.91
C ILE C 67 -63.56 1.43 6.94
N GLY C 68 -64.00 0.34 6.32
CA GLY C 68 -63.15 -0.38 5.39
C GLY C 68 -62.79 0.42 4.16
N ARG C 69 -63.64 1.38 3.82
CA ARG C 69 -63.45 2.21 2.65
C ARG C 69 -62.38 3.27 2.86
N VAL C 70 -62.48 4.03 3.96
CA VAL C 70 -61.52 5.08 4.28
C VAL C 70 -60.12 4.58 4.60
N CYS C 71 -60.02 3.32 5.04
CA CYS C 71 -58.72 2.74 5.38
C CYS C 71 -58.25 1.87 4.21
N SER C 72 -58.94 1.99 3.09
CA SER C 72 -58.62 1.21 1.90
C SER C 72 -57.14 1.21 1.52
N GLU C 73 -56.46 2.33 1.71
CA GLU C 73 -55.05 2.42 1.34
C GLU C 73 -54.07 2.65 2.48
N LEU C 74 -54.51 2.35 3.70
CA LEU C 74 -53.67 2.50 4.87
C LEU C 74 -52.85 1.25 5.09
N LYS C 75 -51.77 1.37 5.85
CA LYS C 75 -50.95 0.22 6.17
C LYS C 75 -51.77 -0.65 7.13
N PRO C 76 -51.71 -1.98 6.95
CA PRO C 76 -52.44 -2.95 7.77
C PRO C 76 -52.51 -2.69 9.29
N TRP C 77 -51.38 -2.37 9.92
CA TRP C 77 -51.41 -2.11 11.35
C TRP C 77 -52.13 -0.81 11.71
N LEU C 78 -51.94 0.22 10.89
CA LEU C 78 -52.60 1.51 11.12
C LEU C 78 -54.12 1.30 11.05
N SER C 79 -54.55 0.49 10.09
CA SER C 79 -55.97 0.21 9.94
C SER C 79 -56.53 -0.42 11.20
N VAL C 80 -55.83 -1.42 11.73
CA VAL C 80 -56.31 -2.09 12.92
C VAL C 80 -56.33 -1.18 14.14
N ILE C 81 -55.45 -0.19 14.18
CA ILE C 81 -55.45 0.72 15.32
C ILE C 81 -56.80 1.47 15.31
N LEU C 82 -57.14 2.06 14.17
CA LEU C 82 -58.39 2.79 14.04
C LEU C 82 -59.58 1.87 14.37
N PHE C 83 -59.59 0.70 13.76
CA PHE C 83 -60.68 -0.25 14.00
C PHE C 83 -60.82 -0.55 15.48
N LEU C 84 -59.70 -0.76 16.16
CA LEU C 84 -59.69 -1.07 17.59
C LEU C 84 -60.19 0.10 18.43
N ILE C 85 -59.74 1.30 18.08
CA ILE C 85 -60.15 2.49 18.81
C ILE C 85 -61.64 2.76 18.61
N ARG C 86 -62.11 2.56 17.38
CA ARG C 86 -63.51 2.76 17.02
C ARG C 86 -64.43 1.80 17.77
N GLU C 87 -64.22 0.50 17.59
CA GLU C 87 -65.03 -0.52 18.25
C GLU C 87 -65.04 -0.38 19.77
N ARG C 88 -63.93 0.10 20.33
CA ARG C 88 -63.83 0.28 21.77
C ARG C 88 -64.92 1.21 22.24
N SER C 89 -65.22 2.22 21.41
CA SER C 89 -66.24 3.23 21.72
C SER C 89 -67.68 2.78 21.54
N ARG C 90 -67.95 2.07 20.44
CA ARG C 90 -69.30 1.59 20.16
C ARG C 90 -69.84 0.72 21.29
N GLU C 91 -71.00 1.11 21.83
CA GLU C 91 -71.60 0.34 22.92
C GLU C 91 -72.41 -0.82 22.38
N ASP C 92 -72.33 -1.04 21.09
CA ASP C 92 -73.05 -2.14 20.44
C ASP C 92 -72.04 -3.00 19.69
N SER C 93 -70.76 -2.81 20.01
CA SER C 93 -69.68 -3.56 19.39
C SER C 93 -69.81 -5.05 19.67
N VAL C 94 -69.21 -5.85 18.80
CA VAL C 94 -69.25 -7.31 18.93
C VAL C 94 -68.24 -7.77 19.98
N TRP C 95 -67.33 -6.87 20.35
CA TRP C 95 -66.29 -7.15 21.32
C TRP C 95 -66.45 -6.27 22.56
N LYS C 96 -67.69 -5.93 22.89
CA LYS C 96 -67.94 -5.08 24.04
C LYS C 96 -67.35 -5.68 25.31
N HIS C 97 -67.49 -7.00 25.45
CA HIS C 97 -67.02 -7.72 26.63
C HIS C 97 -65.54 -8.03 26.56
N TYR C 98 -65.02 -8.07 25.34
CA TYR C 98 -63.62 -8.34 25.14
C TYR C 98 -62.87 -7.11 25.62
N PHE C 99 -63.24 -5.94 25.11
CA PHE C 99 -62.60 -4.70 25.51
C PHE C 99 -62.74 -4.41 27.01
N GLY C 100 -63.75 -5.01 27.64
CA GLY C 100 -63.96 -4.77 29.06
C GLY C 100 -62.96 -5.49 29.94
N ILE C 101 -62.11 -6.28 29.29
CA ILE C 101 -61.09 -7.08 29.96
C ILE C 101 -59.68 -6.62 29.62
N LEU C 102 -59.52 -6.00 28.47
CA LEU C 102 -58.21 -5.55 28.04
C LEU C 102 -57.58 -4.60 29.06
N PRO C 103 -56.30 -4.82 29.39
CA PRO C 103 -55.60 -3.97 30.34
C PRO C 103 -55.40 -2.63 29.66
N GLN C 104 -55.39 -1.54 30.42
CA GLN C 104 -55.19 -0.24 29.80
C GLN C 104 -53.75 0.00 29.44
N GLU C 105 -52.85 -0.82 30.00
CA GLU C 105 -51.43 -0.67 29.78
C GLU C 105 -50.64 -1.96 30.03
N THR C 106 -49.36 -1.94 29.65
CA THR C 106 -48.47 -3.09 29.89
C THR C 106 -47.20 -2.46 30.42
N ASP C 107 -46.18 -3.28 30.65
CA ASP C 107 -44.92 -2.74 31.13
C ASP C 107 -43.99 -2.51 29.95
N SER C 108 -44.58 -2.42 28.77
CA SER C 108 -43.81 -2.14 27.57
C SER C 108 -43.22 -0.76 27.80
N THR C 109 -41.98 -0.54 27.35
CA THR C 109 -41.34 0.75 27.52
C THR C 109 -42.10 1.91 26.89
N ILE C 110 -43.02 1.63 25.96
CA ILE C 110 -43.76 2.71 25.32
C ILE C 110 -44.70 3.42 26.29
N TYR C 111 -44.83 2.88 27.50
CA TYR C 111 -45.71 3.46 28.49
C TYR C 111 -44.93 4.00 29.68
N TRP C 112 -43.62 3.79 29.66
CA TRP C 112 -42.77 4.25 30.76
C TRP C 112 -42.72 5.76 30.93
N SER C 113 -42.68 6.19 32.19
CA SER C 113 -42.59 7.61 32.54
C SER C 113 -41.16 8.06 32.23
N GLU C 114 -40.93 9.36 32.20
CA GLU C 114 -39.59 9.86 31.90
C GLU C 114 -38.62 9.35 32.98
N GLU C 115 -39.06 9.34 34.23
CA GLU C 115 -38.19 8.87 35.31
C GLU C 115 -37.84 7.42 35.01
N GLU C 116 -38.87 6.60 34.81
CA GLU C 116 -38.68 5.19 34.52
C GLU C 116 -37.72 4.96 33.34
N LEU C 117 -37.80 5.82 32.33
CA LEU C 117 -36.92 5.69 31.17
C LEU C 117 -35.48 6.05 31.53
N GLN C 118 -35.30 6.95 32.49
CA GLN C 118 -33.95 7.34 32.92
C GLN C 118 -33.13 6.12 33.30
N GLU C 119 -33.80 5.09 33.79
CA GLU C 119 -33.14 3.87 34.22
C GLU C 119 -32.51 3.11 33.03
N LEU C 120 -32.90 3.48 31.81
CA LEU C 120 -32.35 2.84 30.61
C LEU C 120 -31.34 3.76 29.92
N GLN C 121 -31.03 4.87 30.56
CA GLN C 121 -30.08 5.84 30.03
C GLN C 121 -28.88 5.17 29.36
N GLY C 122 -28.57 5.60 28.14
CA GLY C 122 -27.42 5.07 27.43
C GLY C 122 -27.59 3.74 26.71
N SER C 123 -28.68 3.03 27.01
CA SER C 123 -28.96 1.71 26.39
C SER C 123 -29.55 1.79 24.99
N GLN C 124 -29.37 0.72 24.22
CA GLN C 124 -29.93 0.68 22.87
C GLN C 124 -31.45 0.61 22.93
N LEU C 125 -32.00 -0.13 23.90
CA LEU C 125 -33.45 -0.26 24.05
C LEU C 125 -34.13 1.11 24.19
N LEU C 126 -33.48 2.05 24.86
CA LEU C 126 -34.07 3.37 25.03
C LEU C 126 -34.13 4.08 23.69
N LYS C 127 -33.03 4.06 22.96
CA LYS C 127 -32.99 4.69 21.65
C LYS C 127 -34.09 4.14 20.77
N THR C 128 -34.25 2.82 20.76
CA THR C 128 -35.27 2.19 19.93
C THR C 128 -36.66 2.60 20.38
N THR C 129 -36.94 2.50 21.67
CA THR C 129 -38.26 2.88 22.14
C THR C 129 -38.59 4.32 21.72
N VAL C 130 -37.66 5.24 21.95
CA VAL C 130 -37.87 6.64 21.58
C VAL C 130 -38.18 6.72 20.08
N SER C 131 -37.37 6.02 19.29
CA SER C 131 -37.52 6.01 17.84
C SER C 131 -38.87 5.45 17.45
N VAL C 132 -39.31 4.41 18.15
CA VAL C 132 -40.61 3.82 17.83
C VAL C 132 -41.77 4.73 18.26
N LYS C 133 -41.73 5.25 19.48
CA LYS C 133 -42.82 6.10 19.93
C LYS C 133 -43.00 7.28 18.98
N GLU C 134 -41.89 7.88 18.58
CA GLU C 134 -41.93 9.02 17.67
C GLU C 134 -42.67 8.69 16.38
N TYR C 135 -42.18 7.68 15.68
CA TYR C 135 -42.76 7.25 14.42
C TYR C 135 -44.25 6.93 14.55
N VAL C 136 -44.63 6.25 15.62
CA VAL C 136 -46.03 5.91 15.82
C VAL C 136 -46.86 7.16 15.97
N LYS C 137 -46.28 8.18 16.61
CA LYS C 137 -46.97 9.44 16.82
C LYS C 137 -47.23 10.15 15.49
N ASN C 138 -46.20 10.29 14.66
CA ASN C 138 -46.36 10.95 13.37
C ASN C 138 -47.43 10.22 12.56
N GLU C 139 -47.17 8.95 12.27
CA GLU C 139 -48.11 8.14 11.50
C GLU C 139 -49.53 8.28 12.05
N CYS C 140 -49.66 8.35 13.36
CA CYS C 140 -50.98 8.45 13.96
C CYS C 140 -51.62 9.83 13.84
N LEU C 141 -50.81 10.89 13.88
CA LEU C 141 -51.36 12.22 13.75
C LEU C 141 -51.84 12.40 12.31
N LYS C 142 -51.04 11.93 11.35
CA LYS C 142 -51.41 12.02 9.95
C LYS C 142 -52.74 11.31 9.72
N LEU C 143 -53.04 10.35 10.59
CA LEU C 143 -54.30 9.60 10.49
C LEU C 143 -55.44 10.50 10.95
N GLU C 144 -55.23 11.23 12.03
CA GLU C 144 -56.28 12.09 12.53
C GLU C 144 -56.69 13.16 11.50
N GLN C 145 -55.72 13.64 10.74
CA GLN C 145 -56.00 14.67 9.75
C GLN C 145 -56.35 14.16 8.37
N GLU C 146 -56.33 12.86 8.17
CA GLU C 146 -56.65 12.31 6.86
C GLU C 146 -57.78 11.31 6.84
N ILE C 147 -58.13 10.76 8.00
CA ILE C 147 -59.22 9.79 8.03
C ILE C 147 -60.20 10.04 9.17
N ILE C 148 -59.69 10.46 10.31
CA ILE C 148 -60.56 10.68 11.46
C ILE C 148 -61.36 11.98 11.40
N LEU C 149 -60.67 13.10 11.30
CA LEU C 149 -61.36 14.39 11.25
C LEU C 149 -62.30 14.53 10.06
N PRO C 150 -61.79 14.31 8.84
CA PRO C 150 -62.68 14.42 7.68
C PRO C 150 -63.96 13.59 7.76
N ASN C 151 -63.84 12.36 8.24
CA ASN C 151 -65.01 11.49 8.38
C ASN C 151 -65.60 11.50 9.79
N LYS C 152 -65.83 12.70 10.31
CA LYS C 152 -66.38 12.90 11.65
C LYS C 152 -67.66 12.09 11.90
N ARG C 153 -68.17 11.42 10.86
CA ARG C 153 -69.38 10.62 11.00
C ARG C 153 -69.02 9.24 11.54
N LEU C 154 -67.93 8.68 11.02
CA LEU C 154 -67.46 7.36 11.43
C LEU C 154 -66.71 7.44 12.77
N PHE C 155 -66.23 8.63 13.10
CA PHE C 155 -65.51 8.84 14.36
C PHE C 155 -66.05 10.06 15.09
N PRO C 156 -67.18 9.90 15.79
CA PRO C 156 -67.82 10.98 16.54
C PRO C 156 -66.88 11.60 17.58
N ASP C 157 -66.43 10.78 18.52
CA ASP C 157 -65.55 11.21 19.60
C ASP C 157 -64.12 11.49 19.13
N PRO C 158 -63.38 12.34 19.86
CA PRO C 158 -62.00 12.70 19.53
C PRO C 158 -61.06 11.51 19.74
N VAL C 159 -59.82 11.64 19.26
CA VAL C 159 -58.84 10.57 19.40
C VAL C 159 -57.50 11.11 19.87
N THR C 160 -57.12 10.78 21.10
CA THR C 160 -55.86 11.23 21.69
C THR C 160 -54.71 10.27 21.45
N LEU C 161 -53.49 10.73 21.73
CA LEU C 161 -52.31 9.88 21.55
C LEU C 161 -52.41 8.69 22.49
N ASP C 162 -53.04 8.91 23.65
CA ASP C 162 -53.23 7.84 24.62
C ASP C 162 -54.05 6.70 24.04
N ASP C 163 -54.95 7.04 23.14
CA ASP C 163 -55.79 6.02 22.50
C ASP C 163 -54.98 5.29 21.44
N PHE C 164 -54.18 6.04 20.69
CA PHE C 164 -53.35 5.44 19.66
C PHE C 164 -52.35 4.47 20.26
N PHE C 165 -51.59 4.91 21.26
CA PHE C 165 -50.60 4.05 21.89
C PHE C 165 -51.28 2.88 22.60
N TRP C 166 -52.53 3.06 22.99
CA TRP C 166 -53.26 1.98 23.62
C TRP C 166 -53.41 0.86 22.59
N ALA C 167 -53.83 1.23 21.38
CA ALA C 167 -54.05 0.28 20.29
C ALA C 167 -52.76 -0.34 19.77
N PHE C 168 -51.73 0.48 19.62
CA PHE C 168 -50.44 -0.02 19.15
C PHE C 168 -49.97 -1.09 20.12
N GLY C 169 -50.08 -0.80 21.42
CA GLY C 169 -49.67 -1.73 22.45
C GLY C 169 -50.47 -3.01 22.41
N ILE C 170 -51.79 -2.87 22.30
CA ILE C 170 -52.69 -4.02 22.24
C ILE C 170 -52.31 -4.88 21.05
N LEU C 171 -52.07 -4.23 19.94
CA LEU C 171 -51.71 -4.90 18.71
C LEU C 171 -50.38 -5.67 18.83
N ARG C 172 -49.32 -4.96 19.21
CA ARG C 172 -48.01 -5.56 19.33
C ARG C 172 -47.79 -6.51 20.49
N SER C 173 -48.65 -6.45 21.50
CA SER C 173 -48.50 -7.33 22.65
C SER C 173 -49.50 -8.46 22.71
N ARG C 174 -50.52 -8.42 21.86
CA ARG C 174 -51.54 -9.46 21.87
C ARG C 174 -51.77 -10.29 20.61
N ALA C 175 -51.55 -9.69 19.44
CA ALA C 175 -51.78 -10.39 18.18
C ALA C 175 -50.84 -11.51 17.83
N PHE C 176 -51.38 -12.53 17.16
CA PHE C 176 -50.57 -13.66 16.71
C PHE C 176 -50.13 -13.37 15.29
N SER C 177 -48.94 -13.83 14.92
CA SER C 177 -48.42 -13.59 13.58
C SER C 177 -47.69 -14.76 12.93
N ARG C 178 -47.59 -15.89 13.63
CA ARG C 178 -46.92 -17.06 13.06
C ARG C 178 -47.87 -17.83 12.15
N LEU C 179 -49.02 -17.23 11.88
CA LEU C 179 -50.04 -17.85 11.03
C LEU C 179 -49.61 -17.73 9.56
N ARG C 180 -50.22 -18.53 8.69
CA ARG C 180 -49.89 -18.52 7.25
C ARG C 180 -50.80 -17.53 6.54
N ASN C 181 -50.20 -16.62 5.78
CA ASN C 181 -50.96 -15.61 5.03
C ASN C 181 -51.69 -14.66 5.97
N GLU C 182 -51.35 -14.76 7.26
CA GLU C 182 -51.95 -13.94 8.31
C GLU C 182 -50.85 -13.56 9.29
N ASN C 183 -50.45 -12.29 9.27
CA ASN C 183 -49.40 -11.86 10.18
C ASN C 183 -49.82 -10.73 11.08
N LEU C 184 -51.07 -10.75 11.54
CA LEU C 184 -51.57 -9.71 12.41
C LEU C 184 -53.01 -10.01 12.79
N VAL C 185 -53.22 -11.01 13.64
CA VAL C 185 -54.56 -11.38 14.06
C VAL C 185 -54.74 -11.22 15.58
N VAL C 186 -55.91 -10.75 15.98
CA VAL C 186 -56.22 -10.56 17.40
C VAL C 186 -57.33 -11.56 17.77
N VAL C 187 -57.00 -12.61 18.52
CA VAL C 187 -57.97 -13.63 18.89
C VAL C 187 -58.37 -13.63 20.38
N PRO C 188 -59.59 -13.15 20.70
CA PRO C 188 -60.22 -13.02 22.00
C PRO C 188 -59.92 -13.94 23.20
N MET C 189 -60.17 -15.24 23.10
CA MET C 189 -59.89 -16.07 24.27
C MET C 189 -58.44 -16.55 24.23
N ALA C 190 -58.00 -16.88 23.02
CA ALA C 190 -56.67 -17.37 22.77
C ALA C 190 -55.59 -16.40 23.25
N ASP C 191 -55.89 -15.11 23.26
CA ASP C 191 -54.86 -14.17 23.65
C ASP C 191 -54.69 -13.94 25.15
N LEU C 192 -55.30 -14.79 25.97
CA LEU C 192 -55.17 -14.69 27.43
C LEU C 192 -54.07 -15.62 27.98
N ILE C 193 -53.50 -16.45 27.11
CA ILE C 193 -52.45 -17.39 27.50
C ILE C 193 -51.08 -16.71 27.62
N ASN C 194 -50.42 -16.91 28.74
CA ASN C 194 -49.12 -16.28 28.97
C ASN C 194 -47.86 -17.04 28.48
N HIS C 195 -46.73 -16.35 28.55
CA HIS C 195 -45.44 -16.88 28.13
C HIS C 195 -44.74 -17.58 29.28
N SER C 196 -43.98 -18.62 28.94
CA SER C 196 -43.18 -19.34 29.93
C SER C 196 -41.94 -19.89 29.28
N ALA C 197 -40.80 -19.59 29.88
CA ALA C 197 -39.54 -20.04 29.36
C ALA C 197 -39.53 -21.57 29.42
N GLY C 198 -40.53 -22.14 30.09
CA GLY C 198 -40.60 -23.57 30.23
C GLY C 198 -41.04 -24.29 28.96
N VAL C 199 -41.49 -23.53 27.97
CA VAL C 199 -41.92 -24.09 26.71
C VAL C 199 -40.76 -23.83 25.77
N THR C 200 -40.18 -24.88 25.21
CA THR C 200 -39.02 -24.68 24.35
C THR C 200 -39.12 -25.21 22.92
N THR C 201 -40.19 -24.85 22.21
CA THR C 201 -40.36 -25.32 20.84
C THR C 201 -40.83 -24.26 19.87
N GLU C 202 -41.78 -23.44 20.34
CA GLU C 202 -42.42 -22.36 19.57
C GLU C 202 -42.95 -22.87 18.22
N ASP C 203 -43.24 -24.17 18.16
CA ASP C 203 -43.78 -24.75 16.94
C ASP C 203 -45.19 -24.29 16.73
N HIS C 204 -45.44 -23.03 17.05
CA HIS C 204 -46.77 -22.48 16.90
C HIS C 204 -47.72 -23.41 17.64
N ALA C 205 -48.25 -22.96 18.75
CA ALA C 205 -49.17 -23.79 19.48
C ALA C 205 -50.51 -23.62 18.75
N TYR C 206 -50.51 -22.74 17.74
CA TYR C 206 -51.75 -22.44 17.03
C TYR C 206 -51.71 -22.53 15.51
N GLU C 207 -52.87 -22.86 14.95
CA GLU C 207 -53.03 -22.99 13.50
C GLU C 207 -54.48 -22.73 13.16
N VAL C 208 -54.72 -22.28 11.92
CA VAL C 208 -56.08 -22.05 11.47
C VAL C 208 -56.48 -23.29 10.72
N LYS C 209 -57.61 -23.88 11.12
CA LYS C 209 -58.10 -25.06 10.42
C LYS C 209 -59.55 -24.81 10.00
N GLY C 210 -59.91 -25.37 8.84
CA GLY C 210 -61.25 -25.19 8.31
C GLY C 210 -62.21 -26.26 8.76
N ALA C 211 -63.45 -26.17 8.30
CA ALA C 211 -64.46 -27.16 8.68
C ALA C 211 -65.66 -27.15 7.73
N ALA C 212 -66.47 -28.18 7.81
CA ALA C 212 -67.67 -28.26 6.97
C ALA C 212 -67.40 -27.98 5.49
N GLY C 213 -68.18 -27.06 4.94
CA GLY C 213 -68.05 -26.71 3.54
C GLY C 213 -66.89 -25.80 3.20
N LEU C 214 -65.98 -25.62 4.15
CA LEU C 214 -64.79 -24.78 3.99
C LEU C 214 -65.06 -23.37 3.52
N PHE C 215 -66.14 -22.77 4.01
CA PHE C 215 -66.43 -21.40 3.61
C PHE C 215 -65.58 -20.49 4.53
N SER C 216 -65.31 -19.26 4.11
CA SER C 216 -64.49 -18.38 4.95
C SER C 216 -64.90 -18.37 6.42
N TRP C 217 -66.19 -18.16 6.70
CA TRP C 217 -66.67 -18.12 8.09
C TRP C 217 -66.50 -19.46 8.82
N ASP C 218 -66.22 -20.53 8.07
CA ASP C 218 -66.03 -21.87 8.66
C ASP C 218 -64.63 -22.14 9.20
N TYR C 219 -63.74 -21.15 9.08
CA TYR C 219 -62.37 -21.33 9.55
C TYR C 219 -62.21 -20.78 10.97
N LEU C 220 -61.39 -21.45 11.77
CA LEU C 220 -61.17 -21.00 13.14
C LEU C 220 -59.71 -21.08 13.60
N PHE C 221 -59.45 -20.39 14.71
CA PHE C 221 -58.13 -20.30 15.34
C PHE C 221 -58.11 -21.41 16.38
N SER C 222 -57.34 -22.47 16.09
CA SER C 222 -57.24 -23.61 16.99
C SER C 222 -55.90 -23.54 17.73
N LEU C 223 -55.93 -23.67 19.05
CA LEU C 223 -54.70 -23.63 19.82
C LEU C 223 -54.63 -24.81 20.76
N LYS C 224 -53.49 -25.49 20.74
CA LYS C 224 -53.28 -26.64 21.59
C LYS C 224 -52.17 -26.35 22.59
N SER C 225 -52.21 -27.02 23.74
CA SER C 225 -51.20 -26.82 24.77
C SER C 225 -49.89 -27.54 24.46
N PRO C 226 -48.79 -26.80 24.29
CA PRO C 226 -47.50 -27.42 23.98
C PRO C 226 -46.90 -28.30 25.09
N LEU C 227 -47.47 -28.22 26.31
CA LEU C 227 -46.98 -29.00 27.44
C LEU C 227 -48.10 -29.73 28.18
N SER C 228 -47.72 -30.66 29.06
CA SER C 228 -48.70 -31.35 29.87
C SER C 228 -48.85 -30.48 31.11
N VAL C 229 -50.08 -30.24 31.53
CA VAL C 229 -50.37 -29.38 32.67
C VAL C 229 -51.33 -30.07 33.61
N LYS C 230 -51.01 -30.13 34.90
CA LYS C 230 -51.92 -30.77 35.83
C LYS C 230 -53.05 -29.79 36.15
N ALA C 231 -54.21 -30.33 36.51
CA ALA C 231 -55.37 -29.50 36.84
C ALA C 231 -54.97 -28.41 37.83
N GLY C 232 -55.44 -27.19 37.62
CA GLY C 232 -55.11 -26.11 38.54
C GLY C 232 -53.92 -25.27 38.11
N GLU C 233 -53.00 -25.86 37.36
CA GLU C 233 -51.82 -25.13 36.90
C GLU C 233 -52.17 -24.34 35.64
N GLN C 234 -51.34 -23.34 35.33
CA GLN C 234 -51.53 -22.47 34.18
C GLN C 234 -51.02 -23.06 32.87
N VAL C 235 -51.70 -22.74 31.78
CA VAL C 235 -51.30 -23.23 30.46
C VAL C 235 -50.51 -22.11 29.78
N TYR C 236 -49.29 -22.42 29.35
CA TYR C 236 -48.46 -21.40 28.72
C TYR C 236 -48.08 -21.80 27.32
N ILE C 237 -47.43 -20.85 26.64
CA ILE C 237 -46.87 -21.09 25.32
C ILE C 237 -45.61 -20.24 25.26
N GLN C 238 -44.81 -20.47 24.23
CA GLN C 238 -43.57 -19.73 24.01
C GLN C 238 -43.96 -18.63 23.02
N TYR C 239 -43.74 -17.38 23.37
CA TYR C 239 -44.10 -16.32 22.45
C TYR C 239 -43.13 -16.25 21.29
N ASP C 240 -41.84 -16.44 21.53
CA ASP C 240 -40.87 -16.36 20.44
C ASP C 240 -39.43 -16.65 20.87
N LEU C 241 -38.96 -17.86 20.57
CA LEU C 241 -37.62 -18.29 20.97
C LEU C 241 -36.49 -17.42 20.43
N ASN C 242 -36.73 -16.70 19.35
CA ASN C 242 -35.70 -15.88 18.70
C ASN C 242 -35.67 -14.37 18.97
N LYS C 243 -36.53 -13.89 19.85
CA LYS C 243 -36.53 -12.46 20.14
C LYS C 243 -35.53 -12.09 21.21
N SER C 244 -34.86 -10.96 21.07
CA SER C 244 -33.93 -10.55 22.11
C SER C 244 -34.74 -10.11 23.33
N ASN C 245 -34.05 -9.94 24.45
CA ASN C 245 -34.70 -9.47 25.67
C ASN C 245 -35.26 -8.08 25.37
N ALA C 246 -34.55 -7.35 24.52
CA ALA C 246 -34.94 -6.00 24.11
C ALA C 246 -36.30 -6.02 23.42
N GLU C 247 -36.49 -6.99 22.53
CA GLU C 247 -37.74 -7.09 21.80
C GLU C 247 -38.87 -7.42 22.75
N LEU C 248 -38.66 -8.38 23.65
CA LEU C 248 -39.69 -8.76 24.60
C LEU C 248 -40.09 -7.59 25.49
N ALA C 249 -39.10 -6.77 25.84
CA ALA C 249 -39.36 -5.63 26.69
C ALA C 249 -40.28 -4.66 25.95
N LEU C 250 -39.97 -4.38 24.69
CA LEU C 250 -40.79 -3.48 23.91
C LEU C 250 -42.14 -4.10 23.50
N ASP C 251 -42.12 -5.29 22.89
CA ASP C 251 -43.35 -5.94 22.46
C ASP C 251 -44.29 -6.32 23.61
N TYR C 252 -43.74 -6.94 24.65
CA TYR C 252 -44.55 -7.31 25.80
C TYR C 252 -43.95 -6.57 26.99
N GLY C 253 -44.44 -6.79 28.20
CA GLY C 253 -43.82 -6.04 29.29
C GLY C 253 -42.93 -6.88 30.16
N PHE C 254 -41.98 -7.59 29.55
CA PHE C 254 -41.12 -8.46 30.35
C PHE C 254 -39.87 -8.94 29.64
N ILE C 255 -38.96 -9.53 30.43
CA ILE C 255 -37.73 -10.08 29.91
C ILE C 255 -37.42 -11.38 30.63
N GLU C 256 -36.37 -12.07 30.21
CA GLU C 256 -35.97 -13.31 30.85
C GLU C 256 -34.57 -13.23 31.42
N PRO C 257 -34.31 -13.96 32.52
CA PRO C 257 -33.02 -14.02 33.22
C PRO C 257 -31.96 -14.64 32.31
N ASN C 258 -32.41 -15.53 31.44
CA ASN C 258 -31.57 -16.23 30.49
C ASN C 258 -30.64 -15.29 29.73
N GLU C 259 -29.35 -15.33 30.07
CA GLU C 259 -28.36 -14.46 29.44
C GLU C 259 -28.27 -14.65 27.92
N ASN C 260 -28.84 -15.74 27.41
CA ASN C 260 -28.81 -15.95 25.97
C ASN C 260 -29.85 -15.10 25.23
N ARG C 261 -30.70 -14.42 25.97
CA ARG C 261 -31.72 -13.57 25.37
C ARG C 261 -31.17 -12.17 25.08
N HIS C 262 -30.03 -11.85 25.69
CA HIS C 262 -29.39 -10.55 25.53
C HIS C 262 -28.77 -10.34 24.16
N ALA C 263 -29.14 -9.27 23.48
CA ALA C 263 -28.56 -8.98 22.17
C ALA C 263 -28.33 -7.48 22.03
N TYR C 264 -27.50 -7.11 21.06
CA TYR C 264 -27.23 -5.71 20.78
C TYR C 264 -27.09 -5.65 19.26
N THR C 265 -27.73 -4.67 18.63
CA THR C 265 -27.61 -4.59 17.19
C THR C 265 -26.79 -3.43 16.69
N LEU C 266 -25.92 -3.74 15.74
CA LEU C 266 -25.04 -2.75 15.14
C LEU C 266 -25.67 -2.34 13.83
N THR C 267 -25.42 -1.10 13.41
CA THR C 267 -25.96 -0.63 12.16
C THR C 267 -24.82 -0.17 11.28
N LEU C 268 -24.73 -0.76 10.10
CA LEU C 268 -23.66 -0.41 9.18
C LEU C 268 -24.23 0.16 7.91
N GLU C 269 -23.69 1.26 7.44
CA GLU C 269 -24.20 1.81 6.20
C GLU C 269 -23.13 2.36 5.29
N ILE C 270 -23.39 2.20 3.99
CA ILE C 270 -22.51 2.68 2.95
C ILE C 270 -22.90 4.13 2.75
N SER C 271 -22.12 5.03 3.32
CA SER C 271 -22.37 6.47 3.25
C SER C 271 -22.26 7.00 1.82
N GLU C 272 -23.00 8.07 1.52
CA GLU C 272 -22.94 8.68 0.18
C GLU C 272 -21.67 9.50 0.03
N SER C 273 -21.11 9.93 1.15
CA SER C 273 -19.88 10.70 1.16
C SER C 273 -18.68 9.78 0.93
N ASP C 274 -18.96 8.49 0.72
CA ASP C 274 -17.89 7.54 0.47
C ASP C 274 -17.46 7.62 -0.99
N PRO C 275 -16.22 8.02 -1.25
CA PRO C 275 -15.71 8.13 -2.61
C PRO C 275 -15.96 6.92 -3.51
N PHE C 276 -16.44 5.82 -2.94
CA PHE C 276 -16.72 4.63 -3.74
C PHE C 276 -18.15 4.14 -3.51
N PHE C 277 -19.00 5.07 -3.14
CA PHE C 277 -20.39 4.78 -2.87
C PHE C 277 -21.04 3.90 -3.93
N ASP C 278 -21.21 4.45 -5.12
CA ASP C 278 -21.84 3.72 -6.20
C ASP C 278 -21.35 2.30 -6.43
N ASP C 279 -20.04 2.09 -6.43
CA ASP C 279 -19.52 0.73 -6.63
C ASP C 279 -19.84 -0.16 -5.44
N LYS C 280 -19.74 0.38 -4.23
CA LYS C 280 -20.02 -0.40 -3.03
C LYS C 280 -21.48 -0.81 -2.96
N LEU C 281 -22.38 0.16 -3.13
CA LEU C 281 -23.82 -0.11 -3.07
C LEU C 281 -24.20 -1.22 -4.04
N ASP C 282 -23.64 -1.16 -5.24
CA ASP C 282 -23.92 -2.17 -6.25
C ASP C 282 -23.52 -3.53 -5.67
N VAL C 283 -22.36 -3.55 -5.01
CA VAL C 283 -21.84 -4.78 -4.41
C VAL C 283 -22.79 -5.29 -3.33
N ALA C 284 -23.14 -4.42 -2.38
CA ALA C 284 -24.04 -4.82 -1.30
C ALA C 284 -25.38 -5.36 -1.78
N GLU C 285 -26.01 -4.65 -2.72
CA GLU C 285 -27.31 -5.08 -3.21
C GLU C 285 -27.24 -6.35 -4.02
N SER C 286 -26.22 -6.46 -4.87
CA SER C 286 -26.07 -7.66 -5.67
C SER C 286 -25.78 -8.86 -4.78
N ASN C 287 -25.63 -8.64 -3.48
CA ASN C 287 -25.36 -9.74 -2.58
C ASN C 287 -26.35 -9.84 -1.43
N GLY C 288 -27.51 -9.22 -1.61
CA GLY C 288 -28.55 -9.30 -0.61
C GLY C 288 -28.60 -8.28 0.52
N PHE C 289 -27.85 -7.19 0.40
CA PHE C 289 -27.88 -6.20 1.46
C PHE C 289 -28.24 -4.82 0.94
N ALA C 290 -28.79 -3.98 1.81
CA ALA C 290 -29.18 -2.63 1.43
C ALA C 290 -28.11 -1.59 1.79
N GLN C 291 -28.38 -0.34 1.44
CA GLN C 291 -27.45 0.73 1.73
C GLN C 291 -27.29 0.80 3.24
N THR C 292 -28.26 0.27 3.97
CA THR C 292 -28.21 0.21 5.42
C THR C 292 -28.49 -1.24 5.78
N ALA C 293 -27.79 -1.76 6.78
CA ALA C 293 -27.96 -3.15 7.20
C ALA C 293 -27.85 -3.30 8.70
N TYR C 294 -28.79 -4.04 9.29
CA TYR C 294 -28.75 -4.24 10.73
C TYR C 294 -28.32 -5.67 11.08
N PHE C 295 -27.34 -5.77 11.97
CA PHE C 295 -26.84 -7.08 12.41
C PHE C 295 -27.06 -7.26 13.90
N ASP C 296 -27.79 -8.32 14.26
CA ASP C 296 -28.05 -8.60 15.67
C ASP C 296 -26.97 -9.51 16.22
N ILE C 297 -26.38 -9.09 17.33
CA ILE C 297 -25.33 -9.84 17.98
C ILE C 297 -25.86 -10.33 19.33
N PHE C 298 -26.05 -11.63 19.44
CA PHE C 298 -26.56 -12.25 20.66
C PHE C 298 -25.44 -12.71 21.58
N TYR C 299 -25.64 -12.58 22.87
CA TYR C 299 -24.61 -13.00 23.83
C TYR C 299 -24.26 -14.48 23.65
N ASN C 300 -22.97 -14.78 23.66
CA ASN C 300 -22.52 -16.16 23.53
C ASN C 300 -22.78 -16.81 22.19
N ARG C 301 -23.19 -16.03 21.19
CA ARG C 301 -23.47 -16.57 19.87
C ARG C 301 -22.46 -15.99 18.87
N THR C 302 -22.00 -16.78 17.90
CA THR C 302 -21.03 -16.26 16.94
C THR C 302 -21.61 -15.12 16.14
N LEU C 303 -20.72 -14.28 15.65
CA LEU C 303 -21.09 -13.11 14.87
C LEU C 303 -21.93 -13.51 13.68
N PRO C 304 -23.03 -12.78 13.43
CA PRO C 304 -23.89 -13.12 12.29
C PRO C 304 -23.15 -13.10 10.95
N PRO C 305 -23.55 -13.97 10.01
CA PRO C 305 -22.90 -14.00 8.70
C PRO C 305 -23.16 -12.66 8.04
N GLY C 306 -22.21 -12.19 7.24
CA GLY C 306 -22.42 -10.91 6.58
C GLY C 306 -21.89 -9.70 7.34
N LEU C 307 -21.80 -9.78 8.68
CA LEU C 307 -21.29 -8.64 9.44
C LEU C 307 -19.85 -8.30 9.06
N LEU C 308 -18.96 -9.27 9.14
CA LEU C 308 -17.57 -9.03 8.80
C LEU C 308 -17.40 -8.57 7.35
N PRO C 309 -17.98 -9.30 6.40
CA PRO C 309 -17.80 -8.84 5.02
C PRO C 309 -18.38 -7.44 4.76
N TYR C 310 -19.41 -7.07 5.52
CA TYR C 310 -20.02 -5.76 5.35
C TYR C 310 -19.15 -4.69 6.01
N LEU C 311 -18.51 -5.03 7.12
CA LEU C 311 -17.62 -4.09 7.81
C LEU C 311 -16.46 -3.78 6.85
N ARG C 312 -15.90 -4.84 6.28
CA ARG C 312 -14.80 -4.73 5.35
C ARG C 312 -15.17 -3.84 4.17
N LEU C 313 -16.33 -4.11 3.57
CA LEU C 313 -16.77 -3.30 2.44
C LEU C 313 -16.90 -1.82 2.86
N VAL C 314 -17.37 -1.58 4.07
CA VAL C 314 -17.51 -0.20 4.54
C VAL C 314 -16.15 0.46 4.65
N ALA C 315 -15.19 -0.26 5.21
CA ALA C 315 -13.85 0.29 5.40
C ALA C 315 -12.92 0.16 4.21
N LEU C 316 -13.37 -0.48 3.13
CA LEU C 316 -12.56 -0.71 1.94
C LEU C 316 -11.35 0.24 1.76
N GLY C 317 -11.55 1.36 1.06
CA GLY C 317 -10.44 2.31 0.89
C GLY C 317 -9.66 2.24 -0.40
N GLY C 318 -8.84 3.28 -0.64
CA GLY C 318 -8.06 3.36 -1.85
C GLY C 318 -7.16 2.18 -2.15
N THR C 319 -6.50 1.68 -1.11
CA THR C 319 -5.58 0.56 -1.23
C THR C 319 -6.19 -0.64 -1.92
N ASP C 320 -7.41 -0.97 -1.52
CA ASP C 320 -8.13 -2.13 -2.05
C ASP C 320 -9.23 -1.81 -3.06
N ALA C 321 -9.40 -0.53 -3.38
CA ALA C 321 -10.44 -0.11 -4.33
C ALA C 321 -10.46 -0.91 -5.63
N PHE C 322 -9.33 -1.51 -5.99
CA PHE C 322 -9.25 -2.29 -7.22
C PHE C 322 -10.22 -3.46 -7.23
N LEU C 323 -10.65 -3.89 -6.05
CA LEU C 323 -11.59 -5.01 -5.93
C LEU C 323 -12.98 -4.66 -6.45
N LEU C 324 -13.29 -3.37 -6.49
CA LEU C 324 -14.59 -2.90 -6.95
C LEU C 324 -14.76 -2.90 -8.47
N GLU C 325 -13.69 -3.20 -9.20
CA GLU C 325 -13.75 -3.23 -10.66
C GLU C 325 -14.60 -4.40 -11.15
N SER C 326 -15.20 -4.23 -12.33
CA SER C 326 -16.07 -5.27 -12.89
C SER C 326 -15.43 -6.65 -12.96
N LEU C 327 -14.11 -6.69 -12.98
CA LEU C 327 -13.39 -7.96 -13.02
C LEU C 327 -13.72 -8.84 -11.81
N PHE C 328 -13.86 -8.21 -10.65
CA PHE C 328 -14.15 -8.94 -9.42
C PHE C 328 -15.62 -9.00 -8.99
N ARG C 329 -16.52 -8.35 -9.72
CA ARG C 329 -17.94 -8.36 -9.36
C ARG C 329 -18.55 -9.73 -9.13
N ASP C 330 -17.82 -10.79 -9.46
CA ASP C 330 -18.36 -12.12 -9.25
C ASP C 330 -17.64 -12.89 -8.14
N THR C 331 -16.61 -12.28 -7.56
CA THR C 331 -15.87 -12.92 -6.48
C THR C 331 -15.63 -11.96 -5.31
N ILE C 332 -15.96 -10.69 -5.52
CA ILE C 332 -15.79 -9.64 -4.51
C ILE C 332 -16.35 -10.04 -3.15
N TRP C 333 -17.57 -10.56 -3.13
CA TRP C 333 -18.17 -10.95 -1.86
C TRP C 333 -17.41 -12.10 -1.21
N GLY C 334 -16.93 -13.03 -2.02
CA GLY C 334 -16.17 -14.15 -1.49
C GLY C 334 -14.92 -13.63 -0.82
N HIS C 335 -14.25 -12.69 -1.47
CA HIS C 335 -13.04 -12.12 -0.89
C HIS C 335 -13.37 -11.34 0.35
N LEU C 336 -14.51 -10.64 0.34
CA LEU C 336 -14.90 -9.90 1.53
C LEU C 336 -15.11 -10.86 2.67
N GLU C 337 -15.59 -12.06 2.36
CA GLU C 337 -15.81 -13.06 3.41
C GLU C 337 -14.52 -13.62 3.99
N LEU C 338 -13.49 -13.78 3.15
CA LEU C 338 -12.20 -14.31 3.58
C LEU C 338 -11.29 -13.27 4.25
N SER C 339 -11.41 -12.01 3.81
CA SER C 339 -10.66 -10.83 4.30
C SER C 339 -9.99 -10.14 3.14
N VAL C 340 -9.78 -8.84 3.27
CA VAL C 340 -9.19 -8.03 2.20
C VAL C 340 -7.71 -7.72 2.33
N SER C 341 -7.36 -6.94 3.35
CA SER C 341 -5.97 -6.57 3.59
C SER C 341 -5.81 -6.26 5.06
N ARG C 342 -4.58 -6.30 5.55
CA ARG C 342 -4.33 -6.01 6.95
C ARG C 342 -4.75 -4.60 7.32
N ASP C 343 -4.64 -3.67 6.37
CA ASP C 343 -5.00 -2.27 6.65
C ASP C 343 -6.50 -2.15 6.75
N ASN C 344 -7.20 -2.93 5.94
CA ASN C 344 -8.65 -2.94 5.95
C ASN C 344 -9.13 -3.52 7.29
N GLU C 345 -8.66 -4.71 7.63
CA GLU C 345 -9.03 -5.40 8.87
C GLU C 345 -8.66 -4.61 10.13
N GLU C 346 -7.53 -3.92 10.08
CA GLU C 346 -7.05 -3.12 11.22
C GLU C 346 -7.95 -1.92 11.48
N LEU C 347 -8.41 -1.32 10.39
CA LEU C 347 -9.29 -0.15 10.40
C LEU C 347 -10.68 -0.45 10.98
N LEU C 348 -11.31 -1.52 10.49
CA LEU C 348 -12.63 -1.89 10.95
C LEU C 348 -12.61 -2.34 12.40
N CYS C 349 -11.51 -2.98 12.80
CA CYS C 349 -11.39 -3.41 14.18
C CYS C 349 -11.40 -2.17 15.07
N LYS C 350 -10.60 -1.16 14.72
CA LYS C 350 -10.57 0.03 15.55
C LYS C 350 -11.93 0.74 15.57
N ALA C 351 -12.60 0.80 14.42
CA ALA C 351 -13.91 1.43 14.36
C ALA C 351 -14.89 0.75 15.32
N VAL C 352 -14.97 -0.57 15.25
CA VAL C 352 -15.87 -1.34 16.11
C VAL C 352 -15.59 -1.14 17.60
N ARG C 353 -14.31 -1.28 17.98
CA ARG C 353 -13.92 -1.14 19.37
C ARG C 353 -14.16 0.28 19.89
N GLU C 354 -13.96 1.28 19.05
CA GLU C 354 -14.18 2.64 19.50
C GLU C 354 -15.66 2.83 19.75
N ALA C 355 -16.48 2.18 18.91
CA ALA C 355 -17.93 2.27 19.06
C ALA C 355 -18.33 1.63 20.38
N CYS C 356 -17.79 0.44 20.64
CA CYS C 356 -18.11 -0.26 21.89
C CYS C 356 -17.75 0.52 23.14
N LYS C 357 -16.55 1.10 23.16
CA LYS C 357 -16.08 1.85 24.32
C LYS C 357 -16.89 3.13 24.51
N SER C 358 -17.24 3.75 23.40
CA SER C 358 -18.01 4.98 23.46
C SER C 358 -19.41 4.66 24.01
N ALA C 359 -20.01 3.59 23.51
CA ALA C 359 -21.34 3.18 23.94
C ALA C 359 -21.36 2.73 25.39
N LEU C 360 -20.30 2.03 25.80
CA LEU C 360 -20.21 1.53 27.17
C LEU C 360 -20.20 2.65 28.22
N ALA C 361 -19.65 3.79 27.83
CA ALA C 361 -19.56 4.93 28.71
C ALA C 361 -20.88 5.67 28.91
N GLY C 362 -21.88 5.33 28.10
CA GLY C 362 -23.17 5.97 28.19
C GLY C 362 -24.08 5.50 29.31
N TYR C 363 -23.77 4.35 29.90
CA TYR C 363 -24.59 3.81 30.98
C TYR C 363 -24.25 4.46 32.32
N HIS C 364 -25.21 4.53 33.25
CA HIS C 364 -24.98 5.18 34.53
C HIS C 364 -24.75 4.26 35.71
N THR C 365 -24.60 2.98 35.44
CA THR C 365 -24.33 2.02 36.50
C THR C 365 -23.41 1.00 35.87
N THR C 366 -22.73 0.24 36.72
CA THR C 366 -21.81 -0.77 36.24
C THR C 366 -22.52 -2.12 36.32
N ILE C 367 -22.00 -3.10 35.59
CA ILE C 367 -22.56 -4.43 35.61
C ILE C 367 -22.66 -4.87 37.06
N GLU C 368 -21.59 -4.66 37.81
CA GLU C 368 -21.54 -5.03 39.23
C GLU C 368 -22.73 -4.48 40.02
N GLN C 369 -23.02 -3.19 39.85
CA GLN C 369 -24.14 -2.59 40.58
C GLN C 369 -25.44 -3.23 40.14
N ASP C 370 -25.58 -3.44 38.83
CA ASP C 370 -26.80 -4.02 38.30
C ASP C 370 -27.04 -5.39 38.94
N ARG C 371 -26.00 -6.20 38.96
CA ARG C 371 -26.11 -7.53 39.53
C ARG C 371 -26.48 -7.52 41.01
N GLU C 372 -26.06 -6.49 41.75
CA GLU C 372 -26.39 -6.41 43.16
C GLU C 372 -27.85 -6.00 43.30
N LEU C 373 -28.32 -5.15 42.41
CA LEU C 373 -29.70 -4.71 42.46
C LEU C 373 -30.62 -5.91 42.26
N LYS C 374 -30.25 -6.79 41.33
CA LYS C 374 -31.08 -7.96 41.05
C LYS C 374 -31.18 -8.91 42.25
N GLU C 375 -30.15 -8.88 43.08
CA GLU C 375 -30.11 -9.73 44.26
C GLU C 375 -31.23 -9.38 45.24
N GLY C 376 -31.86 -8.21 45.03
CA GLY C 376 -32.94 -7.77 45.89
C GLY C 376 -34.28 -7.75 45.17
N ASN C 377 -35.29 -7.14 45.80
CA ASN C 377 -36.63 -7.05 45.20
C ASN C 377 -36.75 -5.81 44.35
N LEU C 378 -37.06 -6.00 43.07
CA LEU C 378 -37.19 -4.88 42.17
C LEU C 378 -38.59 -4.74 41.58
N ASP C 379 -38.99 -3.50 41.31
CA ASP C 379 -40.28 -3.19 40.69
C ASP C 379 -40.19 -3.72 39.26
N SER C 380 -41.28 -4.28 38.74
CA SER C 380 -41.24 -4.86 37.40
C SER C 380 -40.54 -4.01 36.34
N ARG C 381 -40.78 -2.71 36.31
CA ARG C 381 -40.11 -1.87 35.30
C ARG C 381 -38.65 -1.61 35.60
N LEU C 382 -38.29 -1.57 36.88
CA LEU C 382 -36.90 -1.37 37.23
C LEU C 382 -36.20 -2.71 36.93
N ALA C 383 -36.88 -3.81 37.24
CA ALA C 383 -36.33 -5.14 36.96
C ALA C 383 -36.01 -5.24 35.46
N ILE C 384 -36.93 -4.80 34.61
CA ILE C 384 -36.71 -4.82 33.17
C ILE C 384 -35.49 -3.98 32.83
N ALA C 385 -35.51 -2.72 33.24
CA ALA C 385 -34.40 -1.82 32.98
C ALA C 385 -33.06 -2.42 33.42
N VAL C 386 -32.97 -2.83 34.68
CA VAL C 386 -31.72 -3.37 35.17
C VAL C 386 -31.25 -4.57 34.36
N GLY C 387 -32.16 -5.49 34.03
CA GLY C 387 -31.77 -6.66 33.27
C GLY C 387 -31.32 -6.33 31.86
N ILE C 388 -32.00 -5.37 31.24
CA ILE C 388 -31.67 -4.96 29.89
C ILE C 388 -30.30 -4.32 29.85
N ARG C 389 -30.11 -3.25 30.62
CA ARG C 389 -28.82 -2.56 30.61
C ARG C 389 -27.65 -3.48 30.98
N GLU C 390 -27.85 -4.40 31.91
CA GLU C 390 -26.81 -5.33 32.29
C GLU C 390 -26.40 -6.14 31.05
N GLY C 391 -27.40 -6.78 30.46
CA GLY C 391 -27.19 -7.60 29.28
C GLY C 391 -26.55 -6.86 28.12
N GLU C 392 -26.92 -5.59 27.93
CA GLU C 392 -26.33 -4.86 26.81
C GLU C 392 -24.84 -4.62 27.04
N LYS C 393 -24.48 -4.34 28.29
CA LYS C 393 -23.08 -4.12 28.59
C LYS C 393 -22.30 -5.43 28.43
N MET C 394 -22.94 -6.54 28.77
CA MET C 394 -22.29 -7.83 28.62
C MET C 394 -21.94 -8.04 27.16
N VAL C 395 -22.91 -7.83 26.28
CA VAL C 395 -22.72 -8.03 24.85
C VAL C 395 -21.74 -7.03 24.27
N LEU C 396 -21.86 -5.79 24.70
CA LEU C 396 -21.01 -4.72 24.22
C LEU C 396 -19.58 -5.09 24.58
N GLN C 397 -19.37 -5.58 25.79
CA GLN C 397 -18.03 -5.97 26.20
C GLN C 397 -17.55 -7.20 25.44
N GLN C 398 -18.45 -8.13 25.17
CA GLN C 398 -18.10 -9.33 24.45
C GLN C 398 -17.65 -8.99 23.04
N ILE C 399 -18.39 -8.07 22.40
CA ILE C 399 -18.03 -7.66 21.05
C ILE C 399 -16.62 -7.11 21.08
N ASP C 400 -16.40 -6.15 21.97
CA ASP C 400 -15.09 -5.53 22.12
C ASP C 400 -13.99 -6.57 22.31
N GLY C 401 -14.30 -7.59 23.13
CA GLY C 401 -13.35 -8.66 23.37
C GLY C 401 -13.08 -9.43 22.08
N ILE C 402 -14.12 -9.73 21.32
CA ILE C 402 -13.94 -10.47 20.08
C ILE C 402 -13.02 -9.74 19.11
N PHE C 403 -13.18 -8.42 19.00
CA PHE C 403 -12.37 -7.66 18.08
C PHE C 403 -10.98 -7.30 18.61
N GLU C 404 -10.81 -7.42 19.92
CA GLU C 404 -9.50 -7.16 20.51
C GLU C 404 -8.63 -8.34 20.14
N GLN C 405 -9.22 -9.52 20.18
CA GLN C 405 -8.50 -10.73 19.81
C GLN C 405 -8.13 -10.59 18.35
N LYS C 406 -9.09 -10.16 17.53
CA LYS C 406 -8.83 -10.00 16.11
C LYS C 406 -7.66 -9.04 15.84
N GLU C 407 -7.50 -8.02 16.68
CA GLU C 407 -6.39 -7.09 16.50
C GLU C 407 -5.10 -7.85 16.78
N LEU C 408 -5.13 -8.74 17.78
CA LEU C 408 -3.95 -9.52 18.10
C LEU C 408 -3.58 -10.50 16.98
N GLU C 409 -4.56 -11.24 16.46
CA GLU C 409 -4.31 -12.21 15.40
C GLU C 409 -4.32 -11.54 14.03
N LEU C 410 -4.17 -10.23 14.05
CA LEU C 410 -4.19 -9.41 12.84
C LEU C 410 -3.22 -9.84 11.76
N ASP C 411 -2.27 -10.73 12.09
CA ASP C 411 -1.30 -11.17 11.10
C ASP C 411 -1.43 -12.65 10.76
N GLN C 412 -2.45 -13.29 11.34
CA GLN C 412 -2.71 -14.70 11.11
C GLN C 412 -3.69 -14.94 9.95
N LEU C 413 -4.39 -13.88 9.54
CA LEU C 413 -5.36 -13.98 8.44
C LEU C 413 -4.66 -13.98 7.09
N GLU C 414 -5.17 -14.77 6.15
CA GLU C 414 -4.59 -14.79 4.83
C GLU C 414 -5.44 -13.85 3.99
N TYR C 415 -4.88 -12.68 3.69
CA TYR C 415 -5.57 -11.69 2.90
C TYR C 415 -5.62 -12.03 1.41
N TYR C 416 -6.26 -11.17 0.62
CA TYR C 416 -6.40 -11.42 -0.81
C TYR C 416 -5.07 -11.73 -1.49
N GLN C 417 -4.13 -10.79 -1.43
CA GLN C 417 -2.83 -10.98 -2.05
C GLN C 417 -2.24 -12.32 -1.61
N GLU C 418 -2.10 -12.48 -0.30
CA GLU C 418 -1.52 -13.71 0.20
C GLU C 418 -2.18 -14.95 -0.37
N ARG C 419 -3.50 -14.94 -0.51
CA ARG C 419 -4.22 -16.10 -1.04
C ARG C 419 -3.98 -16.32 -2.52
N ARG C 420 -3.66 -15.25 -3.23
CA ARG C 420 -3.42 -15.28 -4.67
C ARG C 420 -2.16 -16.10 -4.98
N LEU C 421 -1.21 -16.10 -4.05
CA LEU C 421 0.06 -16.82 -4.21
C LEU C 421 0.14 -18.05 -3.32
N LYS C 422 -0.86 -18.93 -3.39
CA LYS C 422 -0.90 -20.14 -2.56
C LYS C 422 0.14 -21.19 -2.90
N ASP C 423 -0.04 -21.85 -4.04
CA ASP C 423 0.87 -22.89 -4.48
C ASP C 423 1.50 -22.53 -5.83
N LEU C 424 2.48 -21.63 -5.80
CA LEU C 424 3.15 -21.19 -7.02
C LEU C 424 3.92 -22.33 -7.66
N GLY C 425 4.32 -23.30 -6.84
CA GLY C 425 5.08 -24.42 -7.35
C GLY C 425 6.49 -24.01 -7.69
N LEU C 426 7.10 -23.19 -6.83
CA LEU C 426 8.47 -22.72 -7.04
C LEU C 426 9.42 -23.90 -7.05
N CYS C 427 9.20 -24.82 -6.11
CA CYS C 427 10.03 -26.01 -5.99
C CYS C 427 9.45 -27.15 -6.80
N GLY C 428 9.70 -27.14 -8.10
CA GLY C 428 9.22 -28.21 -8.97
C GLY C 428 10.39 -28.97 -9.54
N GLU C 429 10.35 -29.22 -10.84
CA GLU C 429 11.44 -29.94 -11.46
C GLU C 429 12.29 -28.91 -12.18
N ASN C 430 13.42 -29.33 -12.74
CA ASN C 430 14.27 -28.42 -13.49
C ASN C 430 13.83 -28.53 -14.94
N GLY C 431 12.62 -28.05 -15.21
CA GLY C 431 12.05 -28.10 -16.56
C GLY C 431 12.97 -27.60 -17.66
N ASP C 432 14.05 -26.95 -17.28
CA ASP C 432 15.00 -26.42 -18.25
C ASP C 432 15.62 -27.57 -19.03
N ILE C 433 15.77 -28.71 -18.37
CA ILE C 433 16.35 -29.88 -19.02
C ILE C 433 15.45 -30.40 -20.13
N LEU C 434 14.13 -30.33 -19.92
CA LEU C 434 13.18 -30.77 -20.93
C LEU C 434 13.12 -29.79 -22.09
N GLU C 435 13.28 -28.51 -21.79
CA GLU C 435 13.25 -27.49 -22.83
C GLU C 435 14.33 -27.75 -23.90
N ASN C 436 15.47 -28.31 -23.50
CA ASN C 436 16.57 -28.59 -24.43
C ASN C 436 16.36 -29.82 -25.31
N LEU C 437 15.32 -30.59 -25.00
CA LEU C 437 15.03 -31.78 -25.80
C LEU C 437 13.87 -31.56 -26.78
N TYR C 438 13.52 -30.29 -27.02
CA TYR C 438 12.43 -29.94 -27.94
C TYR C 438 12.94 -29.46 -29.30
N PHE C 439 14.12 -28.84 -29.31
CA PHE C 439 14.71 -28.33 -30.54
C PHE C 439 15.65 -29.34 -31.18
N SFG D . 28.12 54.44 6.17
CA SFG D . 28.35 53.94 4.83
C SFG D . 29.59 54.58 4.18
O SFG D . 29.62 54.71 2.93
OXT SFG D . 30.51 54.95 4.91
CB SFG D . 27.11 54.17 3.92
CG SFG D . 25.73 53.69 4.37
CD SFG D . 24.95 52.74 3.41
NE SFG D . 23.61 52.54 4.03
C5' SFG D . 25.49 51.28 3.30
C4' SFG D . 26.81 50.83 3.90
O4' SFG D . 26.94 51.08 5.31
C3' SFG D . 27.09 49.34 3.65
O3' SFG D . 28.17 49.17 2.71
C2' SFG D . 27.45 48.76 4.95
O2' SFG D . 28.75 48.19 4.83
C1' SFG D . 27.46 49.91 5.97
N9 SFG D . 26.66 49.58 7.18
C8 SFG D . 25.41 50.02 7.55
N7 SFG D . 24.92 49.57 8.68
C5 SFG D . 25.97 48.73 9.13
C6 SFG D . 26.13 47.90 10.28
N6 SFG D . 25.20 47.80 11.23
N1 SFG D . 27.29 47.19 10.41
C2 SFG D . 28.24 47.28 9.44
N3 SFG D . 28.21 48.02 8.31
C4 SFG D . 27.02 48.72 8.20
N MLZ E . 15.63 49.41 1.84
CA MLZ E . 15.53 49.79 3.24
CB MLZ E . 16.90 50.24 3.76
CG MLZ E . 17.58 51.34 2.95
CD MLZ E . 18.92 51.71 3.54
CE MLZ E . 19.33 53.12 3.17
NZ MLZ E . 20.81 53.25 3.03
CM MLZ E . 21.27 54.63 3.32
C MLZ E . 14.49 50.91 3.46
O MLZ E . 13.88 51.37 2.47
OXT MLZ E . 14.31 51.32 4.64
N SFG F . 34.95 -44.41 -18.38
CA SFG F . 34.00 -44.72 -19.43
C SFG F . 34.17 -46.16 -19.87
O SFG F . 33.85 -46.48 -21.03
OXT SFG F . 34.65 -46.96 -19.04
CB SFG F . 34.22 -43.83 -20.63
CG SFG F . 34.15 -42.30 -20.68
CD SFG F . 32.75 -41.66 -20.98
NE SFG F . 33.03 -40.23 -21.19
C5' SFG F . 31.77 -41.44 -19.82
C4' SFG F . 31.66 -42.28 -18.58
O4' SFG F . 32.84 -42.56 -17.78
C3' SFG F . 30.58 -41.77 -17.64
O3' SFG F . 29.26 -42.22 -17.90
C2' SFG F . 31.08 -42.11 -16.26
O2' SFG F . 30.40 -43.32 -15.85
C1' SFG F . 32.53 -42.41 -16.36
N9 SFG F . 33.29 -41.33 -15.67
C8 SFG F . 34.02 -40.30 -16.16
N7 SFG F . 34.59 -39.50 -15.28
C5 SFG F . 34.19 -40.05 -14.05
C6 SFG F . 34.42 -39.69 -12.69
N6 SFG F . 35.18 -38.64 -12.34
N1 SFG F . 33.86 -40.48 -11.69
C2 SFG F . 33.10 -41.55 -12.03
N3 SFG F . 32.81 -41.98 -13.28
C4 SFG F . 33.39 -41.17 -14.26
N MLZ G . 31.15 -31.62 -22.55
CA MLZ G . 32.58 -31.63 -22.88
CB MLZ G . 33.19 -32.99 -22.49
CG MLZ G . 32.35 -34.21 -22.89
CD MLZ G . 33.01 -35.52 -22.49
CE MLZ G . 32.64 -36.62 -23.47
NZ MLZ G . 32.91 -37.99 -22.92
CM MLZ G . 34.39 -38.23 -22.74
C MLZ G . 32.82 -31.37 -24.37
O MLZ G . 31.82 -31.19 -25.09
OXT MLZ G . 34.01 -31.33 -24.82
N SFG H . -51.91 -11.94 30.95
CA SFG H . -52.47 -10.88 30.10
C SFG H . -53.78 -10.32 30.72
O SFG H . -54.62 -9.83 29.94
OXT SFG H . -53.96 -10.37 31.94
CB SFG H . -52.84 -11.37 28.70
CG SFG H . -51.92 -12.02 27.66
CD SFG H . -51.41 -11.08 26.52
NE SFG H . -50.77 -11.93 25.53
C5' SFG H . -50.22 -10.15 26.88
C4' SFG H . -49.83 -9.68 28.27
O4' SFG H . -49.62 -10.72 29.28
C3' SFG H . -48.58 -8.82 28.23
O3' SFG H . -48.89 -7.43 28.44
C2' SFG H . -47.69 -9.33 29.31
O2' SFG H . -47.39 -8.28 30.22
C1' SFG H . -48.42 -10.44 30.00
N9 SFG H . -47.52 -11.62 30.09
C8 SFG H . -47.52 -12.79 29.38
N7 SFG H . -46.62 -13.67 29.66
C5 SFG H . -45.91 -13.03 30.71
C6 SFG H . -44.79 -13.40 31.51
N6 SFG H . -44.16 -14.57 31.37
N1 SFG H . -44.36 -12.52 32.46
C2 SFG H . -44.99 -11.34 32.61
N3 SFG H . -46.04 -10.86 31.92
C4 SFG H . -46.47 -11.77 30.98
N MLZ I . -45.76 -12.95 19.23
CA MLZ I . -46.01 -14.39 19.22
CB MLZ I . -46.92 -14.76 20.40
CG MLZ I . -48.14 -13.88 20.56
CD MLZ I . -48.99 -14.30 21.74
CE MLZ I . -50.25 -13.45 21.82
NZ MLZ I . -50.71 -13.27 23.23
CM MLZ I . -51.26 -14.55 23.81
C MLZ I . -46.66 -14.87 17.91
O MLZ I . -46.89 -14.03 17.01
OXT MLZ I . -46.92 -16.11 17.78
#